data_2IDV
# 
_entry.id   2IDV 
# 
_audit_conform.dict_name       mmcif_pdbx.dic 
_audit_conform.dict_version    5.387 
_audit_conform.dict_location   http://mmcif.pdb.org/dictionaries/ascii/mmcif_pdbx.dic 
# 
loop_
_database_2.database_id 
_database_2.database_code 
_database_2.pdbx_database_accession 
_database_2.pdbx_DOI 
PDB   2IDV         pdb_00002idv 10.2210/pdb2idv/pdb 
RCSB  RCSB039460   ?            ?                   
WWPDB D_1000039460 ?            ?                   
# 
loop_
_pdbx_audit_revision_history.ordinal 
_pdbx_audit_revision_history.data_content_type 
_pdbx_audit_revision_history.major_revision 
_pdbx_audit_revision_history.minor_revision 
_pdbx_audit_revision_history.revision_date 
1 'Structure model' 1 0 2007-06-12 
2 'Structure model' 1 1 2008-01-10 
3 'Structure model' 1 2 2011-07-13 
4 'Structure model' 1 3 2017-10-18 
5 'Structure model' 1 4 2021-10-20 
6 'Structure model' 1 5 2023-08-30 
7 'Structure model' 2 0 2024-03-06 
# 
_pdbx_audit_revision_details.ordinal             1 
_pdbx_audit_revision_details.revision_ordinal    1 
_pdbx_audit_revision_details.data_content_type   'Structure model' 
_pdbx_audit_revision_details.provider            repository 
_pdbx_audit_revision_details.type                'Initial release' 
_pdbx_audit_revision_details.description         ? 
_pdbx_audit_revision_details.details             ? 
# 
loop_
_pdbx_audit_revision_group.ordinal 
_pdbx_audit_revision_group.revision_ordinal 
_pdbx_audit_revision_group.data_content_type 
_pdbx_audit_revision_group.group 
1  2 'Structure model' 'Version format compliance' 
2  3 'Structure model' 'Version format compliance' 
3  4 'Structure model' 'Refinement description'    
4  5 'Structure model' 'Database references'       
5  5 'Structure model' 'Derived calculations'      
6  6 'Structure model' 'Data collection'           
7  6 'Structure model' 'Refinement description'    
8  7 'Structure model' 'Data collection'           
9  7 'Structure model' 'Non-polymer description'   
10 7 'Structure model' 'Structure summary'         
# 
loop_
_pdbx_audit_revision_category.ordinal 
_pdbx_audit_revision_category.revision_ordinal 
_pdbx_audit_revision_category.data_content_type 
_pdbx_audit_revision_category.category 
1  4 'Structure model' software                      
2  5 'Structure model' database_2                    
3  5 'Structure model' struct_ref_seq_dif            
4  5 'Structure model' struct_site                   
5  6 'Structure model' chem_comp_atom                
6  6 'Structure model' chem_comp_bond                
7  6 'Structure model' pdbx_initial_refinement_model 
8  7 'Structure model' chem_comp                     
9  7 'Structure model' chem_comp_atom                
10 7 'Structure model' chem_comp_bond                
11 7 'Structure model' entity                        
# 
loop_
_pdbx_audit_revision_item.ordinal 
_pdbx_audit_revision_item.revision_ordinal 
_pdbx_audit_revision_item.data_content_type 
_pdbx_audit_revision_item.item 
1  4 'Structure model' '_software.classification'            
2  4 'Structure model' '_software.contact_author'            
3  4 'Structure model' '_software.contact_author_email'      
4  4 'Structure model' '_software.date'                      
5  4 'Structure model' '_software.language'                  
6  4 'Structure model' '_software.location'                  
7  4 'Structure model' '_software.name'                      
8  4 'Structure model' '_software.type'                      
9  4 'Structure model' '_software.version'                   
10 5 'Structure model' '_database_2.pdbx_DOI'                
11 5 'Structure model' '_database_2.pdbx_database_accession' 
12 5 'Structure model' '_struct_ref_seq_dif.details'         
13 5 'Structure model' '_struct_site.pdbx_auth_asym_id'      
14 5 'Structure model' '_struct_site.pdbx_auth_comp_id'      
15 5 'Structure model' '_struct_site.pdbx_auth_seq_id'       
16 7 'Structure model' '_chem_comp.formula'                  
17 7 'Structure model' '_chem_comp.formula_weight'           
18 7 'Structure model' '_entity.formula_weight'              
# 
_pdbx_database_status.entry_id                        2IDV 
_pdbx_database_status.deposit_site                    RCSB 
_pdbx_database_status.process_site                    RCSB 
_pdbx_database_status.recvd_initial_deposition_date   2006-09-15 
_pdbx_database_status.status_code                     REL 
_pdbx_database_status.status_code_sf                  REL 
_pdbx_database_status.status_code_mr                  ? 
_pdbx_database_status.SG_entry                        ? 
_pdbx_database_status.pdb_format_compatible           Y 
_pdbx_database_status.status_code_cs                  ? 
_pdbx_database_status.methods_development_category    ? 
_pdbx_database_status.status_code_nmr_data            ? 
# 
_pdbx_database_related.db_name        PDB 
_pdbx_database_related.db_id          2IDR 
_pdbx_database_related.details        'WILD-TYPE EIF4E' 
_pdbx_database_related.content_type   unspecified 
# 
loop_
_audit_author.name 
_audit_author.pdbx_ordinal 
'Monzingo, A.F.'     1 
'Dutt-Chaudhuri, A.' 2 
'Sadow, J.'          3 
'Dhaliwal, S.'       4 
'Hoffman, D.W.'      5 
'Robertus, J.D.'     6 
'Browning, K.S.'     7 
# 
_citation.id                        primary 
_citation.title                     
'The structure of eukaryotic translation initiation factor-4E from wheat reveals a novel disulfide bond.' 
_citation.journal_abbrev            'Plant Physiol.' 
_citation.journal_volume            143 
_citation.page_first                1504 
_citation.page_last                 1518 
_citation.year                      2007 
_citation.journal_id_ASTM           PLPHAY 
_citation.country                   US 
_citation.journal_id_ISSN           0032-0889 
_citation.journal_id_CSD            0765 
_citation.book_publisher            ? 
_citation.pdbx_database_id_PubMed   17322339 
_citation.pdbx_database_id_DOI      10.1104/pp.106.093146 
# 
loop_
_citation_author.citation_id 
_citation_author.name 
_citation_author.ordinal 
_citation_author.identifier_ORCID 
primary 'Monzingo, A.F.'     1 ? 
primary 'Dhaliwal, S.'       2 ? 
primary 'Dutt-Chaudhuri, A.' 3 ? 
primary 'Lyon, A.'           4 ? 
primary 'Sadow, J.H.'        5 ? 
primary 'Hoffman, D.W.'      6 ? 
primary 'Robertus, J.D.'     7 ? 
primary 'Browning, K.S.'     8 ? 
# 
loop_
_entity.id 
_entity.type 
_entity.src_method 
_entity.pdbx_description 
_entity.formula_weight 
_entity.pdbx_number_of_molecules 
_entity.pdbx_ec 
_entity.pdbx_mutation 
_entity.pdbx_fragment 
_entity.details 
1 polymer     man 'Eukaryotic translation initiation factor 4E-1' 20225.664 1   ? C113S 'residues 39-215' ? 
2 non-polymer syn "7N-METHYL-8-HYDROGUANOSINE-5'-DIPHOSPHATE"     458.235   1   ? ?     ?                 ? 
3 water       nat water                                           18.015    101 ? ?     ?                 ? 
# 
_entity_name_com.entity_id   1 
_entity_name_com.name        'eIF4E-1, eIF-4E-1, mRNA cap-binding protein, eIF-4F 25 kDa subunit, eIF-4F p26 subunit' 
# 
_entity_poly.entity_id                      1 
_entity_poly.type                           'polypeptide(L)' 
_entity_poly.nstd_linkage                   no 
_entity_poly.nstd_monomer                   no 
_entity_poly.pdbx_seq_one_letter_code       
;AHPLENAWTFWFDNPQGKSRQVAWGSTIHPIHTFSTVEDFWGLYNNIHNPSKLNVGADFHCFKNKIEPKWEDPISANGGK
WTISCGRGKSDTFWLHTLLAMIGEQFDFGDEICGAVVSVRQKQERVAIWTKNAANEAAQISIGKQWKEFLDYKDSIGFIV
HEDAKRSDKGPKNRYTV
;
_entity_poly.pdbx_seq_one_letter_code_can   
;AHPLENAWTFWFDNPQGKSRQVAWGSTIHPIHTFSTVEDFWGLYNNIHNPSKLNVGADFHCFKNKIEPKWEDPISANGGK
WTISCGRGKSDTFWLHTLLAMIGEQFDFGDEICGAVVSVRQKQERVAIWTKNAANEAAQISIGKQWKEFLDYKDSIGFIV
HEDAKRSDKGPKNRYTV
;
_entity_poly.pdbx_strand_id                 A 
_entity_poly.pdbx_target_identifier         ? 
# 
loop_
_pdbx_entity_nonpoly.entity_id 
_pdbx_entity_nonpoly.name 
_pdbx_entity_nonpoly.comp_id 
2 "7N-METHYL-8-HYDROGUANOSINE-5'-DIPHOSPHATE" M7G 
3 water                                       HOH 
# 
loop_
_entity_poly_seq.entity_id 
_entity_poly_seq.num 
_entity_poly_seq.mon_id 
_entity_poly_seq.hetero 
1 1   ALA n 
1 2   HIS n 
1 3   PRO n 
1 4   LEU n 
1 5   GLU n 
1 6   ASN n 
1 7   ALA n 
1 8   TRP n 
1 9   THR n 
1 10  PHE n 
1 11  TRP n 
1 12  PHE n 
1 13  ASP n 
1 14  ASN n 
1 15  PRO n 
1 16  GLN n 
1 17  GLY n 
1 18  LYS n 
1 19  SER n 
1 20  ARG n 
1 21  GLN n 
1 22  VAL n 
1 23  ALA n 
1 24  TRP n 
1 25  GLY n 
1 26  SER n 
1 27  THR n 
1 28  ILE n 
1 29  HIS n 
1 30  PRO n 
1 31  ILE n 
1 32  HIS n 
1 33  THR n 
1 34  PHE n 
1 35  SER n 
1 36  THR n 
1 37  VAL n 
1 38  GLU n 
1 39  ASP n 
1 40  PHE n 
1 41  TRP n 
1 42  GLY n 
1 43  LEU n 
1 44  TYR n 
1 45  ASN n 
1 46  ASN n 
1 47  ILE n 
1 48  HIS n 
1 49  ASN n 
1 50  PRO n 
1 51  SER n 
1 52  LYS n 
1 53  LEU n 
1 54  ASN n 
1 55  VAL n 
1 56  GLY n 
1 57  ALA n 
1 58  ASP n 
1 59  PHE n 
1 60  HIS n 
1 61  CYS n 
1 62  PHE n 
1 63  LYS n 
1 64  ASN n 
1 65  LYS n 
1 66  ILE n 
1 67  GLU n 
1 68  PRO n 
1 69  LYS n 
1 70  TRP n 
1 71  GLU n 
1 72  ASP n 
1 73  PRO n 
1 74  ILE n 
1 75  SER n 
1 76  ALA n 
1 77  ASN n 
1 78  GLY n 
1 79  GLY n 
1 80  LYS n 
1 81  TRP n 
1 82  THR n 
1 83  ILE n 
1 84  SER n 
1 85  CYS n 
1 86  GLY n 
1 87  ARG n 
1 88  GLY n 
1 89  LYS n 
1 90  SER n 
1 91  ASP n 
1 92  THR n 
1 93  PHE n 
1 94  TRP n 
1 95  LEU n 
1 96  HIS n 
1 97  THR n 
1 98  LEU n 
1 99  LEU n 
1 100 ALA n 
1 101 MET n 
1 102 ILE n 
1 103 GLY n 
1 104 GLU n 
1 105 GLN n 
1 106 PHE n 
1 107 ASP n 
1 108 PHE n 
1 109 GLY n 
1 110 ASP n 
1 111 GLU n 
1 112 ILE n 
1 113 CYS n 
1 114 GLY n 
1 115 ALA n 
1 116 VAL n 
1 117 VAL n 
1 118 SER n 
1 119 VAL n 
1 120 ARG n 
1 121 GLN n 
1 122 LYS n 
1 123 GLN n 
1 124 GLU n 
1 125 ARG n 
1 126 VAL n 
1 127 ALA n 
1 128 ILE n 
1 129 TRP n 
1 130 THR n 
1 131 LYS n 
1 132 ASN n 
1 133 ALA n 
1 134 ALA n 
1 135 ASN n 
1 136 GLU n 
1 137 ALA n 
1 138 ALA n 
1 139 GLN n 
1 140 ILE n 
1 141 SER n 
1 142 ILE n 
1 143 GLY n 
1 144 LYS n 
1 145 GLN n 
1 146 TRP n 
1 147 LYS n 
1 148 GLU n 
1 149 PHE n 
1 150 LEU n 
1 151 ASP n 
1 152 TYR n 
1 153 LYS n 
1 154 ASP n 
1 155 SER n 
1 156 ILE n 
1 157 GLY n 
1 158 PHE n 
1 159 ILE n 
1 160 VAL n 
1 161 HIS n 
1 162 GLU n 
1 163 ASP n 
1 164 ALA n 
1 165 LYS n 
1 166 ARG n 
1 167 SER n 
1 168 ASP n 
1 169 LYS n 
1 170 GLY n 
1 171 PRO n 
1 172 LYS n 
1 173 ASN n 
1 174 ARG n 
1 175 TYR n 
1 176 THR n 
1 177 VAL n 
# 
_entity_src_gen.entity_id                          1 
_entity_src_gen.pdbx_src_id                        1 
_entity_src_gen.pdbx_alt_source_flag               sample 
_entity_src_gen.pdbx_seq_type                      ? 
_entity_src_gen.pdbx_beg_seq_num                   ? 
_entity_src_gen.pdbx_end_seq_num                   ? 
_entity_src_gen.gene_src_common_name               'bread wheat' 
_entity_src_gen.gene_src_genus                     Triticum 
_entity_src_gen.pdbx_gene_src_gene                 ? 
_entity_src_gen.gene_src_species                   ? 
_entity_src_gen.gene_src_strain                    ? 
_entity_src_gen.gene_src_tissue                    ? 
_entity_src_gen.gene_src_tissue_fraction           ? 
_entity_src_gen.gene_src_details                   ? 
_entity_src_gen.pdbx_gene_src_fragment             ? 
_entity_src_gen.pdbx_gene_src_scientific_name      'Triticum aestivum' 
_entity_src_gen.pdbx_gene_src_ncbi_taxonomy_id     4565 
_entity_src_gen.pdbx_gene_src_variant              ? 
_entity_src_gen.pdbx_gene_src_cell_line            ? 
_entity_src_gen.pdbx_gene_src_atcc                 ? 
_entity_src_gen.pdbx_gene_src_organ                ? 
_entity_src_gen.pdbx_gene_src_organelle            ? 
_entity_src_gen.pdbx_gene_src_cell                 ? 
_entity_src_gen.pdbx_gene_src_cellular_location    ? 
_entity_src_gen.host_org_common_name               ? 
_entity_src_gen.pdbx_host_org_scientific_name      'Escherichia coli' 
_entity_src_gen.pdbx_host_org_ncbi_taxonomy_id     562 
_entity_src_gen.host_org_genus                     Escherichia 
_entity_src_gen.pdbx_host_org_gene                 ? 
_entity_src_gen.pdbx_host_org_organ                ? 
_entity_src_gen.host_org_species                   ? 
_entity_src_gen.pdbx_host_org_tissue               ? 
_entity_src_gen.pdbx_host_org_tissue_fraction      ? 
_entity_src_gen.pdbx_host_org_strain               BL21pLysS 
_entity_src_gen.pdbx_host_org_variant              ? 
_entity_src_gen.pdbx_host_org_cell_line            ? 
_entity_src_gen.pdbx_host_org_atcc                 ? 
_entity_src_gen.pdbx_host_org_culture_collection   ? 
_entity_src_gen.pdbx_host_org_cell                 ? 
_entity_src_gen.pdbx_host_org_organelle            ? 
_entity_src_gen.pdbx_host_org_cellular_location    ? 
_entity_src_gen.pdbx_host_org_vector_type          plasmid 
_entity_src_gen.pdbx_host_org_vector               ? 
_entity_src_gen.host_org_details                   ? 
_entity_src_gen.expression_system_id               ? 
_entity_src_gen.plasmid_name                       pET15b 
_entity_src_gen.plasmid_details                    ? 
_entity_src_gen.pdbx_description                   ? 
# 
loop_
_chem_comp.id 
_chem_comp.type 
_chem_comp.mon_nstd_flag 
_chem_comp.name 
_chem_comp.pdbx_synonyms 
_chem_comp.formula 
_chem_comp.formula_weight 
ALA 'L-peptide linking' y ALANINE                                     ? 'C3 H7 N O2'          89.093  
ARG 'L-peptide linking' y ARGININE                                    ? 'C6 H15 N4 O2 1'      175.209 
ASN 'L-peptide linking' y ASPARAGINE                                  ? 'C4 H8 N2 O3'         132.118 
ASP 'L-peptide linking' y 'ASPARTIC ACID'                             ? 'C4 H7 N O4'          133.103 
CYS 'L-peptide linking' y CYSTEINE                                    ? 'C3 H7 N O2 S'        121.158 
GLN 'L-peptide linking' y GLUTAMINE                                   ? 'C5 H10 N2 O3'        146.144 
GLU 'L-peptide linking' y 'GLUTAMIC ACID'                             ? 'C5 H9 N O4'          147.129 
GLY 'peptide linking'   y GLYCINE                                     ? 'C2 H5 N O2'          75.067  
HIS 'L-peptide linking' y HISTIDINE                                   ? 'C6 H10 N3 O2 1'      156.162 
HOH non-polymer         . WATER                                       ? 'H2 O'                18.015  
ILE 'L-peptide linking' y ISOLEUCINE                                  ? 'C6 H13 N O2'         131.173 
LEU 'L-peptide linking' y LEUCINE                                     ? 'C6 H13 N O2'         131.173 
LYS 'L-peptide linking' y LYSINE                                      ? 'C6 H15 N2 O2 1'      147.195 
M7G non-polymer         . "7N-METHYL-8-HYDROGUANOSINE-5'-DIPHOSPHATE" ? 'C11 H18 N5 O11 P2 1' 458.235 
MET 'L-peptide linking' y METHIONINE                                  ? 'C5 H11 N O2 S'       149.211 
PHE 'L-peptide linking' y PHENYLALANINE                               ? 'C9 H11 N O2'         165.189 
PRO 'L-peptide linking' y PROLINE                                     ? 'C5 H9 N O2'          115.130 
SER 'L-peptide linking' y SERINE                                      ? 'C3 H7 N O3'          105.093 
THR 'L-peptide linking' y THREONINE                                   ? 'C4 H9 N O3'          119.119 
TRP 'L-peptide linking' y TRYPTOPHAN                                  ? 'C11 H12 N2 O2'       204.225 
TYR 'L-peptide linking' y TYROSINE                                    ? 'C9 H11 N O3'         181.189 
VAL 'L-peptide linking' y VALINE                                      ? 'C5 H11 N O2'         117.146 
# 
loop_
_pdbx_poly_seq_scheme.asym_id 
_pdbx_poly_seq_scheme.entity_id 
_pdbx_poly_seq_scheme.seq_id 
_pdbx_poly_seq_scheme.mon_id 
_pdbx_poly_seq_scheme.ndb_seq_num 
_pdbx_poly_seq_scheme.pdb_seq_num 
_pdbx_poly_seq_scheme.auth_seq_num 
_pdbx_poly_seq_scheme.pdb_mon_id 
_pdbx_poly_seq_scheme.auth_mon_id 
_pdbx_poly_seq_scheme.pdb_strand_id 
_pdbx_poly_seq_scheme.pdb_ins_code 
_pdbx_poly_seq_scheme.hetero 
A 1 1   ALA 1   39  39  ALA ALA A . n 
A 1 2   HIS 2   40  40  HIS HIS A . n 
A 1 3   PRO 3   41  41  PRO PRO A . n 
A 1 4   LEU 4   42  42  LEU LEU A . n 
A 1 5   GLU 5   43  43  GLU GLU A . n 
A 1 6   ASN 6   44  44  ASN ASN A . n 
A 1 7   ALA 7   45  45  ALA ALA A . n 
A 1 8   TRP 8   46  46  TRP TRP A . n 
A 1 9   THR 9   47  47  THR THR A . n 
A 1 10  PHE 10  48  48  PHE PHE A . n 
A 1 11  TRP 11  49  49  TRP TRP A . n 
A 1 12  PHE 12  50  50  PHE PHE A . n 
A 1 13  ASP 13  51  51  ASP ASP A . n 
A 1 14  ASN 14  52  52  ASN ASN A . n 
A 1 15  PRO 15  53  53  PRO PRO A . n 
A 1 16  GLN 16  54  54  GLN GLN A . n 
A 1 17  GLY 17  55  55  GLY GLY A . n 
A 1 18  LYS 18  56  56  LYS LYS A . n 
A 1 19  SER 19  57  57  SER SER A . n 
A 1 20  ARG 20  58  58  ARG ARG A . n 
A 1 21  GLN 21  59  59  GLN GLN A . n 
A 1 22  VAL 22  60  60  VAL VAL A . n 
A 1 23  ALA 23  61  61  ALA ALA A . n 
A 1 24  TRP 24  62  62  TRP TRP A . n 
A 1 25  GLY 25  63  63  GLY GLY A . n 
A 1 26  SER 26  64  64  SER SER A . n 
A 1 27  THR 27  65  65  THR THR A . n 
A 1 28  ILE 28  66  66  ILE ILE A . n 
A 1 29  HIS 29  67  67  HIS HIS A . n 
A 1 30  PRO 30  68  68  PRO PRO A . n 
A 1 31  ILE 31  69  69  ILE ILE A . n 
A 1 32  HIS 32  70  70  HIS HIS A . n 
A 1 33  THR 33  71  71  THR THR A . n 
A 1 34  PHE 34  72  72  PHE PHE A . n 
A 1 35  SER 35  73  73  SER SER A . n 
A 1 36  THR 36  74  74  THR THR A . n 
A 1 37  VAL 37  75  75  VAL VAL A . n 
A 1 38  GLU 38  76  76  GLU GLU A . n 
A 1 39  ASP 39  77  77  ASP ASP A . n 
A 1 40  PHE 40  78  78  PHE PHE A . n 
A 1 41  TRP 41  79  79  TRP TRP A . n 
A 1 42  GLY 42  80  80  GLY GLY A . n 
A 1 43  LEU 43  81  81  LEU LEU A . n 
A 1 44  TYR 44  82  82  TYR TYR A . n 
A 1 45  ASN 45  83  83  ASN ASN A . n 
A 1 46  ASN 46  84  84  ASN ASN A . n 
A 1 47  ILE 47  85  85  ILE ILE A . n 
A 1 48  HIS 48  86  86  HIS HIS A . n 
A 1 49  ASN 49  87  87  ASN ASN A . n 
A 1 50  PRO 50  88  88  PRO PRO A . n 
A 1 51  SER 51  89  89  SER SER A . n 
A 1 52  LYS 52  90  90  LYS LYS A . n 
A 1 53  LEU 53  91  91  LEU LEU A . n 
A 1 54  ASN 54  92  92  ASN ASN A . n 
A 1 55  VAL 55  93  93  VAL VAL A . n 
A 1 56  GLY 56  94  94  GLY GLY A . n 
A 1 57  ALA 57  95  95  ALA ALA A . n 
A 1 58  ASP 58  96  96  ASP ASP A . n 
A 1 59  PHE 59  97  97  PHE PHE A . n 
A 1 60  HIS 60  98  98  HIS HIS A . n 
A 1 61  CYS 61  99  99  CYS CYS A . n 
A 1 62  PHE 62  100 100 PHE PHE A . n 
A 1 63  LYS 63  101 101 LYS LYS A . n 
A 1 64  ASN 64  102 102 ASN ASN A . n 
A 1 65  LYS 65  103 103 LYS LYS A . n 
A 1 66  ILE 66  104 104 ILE ILE A . n 
A 1 67  GLU 67  105 105 GLU GLU A . n 
A 1 68  PRO 68  106 106 PRO PRO A . n 
A 1 69  LYS 69  107 107 LYS LYS A . n 
A 1 70  TRP 70  108 108 TRP TRP A . n 
A 1 71  GLU 71  109 109 GLU GLU A . n 
A 1 72  ASP 72  110 110 ASP ASP A . n 
A 1 73  PRO 73  111 111 PRO PRO A . n 
A 1 74  ILE 74  112 112 ILE ILE A . n 
A 1 75  SER 75  113 113 SER SER A . n 
A 1 76  ALA 76  114 114 ALA ALA A . n 
A 1 77  ASN 77  115 115 ASN ASN A . n 
A 1 78  GLY 78  116 116 GLY GLY A . n 
A 1 79  GLY 79  117 117 GLY GLY A . n 
A 1 80  LYS 80  118 118 LYS LYS A . n 
A 1 81  TRP 81  119 119 TRP TRP A . n 
A 1 82  THR 82  120 120 THR THR A . n 
A 1 83  ILE 83  121 121 ILE ILE A . n 
A 1 84  SER 84  122 122 SER SER A . n 
A 1 85  CYS 85  123 123 CYS CYS A . n 
A 1 86  GLY 86  124 124 GLY GLY A . n 
A 1 87  ARG 87  125 125 ARG ARG A . n 
A 1 88  GLY 88  126 126 GLY GLY A . n 
A 1 89  LYS 89  127 127 LYS LYS A . n 
A 1 90  SER 90  128 128 SER SER A . n 
A 1 91  ASP 91  129 129 ASP ASP A . n 
A 1 92  THR 92  130 130 THR THR A . n 
A 1 93  PHE 93  131 131 PHE PHE A . n 
A 1 94  TRP 94  132 132 TRP TRP A . n 
A 1 95  LEU 95  133 133 LEU LEU A . n 
A 1 96  HIS 96  134 134 HIS HIS A . n 
A 1 97  THR 97  135 135 THR THR A . n 
A 1 98  LEU 98  136 136 LEU LEU A . n 
A 1 99  LEU 99  137 137 LEU LEU A . n 
A 1 100 ALA 100 138 138 ALA ALA A . n 
A 1 101 MET 101 139 139 MET MET A . n 
A 1 102 ILE 102 140 140 ILE ILE A . n 
A 1 103 GLY 103 141 141 GLY GLY A . n 
A 1 104 GLU 104 142 142 GLU GLU A . n 
A 1 105 GLN 105 143 143 GLN GLN A . n 
A 1 106 PHE 106 144 144 PHE PHE A . n 
A 1 107 ASP 107 145 145 ASP ASP A . n 
A 1 108 PHE 108 146 146 PHE PHE A . n 
A 1 109 GLY 109 147 147 GLY GLY A . n 
A 1 110 ASP 110 148 148 ASP ASP A . n 
A 1 111 GLU 111 149 149 GLU GLU A . n 
A 1 112 ILE 112 150 150 ILE ILE A . n 
A 1 113 CYS 113 151 151 CYS CYS A . n 
A 1 114 GLY 114 152 152 GLY GLY A . n 
A 1 115 ALA 115 153 153 ALA ALA A . n 
A 1 116 VAL 116 154 154 VAL VAL A . n 
A 1 117 VAL 117 155 155 VAL VAL A . n 
A 1 118 SER 118 156 156 SER SER A . n 
A 1 119 VAL 119 157 157 VAL VAL A . n 
A 1 120 ARG 120 158 158 ARG ARG A . n 
A 1 121 GLN 121 159 159 GLN GLN A . n 
A 1 122 LYS 122 160 160 LYS LYS A . n 
A 1 123 GLN 123 161 161 GLN GLN A . n 
A 1 124 GLU 124 162 162 GLU GLU A . n 
A 1 125 ARG 125 163 163 ARG ARG A . n 
A 1 126 VAL 126 164 164 VAL VAL A . n 
A 1 127 ALA 127 165 165 ALA ALA A . n 
A 1 128 ILE 128 166 166 ILE ILE A . n 
A 1 129 TRP 129 167 167 TRP TRP A . n 
A 1 130 THR 130 168 168 THR THR A . n 
A 1 131 LYS 131 169 169 LYS LYS A . n 
A 1 132 ASN 132 170 170 ASN ASN A . n 
A 1 133 ALA 133 171 171 ALA ALA A . n 
A 1 134 ALA 134 172 172 ALA ALA A . n 
A 1 135 ASN 135 173 173 ASN ASN A . n 
A 1 136 GLU 136 174 174 GLU GLU A . n 
A 1 137 ALA 137 175 175 ALA ALA A . n 
A 1 138 ALA 138 176 176 ALA ALA A . n 
A 1 139 GLN 139 177 177 GLN GLN A . n 
A 1 140 ILE 140 178 178 ILE ILE A . n 
A 1 141 SER 141 179 179 SER SER A . n 
A 1 142 ILE 142 180 180 ILE ILE A . n 
A 1 143 GLY 143 181 181 GLY GLY A . n 
A 1 144 LYS 144 182 182 LYS LYS A . n 
A 1 145 GLN 145 183 183 GLN GLN A . n 
A 1 146 TRP 146 184 184 TRP TRP A . n 
A 1 147 LYS 147 185 185 LYS LYS A . n 
A 1 148 GLU 148 186 186 GLU GLU A . n 
A 1 149 PHE 149 187 187 PHE PHE A . n 
A 1 150 LEU 150 188 188 LEU LEU A . n 
A 1 151 ASP 151 189 189 ASP ASP A . n 
A 1 152 TYR 152 190 190 TYR TYR A . n 
A 1 153 LYS 153 191 191 LYS LYS A . n 
A 1 154 ASP 154 192 192 ASP ASP A . n 
A 1 155 SER 155 193 193 SER SER A . n 
A 1 156 ILE 156 194 194 ILE ILE A . n 
A 1 157 GLY 157 195 195 GLY GLY A . n 
A 1 158 PHE 158 196 196 PHE PHE A . n 
A 1 159 ILE 159 197 197 ILE ILE A . n 
A 1 160 VAL 160 198 198 VAL VAL A . n 
A 1 161 HIS 161 199 199 HIS HIS A . n 
A 1 162 GLU 162 200 200 GLU GLU A . n 
A 1 163 ASP 163 201 201 ASP ASP A . n 
A 1 164 ALA 164 202 202 ALA ALA A . n 
A 1 165 LYS 165 203 203 LYS LYS A . n 
A 1 166 ARG 166 204 204 ARG ARG A . n 
A 1 167 SER 167 205 205 SER SER A . n 
A 1 168 ASP 168 206 206 ASP ASP A . n 
A 1 169 LYS 169 207 207 LYS LYS A . n 
A 1 170 GLY 170 208 208 GLY GLY A . n 
A 1 171 PRO 171 209 209 PRO PRO A . n 
A 1 172 LYS 172 210 210 LYS LYS A . n 
A 1 173 ASN 173 211 211 ASN ASN A . n 
A 1 174 ARG 174 212 212 ARG ARG A . n 
A 1 175 TYR 175 213 213 TYR TYR A . n 
A 1 176 THR 176 214 214 THR THR A . n 
A 1 177 VAL 177 215 215 VAL VAL A . n 
# 
loop_
_pdbx_nonpoly_scheme.asym_id 
_pdbx_nonpoly_scheme.entity_id 
_pdbx_nonpoly_scheme.mon_id 
_pdbx_nonpoly_scheme.ndb_seq_num 
_pdbx_nonpoly_scheme.pdb_seq_num 
_pdbx_nonpoly_scheme.auth_seq_num 
_pdbx_nonpoly_scheme.pdb_mon_id 
_pdbx_nonpoly_scheme.auth_mon_id 
_pdbx_nonpoly_scheme.pdb_strand_id 
_pdbx_nonpoly_scheme.pdb_ins_code 
B 2 M7G 1   1000 1000 M7G M7G A . 
C 3 HOH 1   1001 1    HOH HOH A . 
C 3 HOH 2   1002 2    HOH HOH A . 
C 3 HOH 3   1003 3    HOH HOH A . 
C 3 HOH 4   1004 4    HOH HOH A . 
C 3 HOH 5   1005 5    HOH HOH A . 
C 3 HOH 6   1006 6    HOH HOH A . 
C 3 HOH 7   1007 7    HOH HOH A . 
C 3 HOH 8   1008 8    HOH HOH A . 
C 3 HOH 9   1009 9    HOH HOH A . 
C 3 HOH 10  1010 10   HOH HOH A . 
C 3 HOH 11  1011 11   HOH HOH A . 
C 3 HOH 12  1012 12   HOH HOH A . 
C 3 HOH 13  1013 13   HOH HOH A . 
C 3 HOH 14  1014 14   HOH HOH A . 
C 3 HOH 15  1015 15   HOH HOH A . 
C 3 HOH 16  1016 16   HOH HOH A . 
C 3 HOH 17  1017 17   HOH HOH A . 
C 3 HOH 18  1018 18   HOH HOH A . 
C 3 HOH 19  1019 19   HOH HOH A . 
C 3 HOH 20  1020 20   HOH HOH A . 
C 3 HOH 21  1021 21   HOH HOH A . 
C 3 HOH 22  1022 22   HOH HOH A . 
C 3 HOH 23  1023 23   HOH HOH A . 
C 3 HOH 24  1024 24   HOH HOH A . 
C 3 HOH 25  1025 25   HOH HOH A . 
C 3 HOH 26  1026 26   HOH HOH A . 
C 3 HOH 27  1027 27   HOH HOH A . 
C 3 HOH 28  1028 28   HOH HOH A . 
C 3 HOH 29  1029 29   HOH HOH A . 
C 3 HOH 30  1030 30   HOH HOH A . 
C 3 HOH 31  1031 31   HOH HOH A . 
C 3 HOH 32  1032 32   HOH HOH A . 
C 3 HOH 33  1033 33   HOH HOH A . 
C 3 HOH 34  1034 34   HOH HOH A . 
C 3 HOH 35  1035 35   HOH HOH A . 
C 3 HOH 36  1036 36   HOH HOH A . 
C 3 HOH 37  1037 37   HOH HOH A . 
C 3 HOH 38  1038 38   HOH HOH A . 
C 3 HOH 39  1039 39   HOH HOH A . 
C 3 HOH 40  1040 40   HOH HOH A . 
C 3 HOH 41  1041 41   HOH HOH A . 
C 3 HOH 42  1042 42   HOH HOH A . 
C 3 HOH 43  1043 43   HOH HOH A . 
C 3 HOH 44  1044 44   HOH HOH A . 
C 3 HOH 45  1045 45   HOH HOH A . 
C 3 HOH 46  1046 46   HOH HOH A . 
C 3 HOH 47  1047 47   HOH HOH A . 
C 3 HOH 48  1048 48   HOH HOH A . 
C 3 HOH 49  1049 49   HOH HOH A . 
C 3 HOH 50  1050 50   HOH HOH A . 
C 3 HOH 51  1051 51   HOH HOH A . 
C 3 HOH 52  1052 52   HOH HOH A . 
C 3 HOH 53  1053 53   HOH HOH A . 
C 3 HOH 54  1054 54   HOH HOH A . 
C 3 HOH 55  1055 55   HOH HOH A . 
C 3 HOH 56  1056 56   HOH HOH A . 
C 3 HOH 57  1057 57   HOH HOH A . 
C 3 HOH 58  1058 58   HOH HOH A . 
C 3 HOH 59  1059 59   HOH HOH A . 
C 3 HOH 60  1060 60   HOH HOH A . 
C 3 HOH 61  1061 61   HOH HOH A . 
C 3 HOH 62  1062 62   HOH HOH A . 
C 3 HOH 63  1063 63   HOH HOH A . 
C 3 HOH 64  1064 64   HOH HOH A . 
C 3 HOH 65  1065 65   HOH HOH A . 
C 3 HOH 66  1066 66   HOH HOH A . 
C 3 HOH 67  1067 67   HOH HOH A . 
C 3 HOH 68  1068 68   HOH HOH A . 
C 3 HOH 69  1069 69   HOH HOH A . 
C 3 HOH 70  1070 70   HOH HOH A . 
C 3 HOH 71  1071 71   HOH HOH A . 
C 3 HOH 72  1072 72   HOH HOH A . 
C 3 HOH 73  1073 73   HOH HOH A . 
C 3 HOH 74  1074 74   HOH HOH A . 
C 3 HOH 75  1075 75   HOH HOH A . 
C 3 HOH 76  1076 76   HOH HOH A . 
C 3 HOH 77  1077 77   HOH HOH A . 
C 3 HOH 78  1078 78   HOH HOH A . 
C 3 HOH 79  1079 79   HOH HOH A . 
C 3 HOH 80  1080 80   HOH HOH A . 
C 3 HOH 81  1081 81   HOH HOH A . 
C 3 HOH 82  1082 82   HOH HOH A . 
C 3 HOH 83  1083 83   HOH HOH A . 
C 3 HOH 84  1084 85   HOH HOH A . 
C 3 HOH 85  1085 86   HOH HOH A . 
C 3 HOH 86  1086 87   HOH HOH A . 
C 3 HOH 87  1087 88   HOH HOH A . 
C 3 HOH 88  1088 89   HOH HOH A . 
C 3 HOH 89  1089 90   HOH HOH A . 
C 3 HOH 90  1090 91   HOH HOH A . 
C 3 HOH 91  1091 92   HOH HOH A . 
C 3 HOH 92  1092 93   HOH HOH A . 
C 3 HOH 93  1093 94   HOH HOH A . 
C 3 HOH 94  1094 95   HOH HOH A . 
C 3 HOH 95  1095 96   HOH HOH A . 
C 3 HOH 96  1096 97   HOH HOH A . 
C 3 HOH 97  1097 98   HOH HOH A . 
C 3 HOH 98  1098 99   HOH HOH A . 
C 3 HOH 99  1099 100  HOH HOH A . 
C 3 HOH 100 1100 101  HOH HOH A . 
C 3 HOH 101 1101 102  HOH HOH A . 
# 
loop_
_pdbx_unobs_or_zero_occ_atoms.id 
_pdbx_unobs_or_zero_occ_atoms.PDB_model_num 
_pdbx_unobs_or_zero_occ_atoms.polymer_flag 
_pdbx_unobs_or_zero_occ_atoms.occupancy_flag 
_pdbx_unobs_or_zero_occ_atoms.auth_asym_id 
_pdbx_unobs_or_zero_occ_atoms.auth_comp_id 
_pdbx_unobs_or_zero_occ_atoms.auth_seq_id 
_pdbx_unobs_or_zero_occ_atoms.PDB_ins_code 
_pdbx_unobs_or_zero_occ_atoms.auth_atom_id 
_pdbx_unobs_or_zero_occ_atoms.label_alt_id 
_pdbx_unobs_or_zero_occ_atoms.label_asym_id 
_pdbx_unobs_or_zero_occ_atoms.label_comp_id 
_pdbx_unobs_or_zero_occ_atoms.label_seq_id 
_pdbx_unobs_or_zero_occ_atoms.label_atom_id 
1 1 Y 1 A LYS 160 ? CG ? A LYS 122 CG 
2 1 Y 1 A LYS 160 ? CD ? A LYS 122 CD 
3 1 Y 1 A LYS 160 ? CE ? A LYS 122 CE 
4 1 Y 1 A LYS 160 ? NZ ? A LYS 122 NZ 
5 1 Y 1 A LYS 191 ? CG ? A LYS 153 CG 
6 1 Y 1 A LYS 191 ? CD ? A LYS 153 CD 
7 1 Y 1 A LYS 191 ? CE ? A LYS 153 CE 
8 1 Y 1 A LYS 191 ? NZ ? A LYS 153 NZ 
9 1 Y 1 A SER 205 ? OG ? A SER 167 OG 
# 
loop_
_software.name 
_software.version 
_software.date 
_software.type 
_software.contact_author 
_software.contact_author_email 
_software.classification 
_software.location 
_software.language 
_software.citation_id 
_software.pdbx_ordinal 
DENZO        .     ?                package 'Zbyszek Otwinowski' zbyszek@mix.swmed.edu    'data reduction'  
http://www.lnls.br/infra/linhasluz/denzo-hkl.htm ?          ? 1 
SCALEPACK    .     ?                package 'Zbyszek Otwinowski' zbyszek@mix.swmed.edu    'data scaling'    
http://www.lnls.br/infra/linhasluz/denzo-hkl.htm ?          ? 2 
CNS          .     ?                package 'Axel T. Brunger'    axel.brunger@yale.edu    refinement        
http://cns.csb.yale.edu/v1.1/                    Fortran_77 ? 3 
PDB_EXTRACT  2.000 'April. 3, 2006' package PDB                  sw-help@rcsb.rutgers.edu 'data extraction' 
http://pdb.rutgers.edu/software/                 C++        ? 4 
CrystalClear .     ?                ?       ?                    ?                        'data collection' ? ?          ? 5 
HKL-2000     .     ?                ?       ?                    ?                        'data reduction'  ? ?          ? 6 
MOLREP       .     ?                ?       ?                    ?                        phasing           ? ?          ? 7 
# 
_cell.length_a           36.651 
_cell.length_b           58.227 
_cell.length_c           39.063 
_cell.angle_alpha        90.000 
_cell.angle_beta         115.850 
_cell.angle_gamma        90.000 
_cell.entry_id           2IDV 
_cell.pdbx_unique_axis   ? 
_cell.Z_PDB              2 
_cell.length_a_esd       ? 
_cell.length_b_esd       ? 
_cell.length_c_esd       ? 
_cell.angle_alpha_esd    ? 
_cell.angle_beta_esd     ? 
_cell.angle_gamma_esd    ? 
# 
_symmetry.space_group_name_H-M             'P 1 21 1' 
_symmetry.entry_id                         2IDV 
_symmetry.Int_Tables_number                4 
_symmetry.pdbx_full_space_group_name_H-M   ? 
_symmetry.cell_setting                     ? 
_symmetry.space_group_name_Hall            ? 
# 
_exptl.crystals_number   1 
_exptl.entry_id          2IDV 
_exptl.method            'X-RAY DIFFRACTION' 
# 
_exptl_crystal.id                    1 
_exptl_crystal.density_Matthews      1.85 
_exptl_crystal.density_meas          ? 
_exptl_crystal.density_percent_sol   33.66 
_exptl_crystal.description           ? 
_exptl_crystal.F_000                 ? 
_exptl_crystal.preparation           ? 
# 
_exptl_crystal_grow.crystal_id      1 
_exptl_crystal_grow.method          'VAPOR DIFFUSION, HANGING DROP' 
_exptl_crystal_grow.pH              7.0 
_exptl_crystal_grow.temp            277 
_exptl_crystal_grow.temp_details    ? 
_exptl_crystal_grow.pdbx_details    
'28% PEG4000, 0.1 M HEPES, 20 mM PHENOL, pH 7.0, VAPOR DIFFUSION, HANGING DROP, temperature 277K' 
_exptl_crystal_grow.pdbx_pH_range   . 
# 
_diffrn.id                     1 
_diffrn.ambient_temp           100 
_diffrn.ambient_temp_details   ? 
_diffrn.crystal_id             1 
# 
_diffrn_detector.diffrn_id              1 
_diffrn_detector.detector               'IMAGE PLATE' 
_diffrn_detector.type                   'RIGAKU RAXIS IV' 
_diffrn_detector.pdbx_collection_date   2004-06-02 
_diffrn_detector.details                'BLUE MAX-FLUX CONFOCAL OPTICAL SYSTEM' 
# 
_diffrn_radiation.diffrn_id                        1 
_diffrn_radiation.wavelength_id                    1 
_diffrn_radiation.pdbx_diffrn_protocol             'SINGLE WAVELENGTH' 
_diffrn_radiation.monochromator                    'BLUE MAX-FLUX CONFOCAL OPTICAL SYSTEM' 
_diffrn_radiation.pdbx_monochromatic_or_laue_m_l   M 
_diffrn_radiation.pdbx_scattering_type             x-ray 
# 
_diffrn_radiation_wavelength.id           1 
_diffrn_radiation_wavelength.wavelength   1.5418 
_diffrn_radiation_wavelength.wt           1.0 
# 
_diffrn_source.diffrn_id                   1 
_diffrn_source.source                      'ROTATING ANODE' 
_diffrn_source.type                        RIGAKU 
_diffrn_source.pdbx_wavelength             ? 
_diffrn_source.pdbx_wavelength_list        1.5418 
_diffrn_source.pdbx_synchrotron_site       ? 
_diffrn_source.pdbx_synchrotron_beamline   ? 
# 
_reflns.entry_id                     2IDV 
_reflns.d_resolution_high            2.250 
_reflns.d_resolution_low             50.000 
_reflns.number_obs                   6939 
_reflns.pdbx_Rmerge_I_obs            0.063 
_reflns.pdbx_netI_over_sigmaI        16.500 
_reflns.pdbx_chi_squared             1.218 
_reflns.pdbx_redundancy              5.500 
_reflns.percent_possible_obs         96.900 
_reflns.observed_criterion_sigma_F   ? 
_reflns.observed_criterion_sigma_I   ? 
_reflns.number_all                   6939 
_reflns.pdbx_Rsym_value              ? 
_reflns.B_iso_Wilson_estimate        ? 
_reflns.R_free_details               ? 
_reflns.limit_h_max                  ? 
_reflns.limit_h_min                  ? 
_reflns.limit_k_max                  ? 
_reflns.limit_k_min                  ? 
_reflns.limit_l_max                  ? 
_reflns.limit_l_min                  ? 
_reflns.observed_criterion_F_max     ? 
_reflns.observed_criterion_F_min     ? 
_reflns.pdbx_scaling_rejects         ? 
_reflns.pdbx_diffrn_id               1 
_reflns.pdbx_ordinal                 1 
# 
_reflns_shell.d_res_high             2.25 
_reflns_shell.d_res_low              2.33 
_reflns_shell.number_measured_obs    ? 
_reflns_shell.number_measured_all    ? 
_reflns_shell.number_unique_obs      ? 
_reflns_shell.Rmerge_I_obs           0.147 
_reflns_shell.meanI_over_sigI_obs    12.4 
_reflns_shell.pdbx_Rsym_value        ? 
_reflns_shell.pdbx_chi_squared       1.466 
_reflns_shell.pdbx_redundancy        4.80 
_reflns_shell.percent_possible_obs   ? 
_reflns_shell.number_unique_all      642 
_reflns_shell.percent_possible_all   88.90 
_reflns_shell.pdbx_diffrn_id         ? 
_reflns_shell.pdbx_ordinal           1 
# 
_refine.entry_id                                 2IDV 
_refine.ls_d_res_high                            2.300 
_refine.ls_d_res_low                             20.000 
_refine.pdbx_ls_sigma_F                          2.00 
_refine.ls_percent_reflns_obs                    96.100 
_refine.ls_number_reflns_obs                     6372 
_refine.ls_R_factor_R_work                       0.2 
_refine.ls_R_factor_R_free                       0.274 
_refine.ls_percent_reflns_R_free                 4.500 
_refine.ls_number_reflns_R_free                  301 
_refine.B_iso_mean                               19.588 
_refine.solvent_model_param_bsol                 26.841 
_refine.aniso_B[1][1]                            ? 
_refine.aniso_B[2][2]                            ? 
_refine.aniso_B[3][3]                            ? 
_refine.aniso_B[1][2]                            ? 
_refine.aniso_B[1][3]                            ? 
_refine.aniso_B[2][3]                            ? 
_refine.overall_FOM_work_R_set                   0.824 
_refine.pdbx_ls_sigma_I                          ? 
_refine.ls_number_reflns_all                     ? 
_refine.ls_R_factor_all                          ? 
_refine.ls_R_factor_obs                          ? 
_refine.ls_redundancy_reflns_obs                 ? 
_refine.pdbx_data_cutoff_high_absF               ? 
_refine.pdbx_data_cutoff_low_absF                ? 
_refine.ls_number_parameters                     ? 
_refine.ls_number_restraints                     ? 
_refine.ls_R_factor_R_free_error                 ? 
_refine.ls_R_factor_R_free_error_details         ? 
_refine.pdbx_method_to_determine_struct          'MOLECULAR REPLACEMENT' 
_refine.pdbx_starting_model                      'PDB ENTRY 1EJ1' 
_refine.pdbx_ls_cross_valid_method               THROUGHOUT 
_refine.pdbx_R_Free_selection_details            RANDOM 
_refine.pdbx_stereochem_target_val_spec_case     ? 
_refine.pdbx_stereochemistry_target_values       'Engh & Huber' 
_refine.solvent_model_details                    ? 
_refine.solvent_model_param_ksol                 ? 
_refine.occupancy_max                            ? 
_refine.occupancy_min                            ? 
_refine.pdbx_isotropic_thermal_model             ISOTROPIC 
_refine.details                                  ? 
_refine.B_iso_min                                ? 
_refine.B_iso_max                                ? 
_refine.correlation_coeff_Fo_to_Fc               ? 
_refine.correlation_coeff_Fo_to_Fc_free          ? 
_refine.pdbx_solvent_vdw_probe_radii             ? 
_refine.pdbx_solvent_ion_probe_radii             ? 
_refine.pdbx_solvent_shrinkage_radii             ? 
_refine.overall_SU_R_Cruickshank_DPI             ? 
_refine.overall_SU_R_free                        ? 
_refine.overall_SU_ML                            ? 
_refine.overall_SU_B                             ? 
_refine.pdbx_overall_ESU_R_Free                  ? 
_refine.pdbx_data_cutoff_high_rms_absF           ? 
_refine.pdbx_overall_ESU_R                       ? 
_refine.ls_wR_factor_R_free                      ? 
_refine.ls_wR_factor_R_work                      ? 
_refine.overall_FOM_free_R_set                   ? 
_refine.pdbx_overall_phase_error                 ? 
_refine.pdbx_refine_id                           'X-RAY DIFFRACTION' 
_refine.pdbx_diffrn_id                           1 
_refine.pdbx_TLS_residual_ADP_flag               ? 
_refine.pdbx_overall_SU_R_free_Cruickshank_DPI   ? 
_refine.pdbx_overall_SU_R_Blow_DPI               ? 
_refine.pdbx_overall_SU_R_free_Blow_DPI          ? 
# 
_refine_hist.pdbx_refine_id                   'X-RAY DIFFRACTION' 
_refine_hist.cycle_id                         LAST 
_refine_hist.pdbx_number_atoms_protein        1428 
_refine_hist.pdbx_number_atoms_nucleic_acid   0 
_refine_hist.pdbx_number_atoms_ligand         29 
_refine_hist.number_atoms_solvent             101 
_refine_hist.number_atoms_total               1558 
_refine_hist.d_res_high                       2.300 
_refine_hist.d_res_low                        20.000 
# 
loop_
_refine_ls_restr.type 
_refine_ls_restr.number 
_refine_ls_restr.dev_ideal 
_refine_ls_restr.dev_ideal_target 
_refine_ls_restr.weight 
_refine_ls_restr.pdbx_refine_id 
_refine_ls_restr.pdbx_restraint_function 
c_bond_d     ? 0.007 ?     ? 'X-RAY DIFFRACTION' ? 
c_angle_deg  ? 1.102 ?     ? 'X-RAY DIFFRACTION' ? 
c_mcbond_it  ? 1.238 1.500 ? 'X-RAY DIFFRACTION' ? 
c_scbond_it  ? 1.796 2.000 ? 'X-RAY DIFFRACTION' ? 
c_mcangle_it ? 1.969 2.000 ? 'X-RAY DIFFRACTION' ? 
c_scangle_it ? 2.502 2.500 ? 'X-RAY DIFFRACTION' ? 
# 
loop_
_refine_ls_shell.d_res_high 
_refine_ls_shell.d_res_low 
_refine_ls_shell.pdbx_total_number_of_bins_used 
_refine_ls_shell.percent_reflns_obs 
_refine_ls_shell.number_reflns_R_work 
_refine_ls_shell.R_factor_all 
_refine_ls_shell.R_factor_R_work 
_refine_ls_shell.R_factor_R_free 
_refine_ls_shell.percent_reflns_R_free 
_refine_ls_shell.number_reflns_R_free 
_refine_ls_shell.R_factor_R_free_error 
_refine_ls_shell.number_reflns_all 
_refine_ls_shell.number_reflns_obs 
_refine_ls_shell.redundancy_reflns_obs 
_refine_ls_shell.pdbx_refine_id 
2.300 2.400  8 . 717 . 0.278 0.325 . 31 . . 748 . 'X-RAY DIFFRACTION' 
2.400 2.530  8 . 727 . 0.25  0.343 . 34 . . 761 . 'X-RAY DIFFRACTION' 
2.530 2.690  8 . 757 . 0.228 0.344 . 39 . . 796 . 'X-RAY DIFFRACTION' 
2.690 2.900  8 . 752 . 0.204 0.315 . 30 . . 782 . 'X-RAY DIFFRACTION' 
2.900 3.190  8 . 750 . 0.227 0.245 . 46 . . 796 . 'X-RAY DIFFRACTION' 
3.190 3.650  8 . 788 . 0.235 0.308 . 40 . . 828 . 'X-RAY DIFFRACTION' 
3.650 4.580  8 . 787 . 0.127 0.226 . 39 . . 826 . 'X-RAY DIFFRACTION' 
4.580 20.000 8 . 793 . 0.166 0.219 . 42 . . 835 . 'X-RAY DIFFRACTION' 
# 
loop_
_pdbx_xplor_file.serial_no 
_pdbx_xplor_file.param_file 
_pdbx_xplor_file.topol_file 
_pdbx_xplor_file.pdbx_refine_id 
1 protein_rep.param protein.top 'X-RAY DIFFRACTION' 
2 dna-rna_rep.param dna-rna.top 'X-RAY DIFFRACTION' 
3 water_rep.param   water.top   'X-RAY DIFFRACTION' 
4 ion.param         ion.top     'X-RAY DIFFRACTION' 
5 m7g.par           m7g.top     'X-RAY DIFFRACTION' 
# 
_struct.entry_id                  2IDV 
_struct.title                     'Crystal structure of wheat C113S mutant EIF4E bound TO 7-methyl-GDP' 
_struct.pdbx_model_details        ? 
_struct.pdbx_CASP_flag            ? 
_struct.pdbx_model_type_details   ? 
# 
_struct_keywords.entry_id        2IDV 
_struct_keywords.pdbx_keywords   'TRANSLATION REGULATOR' 
_struct_keywords.text            'EUKARYOTIC INITIATION FACTOR 4E, EIF4E, CAP, METHYL-7-GDP, TRANSLATION REGULATOR' 
# 
loop_
_struct_asym.id 
_struct_asym.pdbx_blank_PDB_chainid_flag 
_struct_asym.pdbx_modified 
_struct_asym.entity_id 
_struct_asym.details 
A N N 1 ? 
B N N 2 ? 
C N N 3 ? 
# 
_struct_ref.id                         1 
_struct_ref.db_name                    UNP 
_struct_ref.db_code                    IF4E1_WHEAT 
_struct_ref.pdbx_db_accession          P29557 
_struct_ref.entity_id                  1 
_struct_ref.pdbx_seq_one_letter_code   
;AHPLENAWTFWFDNPQGKSRQVAWGSTIHPIHTFSTVEDFWGLYNNIHNPSKLNVGADFHCFKNKIEPKWEDPICANGGK
WTISCGRGKSDTFWLHTLLAMIGEQFDFGDEICGAVVSVRQKQERVAIWTKNAANEAAQISIGKQWKEFLDYKDSIGFIV
HEDAKRSDKGPKNRYTV
;
_struct_ref.pdbx_align_begin           39 
_struct_ref.pdbx_db_isoform            ? 
# 
_struct_ref_seq.align_id                      1 
_struct_ref_seq.ref_id                        1 
_struct_ref_seq.pdbx_PDB_id_code              2IDV 
_struct_ref_seq.pdbx_strand_id                A 
_struct_ref_seq.seq_align_beg                 1 
_struct_ref_seq.pdbx_seq_align_beg_ins_code   ? 
_struct_ref_seq.seq_align_end                 177 
_struct_ref_seq.pdbx_seq_align_end_ins_code   ? 
_struct_ref_seq.pdbx_db_accession             P29557 
_struct_ref_seq.db_align_beg                  39 
_struct_ref_seq.pdbx_db_align_beg_ins_code    ? 
_struct_ref_seq.db_align_end                  215 
_struct_ref_seq.pdbx_db_align_end_ins_code    ? 
_struct_ref_seq.pdbx_auth_seq_align_beg       39 
_struct_ref_seq.pdbx_auth_seq_align_end       215 
# 
_struct_ref_seq_dif.align_id                     1 
_struct_ref_seq_dif.pdbx_pdb_id_code             2IDV 
_struct_ref_seq_dif.mon_id                       SER 
_struct_ref_seq_dif.pdbx_pdb_strand_id           A 
_struct_ref_seq_dif.seq_num                      75 
_struct_ref_seq_dif.pdbx_pdb_ins_code            ? 
_struct_ref_seq_dif.pdbx_seq_db_name             UNP 
_struct_ref_seq_dif.pdbx_seq_db_accession_code   P29557 
_struct_ref_seq_dif.db_mon_id                    CYS 
_struct_ref_seq_dif.pdbx_seq_db_seq_num          113 
_struct_ref_seq_dif.details                      'engineered mutation' 
_struct_ref_seq_dif.pdbx_auth_seq_num            113 
_struct_ref_seq_dif.pdbx_ordinal                 1 
# 
_pdbx_struct_assembly.id                   1 
_pdbx_struct_assembly.details              author_defined_assembly 
_pdbx_struct_assembly.method_details       ? 
_pdbx_struct_assembly.oligomeric_details   monomeric 
_pdbx_struct_assembly.oligomeric_count     1 
# 
_pdbx_struct_assembly_gen.assembly_id       1 
_pdbx_struct_assembly_gen.oper_expression   1 
_pdbx_struct_assembly_gen.asym_id_list      A,B,C 
# 
_pdbx_struct_oper_list.id                   1 
_pdbx_struct_oper_list.type                 'identity operation' 
_pdbx_struct_oper_list.name                 1_555 
_pdbx_struct_oper_list.symmetry_operation   x,y,z 
_pdbx_struct_oper_list.matrix[1][1]         1.0000000000 
_pdbx_struct_oper_list.matrix[1][2]         0.0000000000 
_pdbx_struct_oper_list.matrix[1][3]         0.0000000000 
_pdbx_struct_oper_list.vector[1]            0.0000000000 
_pdbx_struct_oper_list.matrix[2][1]         0.0000000000 
_pdbx_struct_oper_list.matrix[2][2]         1.0000000000 
_pdbx_struct_oper_list.matrix[2][3]         0.0000000000 
_pdbx_struct_oper_list.vector[2]            0.0000000000 
_pdbx_struct_oper_list.matrix[3][1]         0.0000000000 
_pdbx_struct_oper_list.matrix[3][2]         0.0000000000 
_pdbx_struct_oper_list.matrix[3][3]         1.0000000000 
_pdbx_struct_oper_list.vector[3]            0.0000000000 
# 
loop_
_struct_conf.conf_type_id 
_struct_conf.id 
_struct_conf.pdbx_PDB_helix_id 
_struct_conf.beg_label_comp_id 
_struct_conf.beg_label_asym_id 
_struct_conf.beg_label_seq_id 
_struct_conf.pdbx_beg_PDB_ins_code 
_struct_conf.end_label_comp_id 
_struct_conf.end_label_asym_id 
_struct_conf.end_label_seq_id 
_struct_conf.pdbx_end_PDB_ins_code 
_struct_conf.beg_auth_comp_id 
_struct_conf.beg_auth_asym_id 
_struct_conf.beg_auth_seq_id 
_struct_conf.end_auth_comp_id 
_struct_conf.end_auth_asym_id 
_struct_conf.end_auth_seq_id 
_struct_conf.pdbx_PDB_helix_class 
_struct_conf.details 
_struct_conf.pdbx_PDB_helix_length 
HELX_P HELX_P1 1 VAL A 37  ? ASN A 46  ? VAL A 75  ASN A 84  1 ? 10 
HELX_P HELX_P2 2 ASN A 49  ? LEU A 53  ? ASN A 87  LEU A 91  5 ? 5  
HELX_P HELX_P3 3 ASP A 72  ? ALA A 76  ? ASP A 110 ALA A 114 5 ? 5  
HELX_P HELX_P4 4 SER A 90  ? GLY A 103 ? SER A 128 GLY A 141 1 ? 14 
HELX_P HELX_P5 5 PHE A 108 ? ASP A 110 ? PHE A 146 ASP A 148 5 ? 3  
HELX_P HELX_P6 6 ASN A 135 ? ASP A 151 ? ASN A 173 ASP A 189 1 ? 17 
HELX_P HELX_P7 7 HIS A 161 ? LYS A 165 ? HIS A 199 LYS A 203 1 ? 5  
# 
_struct_conf_type.id          HELX_P 
_struct_conf_type.criteria    ? 
_struct_conf_type.reference   ? 
# 
_struct_sheet.id               A 
_struct_sheet.type             ? 
_struct_sheet.number_strands   8 
_struct_sheet.details          ? 
# 
loop_
_struct_sheet_order.sheet_id 
_struct_sheet_order.range_id_1 
_struct_sheet_order.range_id_2 
_struct_sheet_order.offset 
_struct_sheet_order.sense 
A 1 2 ? anti-parallel 
A 2 3 ? anti-parallel 
A 3 4 ? anti-parallel 
A 4 5 ? anti-parallel 
A 5 6 ? anti-parallel 
A 6 7 ? anti-parallel 
A 7 8 ? anti-parallel 
# 
loop_
_struct_sheet_range.sheet_id 
_struct_sheet_range.id 
_struct_sheet_range.beg_label_comp_id 
_struct_sheet_range.beg_label_asym_id 
_struct_sheet_range.beg_label_seq_id 
_struct_sheet_range.pdbx_beg_PDB_ins_code 
_struct_sheet_range.end_label_comp_id 
_struct_sheet_range.end_label_asym_id 
_struct_sheet_range.end_label_seq_id 
_struct_sheet_range.pdbx_end_PDB_ins_code 
_struct_sheet_range.beg_auth_comp_id 
_struct_sheet_range.beg_auth_asym_id 
_struct_sheet_range.beg_auth_seq_id 
_struct_sheet_range.end_auth_comp_id 
_struct_sheet_range.end_auth_asym_id 
_struct_sheet_range.end_auth_seq_id 
A 1 HIS A 29  ? THR A 36  ? HIS A 67  THR A 74  
A 2 PRO A 3   ? ASP A 13  ? PRO A 41  ASP A 51  
A 3 ASP A 58  ? LYS A 63  ? ASP A 96  LYS A 101 
A 4 ILE A 112 ? VAL A 119 ? ILE A 150 VAL A 157 
A 5 GLU A 124 ? THR A 130 ? GLU A 162 THR A 168 
A 6 GLY A 79  ? CYS A 85  ? GLY A 117 CYS A 123 
A 7 ILE A 156 ? VAL A 160 ? ILE A 194 VAL A 198 
A 8 TYR A 175 ? VAL A 177 ? TYR A 213 VAL A 215 
# 
loop_
_pdbx_struct_sheet_hbond.sheet_id 
_pdbx_struct_sheet_hbond.range_id_1 
_pdbx_struct_sheet_hbond.range_id_2 
_pdbx_struct_sheet_hbond.range_1_label_atom_id 
_pdbx_struct_sheet_hbond.range_1_label_comp_id 
_pdbx_struct_sheet_hbond.range_1_label_asym_id 
_pdbx_struct_sheet_hbond.range_1_label_seq_id 
_pdbx_struct_sheet_hbond.range_1_PDB_ins_code 
_pdbx_struct_sheet_hbond.range_1_auth_atom_id 
_pdbx_struct_sheet_hbond.range_1_auth_comp_id 
_pdbx_struct_sheet_hbond.range_1_auth_asym_id 
_pdbx_struct_sheet_hbond.range_1_auth_seq_id 
_pdbx_struct_sheet_hbond.range_2_label_atom_id 
_pdbx_struct_sheet_hbond.range_2_label_comp_id 
_pdbx_struct_sheet_hbond.range_2_label_asym_id 
_pdbx_struct_sheet_hbond.range_2_label_seq_id 
_pdbx_struct_sheet_hbond.range_2_PDB_ins_code 
_pdbx_struct_sheet_hbond.range_2_auth_atom_id 
_pdbx_struct_sheet_hbond.range_2_auth_comp_id 
_pdbx_struct_sheet_hbond.range_2_auth_asym_id 
_pdbx_struct_sheet_hbond.range_2_auth_seq_id 
A 1 2 O ILE A 31  ? O ILE A 69  N PHE A 10  ? N PHE A 48  
A 2 3 N TRP A 11  ? N TRP A 49  O HIS A 60  ? O HIS A 98  
A 3 4 N LYS A 63  ? N LYS A 101 O CYS A 113 ? O CYS A 151 
A 4 5 N SER A 118 ? N SER A 156 O ARG A 125 ? O ARG A 163 
A 5 6 O GLU A 124 ? O GLU A 162 N CYS A 85  ? N CYS A 123 
A 6 7 N LYS A 80  ? N LYS A 118 O ILE A 159 ? O ILE A 197 
A 7 8 N ILE A 156 ? N ILE A 194 O VAL A 177 ? O VAL A 215 
# 
_struct_site.id                   AC1 
_struct_site.pdbx_evidence_code   Software 
_struct_site.pdbx_auth_asym_id    A 
_struct_site.pdbx_auth_comp_id    M7G 
_struct_site.pdbx_auth_seq_id     1000 
_struct_site.pdbx_auth_ins_code   ? 
_struct_site.pdbx_num_residues    12 
_struct_site.details              'BINDING SITE FOR RESIDUE M7G A 1000' 
# 
loop_
_struct_site_gen.id 
_struct_site_gen.site_id 
_struct_site_gen.pdbx_num_res 
_struct_site_gen.label_comp_id 
_struct_site_gen.label_asym_id 
_struct_site_gen.label_seq_id 
_struct_site_gen.pdbx_auth_ins_code 
_struct_site_gen.auth_comp_id 
_struct_site_gen.auth_asym_id 
_struct_site_gen.auth_seq_id 
_struct_site_gen.label_atom_id 
_struct_site_gen.label_alt_id 
_struct_site_gen.symmetry 
_struct_site_gen.details 
1  AC1 12 ARG A 20  ? ARG A 58   . ? 1_555 ? 
2  AC1 12 TRP A 24  ? TRP A 62   . ? 1_555 ? 
3  AC1 12 LYS A 69  ? LYS A 107  . ? 1_555 ? 
4  AC1 12 TRP A 70  ? TRP A 108  . ? 1_555 ? 
5  AC1 12 GLU A 71  ? GLU A 109  . ? 1_555 ? 
6  AC1 12 ARG A 120 ? ARG A 158  . ? 1_555 ? 
7  AC1 12 ARG A 125 ? ARG A 163  . ? 1_555 ? 
8  AC1 12 HOH C .   ? HOH A 1012 . ? 1_555 ? 
9  AC1 12 HOH C .   ? HOH A 1066 . ? 1_555 ? 
10 AC1 12 HOH C .   ? HOH A 1076 . ? 1_555 ? 
11 AC1 12 HOH C .   ? HOH A 1092 . ? 1_555 ? 
12 AC1 12 HOH C .   ? HOH A 1093 . ? 1_555 ? 
# 
loop_
_pdbx_validate_torsion.id 
_pdbx_validate_torsion.PDB_model_num 
_pdbx_validate_torsion.auth_comp_id 
_pdbx_validate_torsion.auth_asym_id 
_pdbx_validate_torsion.auth_seq_id 
_pdbx_validate_torsion.PDB_ins_code 
_pdbx_validate_torsion.label_alt_id 
_pdbx_validate_torsion.phi 
_pdbx_validate_torsion.psi 
1 1 ASP A 51  ? ? -162.96 110.67  
2 1 ASN A 102 ? ? 47.10   -123.86 
3 1 GLN A 159 ? ? -40.93  -78.34  
4 1 ARG A 204 ? ? -52.84  102.67  
# 
loop_
_chem_comp_atom.comp_id 
_chem_comp_atom.atom_id 
_chem_comp_atom.type_symbol 
_chem_comp_atom.pdbx_aromatic_flag 
_chem_comp_atom.pdbx_stereo_config 
_chem_comp_atom.pdbx_ordinal 
ALA N      N N N 1   
ALA CA     C N S 2   
ALA C      C N N 3   
ALA O      O N N 4   
ALA CB     C N N 5   
ALA OXT    O N N 6   
ALA H      H N N 7   
ALA H2     H N N 8   
ALA HA     H N N 9   
ALA HB1    H N N 10  
ALA HB2    H N N 11  
ALA HB3    H N N 12  
ALA HXT    H N N 13  
ARG N      N N N 14  
ARG CA     C N S 15  
ARG C      C N N 16  
ARG O      O N N 17  
ARG CB     C N N 18  
ARG CG     C N N 19  
ARG CD     C N N 20  
ARG NE     N N N 21  
ARG CZ     C N N 22  
ARG NH1    N N N 23  
ARG NH2    N N N 24  
ARG OXT    O N N 25  
ARG H      H N N 26  
ARG H2     H N N 27  
ARG HA     H N N 28  
ARG HB2    H N N 29  
ARG HB3    H N N 30  
ARG HG2    H N N 31  
ARG HG3    H N N 32  
ARG HD2    H N N 33  
ARG HD3    H N N 34  
ARG HE     H N N 35  
ARG HH11   H N N 36  
ARG HH12   H N N 37  
ARG HH21   H N N 38  
ARG HH22   H N N 39  
ARG HXT    H N N 40  
ASN N      N N N 41  
ASN CA     C N S 42  
ASN C      C N N 43  
ASN O      O N N 44  
ASN CB     C N N 45  
ASN CG     C N N 46  
ASN OD1    O N N 47  
ASN ND2    N N N 48  
ASN OXT    O N N 49  
ASN H      H N N 50  
ASN H2     H N N 51  
ASN HA     H N N 52  
ASN HB2    H N N 53  
ASN HB3    H N N 54  
ASN HD21   H N N 55  
ASN HD22   H N N 56  
ASN HXT    H N N 57  
ASP N      N N N 58  
ASP CA     C N S 59  
ASP C      C N N 60  
ASP O      O N N 61  
ASP CB     C N N 62  
ASP CG     C N N 63  
ASP OD1    O N N 64  
ASP OD2    O N N 65  
ASP OXT    O N N 66  
ASP H      H N N 67  
ASP H2     H N N 68  
ASP HA     H N N 69  
ASP HB2    H N N 70  
ASP HB3    H N N 71  
ASP HD2    H N N 72  
ASP HXT    H N N 73  
CYS N      N N N 74  
CYS CA     C N R 75  
CYS C      C N N 76  
CYS O      O N N 77  
CYS CB     C N N 78  
CYS SG     S N N 79  
CYS OXT    O N N 80  
CYS H      H N N 81  
CYS H2     H N N 82  
CYS HA     H N N 83  
CYS HB2    H N N 84  
CYS HB3    H N N 85  
CYS HG     H N N 86  
CYS HXT    H N N 87  
GLN N      N N N 88  
GLN CA     C N S 89  
GLN C      C N N 90  
GLN O      O N N 91  
GLN CB     C N N 92  
GLN CG     C N N 93  
GLN CD     C N N 94  
GLN OE1    O N N 95  
GLN NE2    N N N 96  
GLN OXT    O N N 97  
GLN H      H N N 98  
GLN H2     H N N 99  
GLN HA     H N N 100 
GLN HB2    H N N 101 
GLN HB3    H N N 102 
GLN HG2    H N N 103 
GLN HG3    H N N 104 
GLN HE21   H N N 105 
GLN HE22   H N N 106 
GLN HXT    H N N 107 
GLU N      N N N 108 
GLU CA     C N S 109 
GLU C      C N N 110 
GLU O      O N N 111 
GLU CB     C N N 112 
GLU CG     C N N 113 
GLU CD     C N N 114 
GLU OE1    O N N 115 
GLU OE2    O N N 116 
GLU OXT    O N N 117 
GLU H      H N N 118 
GLU H2     H N N 119 
GLU HA     H N N 120 
GLU HB2    H N N 121 
GLU HB3    H N N 122 
GLU HG2    H N N 123 
GLU HG3    H N N 124 
GLU HE2    H N N 125 
GLU HXT    H N N 126 
GLY N      N N N 127 
GLY CA     C N N 128 
GLY C      C N N 129 
GLY O      O N N 130 
GLY OXT    O N N 131 
GLY H      H N N 132 
GLY H2     H N N 133 
GLY HA2    H N N 134 
GLY HA3    H N N 135 
GLY HXT    H N N 136 
HIS N      N N N 137 
HIS CA     C N S 138 
HIS C      C N N 139 
HIS O      O N N 140 
HIS CB     C N N 141 
HIS CG     C Y N 142 
HIS ND1    N Y N 143 
HIS CD2    C Y N 144 
HIS CE1    C Y N 145 
HIS NE2    N Y N 146 
HIS OXT    O N N 147 
HIS H      H N N 148 
HIS H2     H N N 149 
HIS HA     H N N 150 
HIS HB2    H N N 151 
HIS HB3    H N N 152 
HIS HD1    H N N 153 
HIS HD2    H N N 154 
HIS HE1    H N N 155 
HIS HE2    H N N 156 
HIS HXT    H N N 157 
HOH O      O N N 158 
HOH H1     H N N 159 
HOH H2     H N N 160 
ILE N      N N N 161 
ILE CA     C N S 162 
ILE C      C N N 163 
ILE O      O N N 164 
ILE CB     C N S 165 
ILE CG1    C N N 166 
ILE CG2    C N N 167 
ILE CD1    C N N 168 
ILE OXT    O N N 169 
ILE H      H N N 170 
ILE H2     H N N 171 
ILE HA     H N N 172 
ILE HB     H N N 173 
ILE HG12   H N N 174 
ILE HG13   H N N 175 
ILE HG21   H N N 176 
ILE HG22   H N N 177 
ILE HG23   H N N 178 
ILE HD11   H N N 179 
ILE HD12   H N N 180 
ILE HD13   H N N 181 
ILE HXT    H N N 182 
LEU N      N N N 183 
LEU CA     C N S 184 
LEU C      C N N 185 
LEU O      O N N 186 
LEU CB     C N N 187 
LEU CG     C N N 188 
LEU CD1    C N N 189 
LEU CD2    C N N 190 
LEU OXT    O N N 191 
LEU H      H N N 192 
LEU H2     H N N 193 
LEU HA     H N N 194 
LEU HB2    H N N 195 
LEU HB3    H N N 196 
LEU HG     H N N 197 
LEU HD11   H N N 198 
LEU HD12   H N N 199 
LEU HD13   H N N 200 
LEU HD21   H N N 201 
LEU HD22   H N N 202 
LEU HD23   H N N 203 
LEU HXT    H N N 204 
LYS N      N N N 205 
LYS CA     C N S 206 
LYS C      C N N 207 
LYS O      O N N 208 
LYS CB     C N N 209 
LYS CG     C N N 210 
LYS CD     C N N 211 
LYS CE     C N N 212 
LYS NZ     N N N 213 
LYS OXT    O N N 214 
LYS H      H N N 215 
LYS H2     H N N 216 
LYS HA     H N N 217 
LYS HB2    H N N 218 
LYS HB3    H N N 219 
LYS HG2    H N N 220 
LYS HG3    H N N 221 
LYS HD2    H N N 222 
LYS HD3    H N N 223 
LYS HE2    H N N 224 
LYS HE3    H N N 225 
LYS HZ1    H N N 226 
LYS HZ2    H N N 227 
LYS HZ3    H N N 228 
LYS HXT    H N N 229 
M7G PA     P N N 230 
M7G O1A    O N N 231 
M7G O2A    O N N 232 
M7G O3A    O N N 233 
M7G "O5'"  O N N 234 
M7G PB     P N N 235 
M7G O1B    O N N 236 
M7G O2B    O N N 237 
M7G O3B    O N N 238 
M7G "C5'"  C N N 239 
M7G "C4'"  C N R 240 
M7G "O4'"  O N N 241 
M7G "C3'"  C N S 242 
M7G "O3'"  O N N 243 
M7G "C2'"  C N R 244 
M7G "O2'"  O N N 245 
M7G "C1'"  C N R 246 
M7G N9     N Y N 247 
M7G C8     C Y N 248 
M7G N7     N Y N 249 
M7G CM7    C N N 250 
M7G C5     C Y N 251 
M7G C6     C N N 252 
M7G O6     O N N 253 
M7G N1     N N N 254 
M7G C2     C N N 255 
M7G N2     N N N 256 
M7G N3     N N N 257 
M7G C4     C Y N 258 
M7G HOA2   H N N 259 
M7G HOB2   H N N 260 
M7G HOB3   H N N 261 
M7G "H5'1" H N N 262 
M7G "H5'2" H N N 263 
M7G "H4'"  H N N 264 
M7G "H3'"  H N N 265 
M7G "HO3'" H N N 266 
M7G "H2'"  H N N 267 
M7G "HO2'" H N N 268 
M7G "H1'"  H N N 269 
M7G H81    H N N 270 
M7G HM71   H N N 271 
M7G HM72   H N N 272 
M7G HM73   H N N 273 
M7G HN1    H N N 274 
M7G HN21   H N N 275 
M7G HN22   H N N 276 
MET N      N N N 277 
MET CA     C N S 278 
MET C      C N N 279 
MET O      O N N 280 
MET CB     C N N 281 
MET CG     C N N 282 
MET SD     S N N 283 
MET CE     C N N 284 
MET OXT    O N N 285 
MET H      H N N 286 
MET H2     H N N 287 
MET HA     H N N 288 
MET HB2    H N N 289 
MET HB3    H N N 290 
MET HG2    H N N 291 
MET HG3    H N N 292 
MET HE1    H N N 293 
MET HE2    H N N 294 
MET HE3    H N N 295 
MET HXT    H N N 296 
PHE N      N N N 297 
PHE CA     C N S 298 
PHE C      C N N 299 
PHE O      O N N 300 
PHE CB     C N N 301 
PHE CG     C Y N 302 
PHE CD1    C Y N 303 
PHE CD2    C Y N 304 
PHE CE1    C Y N 305 
PHE CE2    C Y N 306 
PHE CZ     C Y N 307 
PHE OXT    O N N 308 
PHE H      H N N 309 
PHE H2     H N N 310 
PHE HA     H N N 311 
PHE HB2    H N N 312 
PHE HB3    H N N 313 
PHE HD1    H N N 314 
PHE HD2    H N N 315 
PHE HE1    H N N 316 
PHE HE2    H N N 317 
PHE HZ     H N N 318 
PHE HXT    H N N 319 
PRO N      N N N 320 
PRO CA     C N S 321 
PRO C      C N N 322 
PRO O      O N N 323 
PRO CB     C N N 324 
PRO CG     C N N 325 
PRO CD     C N N 326 
PRO OXT    O N N 327 
PRO H      H N N 328 
PRO HA     H N N 329 
PRO HB2    H N N 330 
PRO HB3    H N N 331 
PRO HG2    H N N 332 
PRO HG3    H N N 333 
PRO HD2    H N N 334 
PRO HD3    H N N 335 
PRO HXT    H N N 336 
SER N      N N N 337 
SER CA     C N S 338 
SER C      C N N 339 
SER O      O N N 340 
SER CB     C N N 341 
SER OG     O N N 342 
SER OXT    O N N 343 
SER H      H N N 344 
SER H2     H N N 345 
SER HA     H N N 346 
SER HB2    H N N 347 
SER HB3    H N N 348 
SER HG     H N N 349 
SER HXT    H N N 350 
THR N      N N N 351 
THR CA     C N S 352 
THR C      C N N 353 
THR O      O N N 354 
THR CB     C N R 355 
THR OG1    O N N 356 
THR CG2    C N N 357 
THR OXT    O N N 358 
THR H      H N N 359 
THR H2     H N N 360 
THR HA     H N N 361 
THR HB     H N N 362 
THR HG1    H N N 363 
THR HG21   H N N 364 
THR HG22   H N N 365 
THR HG23   H N N 366 
THR HXT    H N N 367 
TRP N      N N N 368 
TRP CA     C N S 369 
TRP C      C N N 370 
TRP O      O N N 371 
TRP CB     C N N 372 
TRP CG     C Y N 373 
TRP CD1    C Y N 374 
TRP CD2    C Y N 375 
TRP NE1    N Y N 376 
TRP CE2    C Y N 377 
TRP CE3    C Y N 378 
TRP CZ2    C Y N 379 
TRP CZ3    C Y N 380 
TRP CH2    C Y N 381 
TRP OXT    O N N 382 
TRP H      H N N 383 
TRP H2     H N N 384 
TRP HA     H N N 385 
TRP HB2    H N N 386 
TRP HB3    H N N 387 
TRP HD1    H N N 388 
TRP HE1    H N N 389 
TRP HE3    H N N 390 
TRP HZ2    H N N 391 
TRP HZ3    H N N 392 
TRP HH2    H N N 393 
TRP HXT    H N N 394 
TYR N      N N N 395 
TYR CA     C N S 396 
TYR C      C N N 397 
TYR O      O N N 398 
TYR CB     C N N 399 
TYR CG     C Y N 400 
TYR CD1    C Y N 401 
TYR CD2    C Y N 402 
TYR CE1    C Y N 403 
TYR CE2    C Y N 404 
TYR CZ     C Y N 405 
TYR OH     O N N 406 
TYR OXT    O N N 407 
TYR H      H N N 408 
TYR H2     H N N 409 
TYR HA     H N N 410 
TYR HB2    H N N 411 
TYR HB3    H N N 412 
TYR HD1    H N N 413 
TYR HD2    H N N 414 
TYR HE1    H N N 415 
TYR HE2    H N N 416 
TYR HH     H N N 417 
TYR HXT    H N N 418 
VAL N      N N N 419 
VAL CA     C N S 420 
VAL C      C N N 421 
VAL O      O N N 422 
VAL CB     C N N 423 
VAL CG1    C N N 424 
VAL CG2    C N N 425 
VAL OXT    O N N 426 
VAL H      H N N 427 
VAL H2     H N N 428 
VAL HA     H N N 429 
VAL HB     H N N 430 
VAL HG11   H N N 431 
VAL HG12   H N N 432 
VAL HG13   H N N 433 
VAL HG21   H N N 434 
VAL HG22   H N N 435 
VAL HG23   H N N 436 
VAL HXT    H N N 437 
# 
loop_
_chem_comp_bond.comp_id 
_chem_comp_bond.atom_id_1 
_chem_comp_bond.atom_id_2 
_chem_comp_bond.value_order 
_chem_comp_bond.pdbx_aromatic_flag 
_chem_comp_bond.pdbx_stereo_config 
_chem_comp_bond.pdbx_ordinal 
ALA N     CA     sing N N 1   
ALA N     H      sing N N 2   
ALA N     H2     sing N N 3   
ALA CA    C      sing N N 4   
ALA CA    CB     sing N N 5   
ALA CA    HA     sing N N 6   
ALA C     O      doub N N 7   
ALA C     OXT    sing N N 8   
ALA CB    HB1    sing N N 9   
ALA CB    HB2    sing N N 10  
ALA CB    HB3    sing N N 11  
ALA OXT   HXT    sing N N 12  
ARG N     CA     sing N N 13  
ARG N     H      sing N N 14  
ARG N     H2     sing N N 15  
ARG CA    C      sing N N 16  
ARG CA    CB     sing N N 17  
ARG CA    HA     sing N N 18  
ARG C     O      doub N N 19  
ARG C     OXT    sing N N 20  
ARG CB    CG     sing N N 21  
ARG CB    HB2    sing N N 22  
ARG CB    HB3    sing N N 23  
ARG CG    CD     sing N N 24  
ARG CG    HG2    sing N N 25  
ARG CG    HG3    sing N N 26  
ARG CD    NE     sing N N 27  
ARG CD    HD2    sing N N 28  
ARG CD    HD3    sing N N 29  
ARG NE    CZ     sing N N 30  
ARG NE    HE     sing N N 31  
ARG CZ    NH1    sing N N 32  
ARG CZ    NH2    doub N N 33  
ARG NH1   HH11   sing N N 34  
ARG NH1   HH12   sing N N 35  
ARG NH2   HH21   sing N N 36  
ARG NH2   HH22   sing N N 37  
ARG OXT   HXT    sing N N 38  
ASN N     CA     sing N N 39  
ASN N     H      sing N N 40  
ASN N     H2     sing N N 41  
ASN CA    C      sing N N 42  
ASN CA    CB     sing N N 43  
ASN CA    HA     sing N N 44  
ASN C     O      doub N N 45  
ASN C     OXT    sing N N 46  
ASN CB    CG     sing N N 47  
ASN CB    HB2    sing N N 48  
ASN CB    HB3    sing N N 49  
ASN CG    OD1    doub N N 50  
ASN CG    ND2    sing N N 51  
ASN ND2   HD21   sing N N 52  
ASN ND2   HD22   sing N N 53  
ASN OXT   HXT    sing N N 54  
ASP N     CA     sing N N 55  
ASP N     H      sing N N 56  
ASP N     H2     sing N N 57  
ASP CA    C      sing N N 58  
ASP CA    CB     sing N N 59  
ASP CA    HA     sing N N 60  
ASP C     O      doub N N 61  
ASP C     OXT    sing N N 62  
ASP CB    CG     sing N N 63  
ASP CB    HB2    sing N N 64  
ASP CB    HB3    sing N N 65  
ASP CG    OD1    doub N N 66  
ASP CG    OD2    sing N N 67  
ASP OD2   HD2    sing N N 68  
ASP OXT   HXT    sing N N 69  
CYS N     CA     sing N N 70  
CYS N     H      sing N N 71  
CYS N     H2     sing N N 72  
CYS CA    C      sing N N 73  
CYS CA    CB     sing N N 74  
CYS CA    HA     sing N N 75  
CYS C     O      doub N N 76  
CYS C     OXT    sing N N 77  
CYS CB    SG     sing N N 78  
CYS CB    HB2    sing N N 79  
CYS CB    HB3    sing N N 80  
CYS SG    HG     sing N N 81  
CYS OXT   HXT    sing N N 82  
GLN N     CA     sing N N 83  
GLN N     H      sing N N 84  
GLN N     H2     sing N N 85  
GLN CA    C      sing N N 86  
GLN CA    CB     sing N N 87  
GLN CA    HA     sing N N 88  
GLN C     O      doub N N 89  
GLN C     OXT    sing N N 90  
GLN CB    CG     sing N N 91  
GLN CB    HB2    sing N N 92  
GLN CB    HB3    sing N N 93  
GLN CG    CD     sing N N 94  
GLN CG    HG2    sing N N 95  
GLN CG    HG3    sing N N 96  
GLN CD    OE1    doub N N 97  
GLN CD    NE2    sing N N 98  
GLN NE2   HE21   sing N N 99  
GLN NE2   HE22   sing N N 100 
GLN OXT   HXT    sing N N 101 
GLU N     CA     sing N N 102 
GLU N     H      sing N N 103 
GLU N     H2     sing N N 104 
GLU CA    C      sing N N 105 
GLU CA    CB     sing N N 106 
GLU CA    HA     sing N N 107 
GLU C     O      doub N N 108 
GLU C     OXT    sing N N 109 
GLU CB    CG     sing N N 110 
GLU CB    HB2    sing N N 111 
GLU CB    HB3    sing N N 112 
GLU CG    CD     sing N N 113 
GLU CG    HG2    sing N N 114 
GLU CG    HG3    sing N N 115 
GLU CD    OE1    doub N N 116 
GLU CD    OE2    sing N N 117 
GLU OE2   HE2    sing N N 118 
GLU OXT   HXT    sing N N 119 
GLY N     CA     sing N N 120 
GLY N     H      sing N N 121 
GLY N     H2     sing N N 122 
GLY CA    C      sing N N 123 
GLY CA    HA2    sing N N 124 
GLY CA    HA3    sing N N 125 
GLY C     O      doub N N 126 
GLY C     OXT    sing N N 127 
GLY OXT   HXT    sing N N 128 
HIS N     CA     sing N N 129 
HIS N     H      sing N N 130 
HIS N     H2     sing N N 131 
HIS CA    C      sing N N 132 
HIS CA    CB     sing N N 133 
HIS CA    HA     sing N N 134 
HIS C     O      doub N N 135 
HIS C     OXT    sing N N 136 
HIS CB    CG     sing N N 137 
HIS CB    HB2    sing N N 138 
HIS CB    HB3    sing N N 139 
HIS CG    ND1    sing Y N 140 
HIS CG    CD2    doub Y N 141 
HIS ND1   CE1    doub Y N 142 
HIS ND1   HD1    sing N N 143 
HIS CD2   NE2    sing Y N 144 
HIS CD2   HD2    sing N N 145 
HIS CE1   NE2    sing Y N 146 
HIS CE1   HE1    sing N N 147 
HIS NE2   HE2    sing N N 148 
HIS OXT   HXT    sing N N 149 
HOH O     H1     sing N N 150 
HOH O     H2     sing N N 151 
ILE N     CA     sing N N 152 
ILE N     H      sing N N 153 
ILE N     H2     sing N N 154 
ILE CA    C      sing N N 155 
ILE CA    CB     sing N N 156 
ILE CA    HA     sing N N 157 
ILE C     O      doub N N 158 
ILE C     OXT    sing N N 159 
ILE CB    CG1    sing N N 160 
ILE CB    CG2    sing N N 161 
ILE CB    HB     sing N N 162 
ILE CG1   CD1    sing N N 163 
ILE CG1   HG12   sing N N 164 
ILE CG1   HG13   sing N N 165 
ILE CG2   HG21   sing N N 166 
ILE CG2   HG22   sing N N 167 
ILE CG2   HG23   sing N N 168 
ILE CD1   HD11   sing N N 169 
ILE CD1   HD12   sing N N 170 
ILE CD1   HD13   sing N N 171 
ILE OXT   HXT    sing N N 172 
LEU N     CA     sing N N 173 
LEU N     H      sing N N 174 
LEU N     H2     sing N N 175 
LEU CA    C      sing N N 176 
LEU CA    CB     sing N N 177 
LEU CA    HA     sing N N 178 
LEU C     O      doub N N 179 
LEU C     OXT    sing N N 180 
LEU CB    CG     sing N N 181 
LEU CB    HB2    sing N N 182 
LEU CB    HB3    sing N N 183 
LEU CG    CD1    sing N N 184 
LEU CG    CD2    sing N N 185 
LEU CG    HG     sing N N 186 
LEU CD1   HD11   sing N N 187 
LEU CD1   HD12   sing N N 188 
LEU CD1   HD13   sing N N 189 
LEU CD2   HD21   sing N N 190 
LEU CD2   HD22   sing N N 191 
LEU CD2   HD23   sing N N 192 
LEU OXT   HXT    sing N N 193 
LYS N     CA     sing N N 194 
LYS N     H      sing N N 195 
LYS N     H2     sing N N 196 
LYS CA    C      sing N N 197 
LYS CA    CB     sing N N 198 
LYS CA    HA     sing N N 199 
LYS C     O      doub N N 200 
LYS C     OXT    sing N N 201 
LYS CB    CG     sing N N 202 
LYS CB    HB2    sing N N 203 
LYS CB    HB3    sing N N 204 
LYS CG    CD     sing N N 205 
LYS CG    HG2    sing N N 206 
LYS CG    HG3    sing N N 207 
LYS CD    CE     sing N N 208 
LYS CD    HD2    sing N N 209 
LYS CD    HD3    sing N N 210 
LYS CE    NZ     sing N N 211 
LYS CE    HE2    sing N N 212 
LYS CE    HE3    sing N N 213 
LYS NZ    HZ1    sing N N 214 
LYS NZ    HZ2    sing N N 215 
LYS NZ    HZ3    sing N N 216 
LYS OXT   HXT    sing N N 217 
M7G PA    O1A    doub N N 218 
M7G PA    O2A    sing N N 219 
M7G PA    O3A    sing N N 220 
M7G PA    "O5'"  sing N N 221 
M7G O2A   HOA2   sing N N 222 
M7G O3A   PB     sing N N 223 
M7G "O5'" "C5'"  sing N N 224 
M7G PB    O1B    doub N N 225 
M7G PB    O2B    sing N N 226 
M7G PB    O3B    sing N N 227 
M7G O2B   HOB2   sing N N 228 
M7G O3B   HOB3   sing N N 229 
M7G "C5'" "C4'"  sing N N 230 
M7G "C5'" "H5'1" sing N N 231 
M7G "C5'" "H5'2" sing N N 232 
M7G "C4'" "O4'"  sing N N 233 
M7G "C4'" "C3'"  sing N N 234 
M7G "C4'" "H4'"  sing N N 235 
M7G "O4'" "C1'"  sing N N 236 
M7G "C3'" "O3'"  sing N N 237 
M7G "C3'" "C2'"  sing N N 238 
M7G "C3'" "H3'"  sing N N 239 
M7G "O3'" "HO3'" sing N N 240 
M7G "C2'" "O2'"  sing N N 241 
M7G "C2'" "C1'"  sing N N 242 
M7G "C2'" "H2'"  sing N N 243 
M7G "O2'" "HO2'" sing N N 244 
M7G "C1'" N9     sing N N 245 
M7G "C1'" "H1'"  sing N N 246 
M7G N9    C8     sing Y N 247 
M7G N9    C4     sing Y N 248 
M7G C8    N7     doub Y N 249 
M7G C8    H81    sing N N 250 
M7G N7    CM7    sing N N 251 
M7G N7    C5     sing Y N 252 
M7G CM7   HM71   sing N N 253 
M7G CM7   HM72   sing N N 254 
M7G CM7   HM73   sing N N 255 
M7G C5    C6     sing N N 256 
M7G C5    C4     doub Y N 257 
M7G C6    O6     doub N N 258 
M7G C6    N1     sing N N 259 
M7G N1    C2     sing N N 260 
M7G N1    HN1    sing N N 261 
M7G C2    N2     sing N N 262 
M7G C2    N3     doub N N 263 
M7G N2    HN21   sing N N 264 
M7G N2    HN22   sing N N 265 
M7G N3    C4     sing N N 266 
MET N     CA     sing N N 267 
MET N     H      sing N N 268 
MET N     H2     sing N N 269 
MET CA    C      sing N N 270 
MET CA    CB     sing N N 271 
MET CA    HA     sing N N 272 
MET C     O      doub N N 273 
MET C     OXT    sing N N 274 
MET CB    CG     sing N N 275 
MET CB    HB2    sing N N 276 
MET CB    HB3    sing N N 277 
MET CG    SD     sing N N 278 
MET CG    HG2    sing N N 279 
MET CG    HG3    sing N N 280 
MET SD    CE     sing N N 281 
MET CE    HE1    sing N N 282 
MET CE    HE2    sing N N 283 
MET CE    HE3    sing N N 284 
MET OXT   HXT    sing N N 285 
PHE N     CA     sing N N 286 
PHE N     H      sing N N 287 
PHE N     H2     sing N N 288 
PHE CA    C      sing N N 289 
PHE CA    CB     sing N N 290 
PHE CA    HA     sing N N 291 
PHE C     O      doub N N 292 
PHE C     OXT    sing N N 293 
PHE CB    CG     sing N N 294 
PHE CB    HB2    sing N N 295 
PHE CB    HB3    sing N N 296 
PHE CG    CD1    doub Y N 297 
PHE CG    CD2    sing Y N 298 
PHE CD1   CE1    sing Y N 299 
PHE CD1   HD1    sing N N 300 
PHE CD2   CE2    doub Y N 301 
PHE CD2   HD2    sing N N 302 
PHE CE1   CZ     doub Y N 303 
PHE CE1   HE1    sing N N 304 
PHE CE2   CZ     sing Y N 305 
PHE CE2   HE2    sing N N 306 
PHE CZ    HZ     sing N N 307 
PHE OXT   HXT    sing N N 308 
PRO N     CA     sing N N 309 
PRO N     CD     sing N N 310 
PRO N     H      sing N N 311 
PRO CA    C      sing N N 312 
PRO CA    CB     sing N N 313 
PRO CA    HA     sing N N 314 
PRO C     O      doub N N 315 
PRO C     OXT    sing N N 316 
PRO CB    CG     sing N N 317 
PRO CB    HB2    sing N N 318 
PRO CB    HB3    sing N N 319 
PRO CG    CD     sing N N 320 
PRO CG    HG2    sing N N 321 
PRO CG    HG3    sing N N 322 
PRO CD    HD2    sing N N 323 
PRO CD    HD3    sing N N 324 
PRO OXT   HXT    sing N N 325 
SER N     CA     sing N N 326 
SER N     H      sing N N 327 
SER N     H2     sing N N 328 
SER CA    C      sing N N 329 
SER CA    CB     sing N N 330 
SER CA    HA     sing N N 331 
SER C     O      doub N N 332 
SER C     OXT    sing N N 333 
SER CB    OG     sing N N 334 
SER CB    HB2    sing N N 335 
SER CB    HB3    sing N N 336 
SER OG    HG     sing N N 337 
SER OXT   HXT    sing N N 338 
THR N     CA     sing N N 339 
THR N     H      sing N N 340 
THR N     H2     sing N N 341 
THR CA    C      sing N N 342 
THR CA    CB     sing N N 343 
THR CA    HA     sing N N 344 
THR C     O      doub N N 345 
THR C     OXT    sing N N 346 
THR CB    OG1    sing N N 347 
THR CB    CG2    sing N N 348 
THR CB    HB     sing N N 349 
THR OG1   HG1    sing N N 350 
THR CG2   HG21   sing N N 351 
THR CG2   HG22   sing N N 352 
THR CG2   HG23   sing N N 353 
THR OXT   HXT    sing N N 354 
TRP N     CA     sing N N 355 
TRP N     H      sing N N 356 
TRP N     H2     sing N N 357 
TRP CA    C      sing N N 358 
TRP CA    CB     sing N N 359 
TRP CA    HA     sing N N 360 
TRP C     O      doub N N 361 
TRP C     OXT    sing N N 362 
TRP CB    CG     sing N N 363 
TRP CB    HB2    sing N N 364 
TRP CB    HB3    sing N N 365 
TRP CG    CD1    doub Y N 366 
TRP CG    CD2    sing Y N 367 
TRP CD1   NE1    sing Y N 368 
TRP CD1   HD1    sing N N 369 
TRP CD2   CE2    doub Y N 370 
TRP CD2   CE3    sing Y N 371 
TRP NE1   CE2    sing Y N 372 
TRP NE1   HE1    sing N N 373 
TRP CE2   CZ2    sing Y N 374 
TRP CE3   CZ3    doub Y N 375 
TRP CE3   HE3    sing N N 376 
TRP CZ2   CH2    doub Y N 377 
TRP CZ2   HZ2    sing N N 378 
TRP CZ3   CH2    sing Y N 379 
TRP CZ3   HZ3    sing N N 380 
TRP CH2   HH2    sing N N 381 
TRP OXT   HXT    sing N N 382 
TYR N     CA     sing N N 383 
TYR N     H      sing N N 384 
TYR N     H2     sing N N 385 
TYR CA    C      sing N N 386 
TYR CA    CB     sing N N 387 
TYR CA    HA     sing N N 388 
TYR C     O      doub N N 389 
TYR C     OXT    sing N N 390 
TYR CB    CG     sing N N 391 
TYR CB    HB2    sing N N 392 
TYR CB    HB3    sing N N 393 
TYR CG    CD1    doub Y N 394 
TYR CG    CD2    sing Y N 395 
TYR CD1   CE1    sing Y N 396 
TYR CD1   HD1    sing N N 397 
TYR CD2   CE2    doub Y N 398 
TYR CD2   HD2    sing N N 399 
TYR CE1   CZ     doub Y N 400 
TYR CE1   HE1    sing N N 401 
TYR CE2   CZ     sing Y N 402 
TYR CE2   HE2    sing N N 403 
TYR CZ    OH     sing N N 404 
TYR OH    HH     sing N N 405 
TYR OXT   HXT    sing N N 406 
VAL N     CA     sing N N 407 
VAL N     H      sing N N 408 
VAL N     H2     sing N N 409 
VAL CA    C      sing N N 410 
VAL CA    CB     sing N N 411 
VAL CA    HA     sing N N 412 
VAL C     O      doub N N 413 
VAL C     OXT    sing N N 414 
VAL CB    CG1    sing N N 415 
VAL CB    CG2    sing N N 416 
VAL CB    HB     sing N N 417 
VAL CG1   HG11   sing N N 418 
VAL CG1   HG12   sing N N 419 
VAL CG1   HG13   sing N N 420 
VAL CG2   HG21   sing N N 421 
VAL CG2   HG22   sing N N 422 
VAL CG2   HG23   sing N N 423 
VAL OXT   HXT    sing N N 424 
# 
_pdbx_initial_refinement_model.id               1 
_pdbx_initial_refinement_model.entity_id_list   ? 
_pdbx_initial_refinement_model.type             'experimental model' 
_pdbx_initial_refinement_model.source_name      PDB 
_pdbx_initial_refinement_model.accession_code   1EJ1 
_pdbx_initial_refinement_model.details          'PDB ENTRY 1EJ1' 
# 
_atom_sites.entry_id                    2IDV 
_atom_sites.fract_transf_matrix[1][1]   -0.02455605 
_atom_sites.fract_transf_matrix[1][2]   0.01515756 
_atom_sites.fract_transf_matrix[1][3]   -0.00929555 
_atom_sites.fract_transf_matrix[2][1]   -0.00854535 
_atom_sites.fract_transf_matrix[2][2]   -0.00530763 
_atom_sites.fract_transf_matrix[2][3]   0.01391949 
_atom_sites.fract_transf_matrix[3][1]   -0.00209823 
_atom_sites.fract_transf_matrix[3][2]   0.02691184 
_atom_sites.fract_transf_matrix[3][3]   0.00897359 
_atom_sites.fract_transf_vector[1]      0.286940 
_atom_sites.fract_transf_vector[2]      0.013030 
_atom_sites.fract_transf_vector[3]      0.228859 
# 
loop_
_atom_type.symbol 
C 
N 
O 
P 
S 
# 
loop_
_atom_site.group_PDB 
_atom_site.id 
_atom_site.type_symbol 
_atom_site.label_atom_id 
_atom_site.label_alt_id 
_atom_site.label_comp_id 
_atom_site.label_asym_id 
_atom_site.label_entity_id 
_atom_site.label_seq_id 
_atom_site.pdbx_PDB_ins_code 
_atom_site.Cartn_x 
_atom_site.Cartn_y 
_atom_site.Cartn_z 
_atom_site.occupancy 
_atom_site.B_iso_or_equiv 
_atom_site.pdbx_formal_charge 
_atom_site.auth_seq_id 
_atom_site.auth_comp_id 
_atom_site.auth_asym_id 
_atom_site.auth_atom_id 
_atom_site.pdbx_PDB_model_num 
ATOM   1    N N     . ALA A 1 1   ? 10.407  24.532  5.112   1.00 25.38 ? 39   ALA A N     1 
ATOM   2    C CA    . ALA A 1 1   ? 9.876   23.163  4.847   1.00 25.52 ? 39   ALA A CA    1 
ATOM   3    C C     . ALA A 1 1   ? 8.354   23.124  5.019   1.00 25.60 ? 39   ALA A C     1 
ATOM   4    O O     . ALA A 1 1   ? 7.800   23.838  5.849   1.00 26.97 ? 39   ALA A O     1 
ATOM   5    C CB    . ALA A 1 1   ? 10.550  22.156  5.792   1.00 24.07 ? 39   ALA A CB    1 
ATOM   6    N N     . HIS A 1 2   ? 7.683   22.292  4.227   1.00 25.88 ? 40   HIS A N     1 
ATOM   7    C CA    . HIS A 1 2   ? 6.232   22.166  4.299   1.00 26.75 ? 40   HIS A CA    1 
ATOM   8    C C     . HIS A 1 2   ? 5.852   20.918  5.088   1.00 25.13 ? 40   HIS A C     1 
ATOM   9    O O     . HIS A 1 2   ? 5.903   19.808  4.564   1.00 24.94 ? 40   HIS A O     1 
ATOM   10   C CB    . HIS A 1 2   ? 5.654   22.084  2.890   1.00 30.22 ? 40   HIS A CB    1 
ATOM   11   C CG    . HIS A 1 2   ? 5.861   23.324  2.081   1.00 33.85 ? 40   HIS A CG    1 
ATOM   12   N ND1   . HIS A 1 2   ? 7.083   23.950  1.979   1.00 35.51 ? 40   HIS A ND1   1 
ATOM   13   C CD2   . HIS A 1 2   ? 5.002   24.049  1.325   1.00 35.15 ? 40   HIS A CD2   1 
ATOM   14   C CE1   . HIS A 1 2   ? 6.968   25.009  1.196   1.00 36.44 ? 40   HIS A CE1   1 
ATOM   15   N NE2   . HIS A 1 2   ? 5.715   25.089  0.784   1.00 36.57 ? 40   HIS A NE2   1 
ATOM   16   N N     . PRO A 1 3   ? 5.464   21.091  6.363   1.00 24.03 ? 41   PRO A N     1 
ATOM   17   C CA    . PRO A 1 3   ? 5.079   19.973  7.234   1.00 23.69 ? 41   PRO A CA    1 
ATOM   18   C C     . PRO A 1 3   ? 3.822   19.239  6.792   1.00 23.12 ? 41   PRO A C     1 
ATOM   19   O O     . PRO A 1 3   ? 2.890   19.845  6.267   1.00 23.73 ? 41   PRO A O     1 
ATOM   20   C CB    . PRO A 1 3   ? 4.905   20.645  8.595   1.00 24.19 ? 41   PRO A CB    1 
ATOM   21   C CG    . PRO A 1 3   ? 4.384   22.001  8.218   1.00 24.80 ? 41   PRO A CG    1 
ATOM   22   C CD    . PRO A 1 3   ? 5.285   22.377  7.062   1.00 24.11 ? 41   PRO A CD    1 
ATOM   23   N N     . LEU A 1 4   ? 3.810   17.926  7.012   1.00 21.92 ? 42   LEU A N     1 
ATOM   24   C CA    . LEU A 1 4   ? 2.672   17.087  6.656   1.00 20.30 ? 42   LEU A CA    1 
ATOM   25   C C     . LEU A 1 4   ? 1.759   16.977  7.863   1.00 19.59 ? 42   LEU A C     1 
ATOM   26   O O     . LEU A 1 4   ? 2.164   17.268  8.979   1.00 19.18 ? 42   LEU A O     1 
ATOM   27   C CB    . LEU A 1 4   ? 3.163   15.689  6.255   1.00 18.70 ? 42   LEU A CB    1 
ATOM   28   C CG    . LEU A 1 4   ? 4.163   15.620  5.100   1.00 17.90 ? 42   LEU A CG    1 
ATOM   29   C CD1   . LEU A 1 4   ? 4.763   14.209  5.016   1.00 16.32 ? 42   LEU A CD1   1 
ATOM   30   C CD2   . LEU A 1 4   ? 3.463   16.041  3.801   1.00 15.08 ? 42   LEU A CD2   1 
ATOM   31   N N     . GLU A 1 5   ? 0.520   16.547  7.632   1.00 20.72 ? 43   GLU A N     1 
ATOM   32   C CA    . GLU A 1 5   ? -0.445  16.394  8.712   1.00 21.71 ? 43   GLU A CA    1 
ATOM   33   C C     . GLU A 1 5   ? -0.112  15.162  9.559   1.00 22.06 ? 43   GLU A C     1 
ATOM   34   O O     . GLU A 1 5   ? -0.370  15.132  10.769  1.00 23.07 ? 43   GLU A O     1 
ATOM   35   C CB    A GLU A 1 5   ? -1.859  16.279  8.128   0.50 22.72 ? 43   GLU A CB    1 
ATOM   36   C CB    B GLU A 1 5   ? -1.860  16.248  8.146   0.50 20.63 ? 43   GLU A CB    1 
ATOM   37   C CG    A GLU A 1 5   ? -2.278  17.537  7.363   0.50 25.69 ? 43   GLU A CG    1 
ATOM   38   C CG    B GLU A 1 5   ? -2.894  17.202  8.728   0.50 21.56 ? 43   GLU A CG    1 
ATOM   39   C CD    A GLU A 1 5   ? -3.679  17.458  6.782   0.50 25.33 ? 43   GLU A CD    1 
ATOM   40   C CD    B GLU A 1 5   ? -3.468  16.749  10.056  0.50 20.34 ? 43   GLU A CD    1 
ATOM   41   O OE1   A GLU A 1 5   ? -4.640  17.249  7.554   0.50 26.43 ? 43   GLU A OE1   1 
ATOM   42   O OE1   B GLU A 1 5   ? -2.719  16.632  11.049  0.50 20.11 ? 43   GLU A OE1   1 
ATOM   43   O OE2   A GLU A 1 5   ? -3.818  17.618  5.553   0.50 25.26 ? 43   GLU A OE2   1 
ATOM   44   O OE2   B GLU A 1 5   ? -4.691  16.506  10.103  0.50 22.67 ? 43   GLU A OE2   1 
ATOM   45   N N     . ASN A 1 6   ? 0.483   14.154  8.915   1.00 20.26 ? 44   ASN A N     1 
ATOM   46   C CA    . ASN A 1 6   ? 0.868   12.913  9.588   1.00 18.86 ? 44   ASN A CA    1 
ATOM   47   C C     . ASN A 1 6   ? 2.281   12.476  9.208   1.00 17.95 ? 44   ASN A C     1 
ATOM   48   O O     . ASN A 1 6   ? 2.755   12.758  8.105   1.00 18.71 ? 44   ASN A O     1 
ATOM   49   C CB    . ASN A 1 6   ? -0.088  11.780  9.227   1.00 17.93 ? 44   ASN A CB    1 
ATOM   50   C CG    . ASN A 1 6   ? -1.362  11.811  10.044  1.00 19.13 ? 44   ASN A CG    1 
ATOM   51   O OD1   . ASN A 1 6   ? -1.326  11.732  11.269  1.00 17.80 ? 44   ASN A OD1   1 
ATOM   52   N ND2   . ASN A 1 6   ? -2.501  11.925  9.364   1.00 18.63 ? 44   ASN A ND2   1 
ATOM   53   N N     . ALA A 1 7   ? 2.950   11.785  10.124  1.00 16.00 ? 45   ALA A N     1 
ATOM   54   C CA    . ALA A 1 7   ? 4.302   11.301  9.870   1.00 14.82 ? 45   ALA A CA    1 
ATOM   55   C C     . ALA A 1 7   ? 4.156   9.996   9.117   1.00 14.32 ? 45   ALA A C     1 
ATOM   56   O O     . ALA A 1 7   ? 3.154   9.290   9.267   1.00 12.41 ? 45   ALA A O     1 
ATOM   57   C CB    . ALA A 1 7   ? 5.048   11.067  11.186  1.00 13.20 ? 45   ALA A CB    1 
ATOM   58   N N     . TRP A 1 8   ? 5.136   9.679   8.284   1.00 12.39 ? 46   TRP A N     1 
ATOM   59   C CA    . TRP A 1 8   ? 5.059   8.440   7.547   1.00 11.18 ? 46   TRP A CA    1 
ATOM   60   C C     . TRP A 1 8   ? 6.363   7.677   7.585   1.00 11.53 ? 46   TRP A C     1 
ATOM   61   O O     . TRP A 1 8   ? 7.445   8.254   7.705   1.00 11.35 ? 46   TRP A O     1 
ATOM   62   C CB    . TRP A 1 8   ? 4.629   8.696   6.095   1.00 10.18 ? 46   TRP A CB    1 
ATOM   63   C CG    . TRP A 1 8   ? 3.308   9.422   5.967   1.00 11.69 ? 46   TRP A CG    1 
ATOM   64   C CD1   . TRP A 1 8   ? 3.071   10.752  6.191   1.00 9.52  ? 46   TRP A CD1   1 
ATOM   65   C CD2   . TRP A 1 8   ? 2.040   8.849   5.596   1.00 10.26 ? 46   TRP A CD2   1 
ATOM   66   N NE1   . TRP A 1 8   ? 1.735   11.039  5.983   1.00 8.83  ? 46   TRP A NE1   1 
ATOM   67   C CE2   . TRP A 1 8   ? 1.084   9.893   5.614   1.00 8.67  ? 46   TRP A CE2   1 
ATOM   68   C CE3   . TRP A 1 8   ? 1.618   7.557   5.254   1.00 10.00 ? 46   TRP A CE3   1 
ATOM   69   C CZ2   . TRP A 1 8   ? -0.264  9.684   5.299   1.00 8.94  ? 46   TRP A CZ2   1 
ATOM   70   C CZ3   . TRP A 1 8   ? 0.277   7.349   4.944   1.00 10.97 ? 46   TRP A CZ3   1 
ATOM   71   C CH2   . TRP A 1 8   ? -0.650  8.412   4.968   1.00 9.67  ? 46   TRP A CH2   1 
ATOM   72   N N     . THR A 1 9   ? 6.251   6.361   7.495   1.00 12.52 ? 47   THR A N     1 
ATOM   73   C CA    . THR A 1 9   ? 7.430   5.523   7.514   1.00 13.52 ? 47   THR A CA    1 
ATOM   74   C C     . THR A 1 9   ? 7.484   4.604   6.308   1.00 15.01 ? 47   THR A C     1 
ATOM   75   O O     . THR A 1 9   ? 6.518   3.902   6.003   1.00 13.10 ? 47   THR A O     1 
ATOM   76   C CB    . THR A 1 9   ? 7.480   4.662   8.796   1.00 13.28 ? 47   THR A CB    1 
ATOM   77   O OG1   . THR A 1 9   ? 7.503   5.518   9.947   1.00 15.33 ? 47   THR A OG1   1 
ATOM   78   C CG2   . THR A 1 9   ? 8.739   3.764   8.792   1.00 14.04 ? 47   THR A CG2   1 
ATOM   79   N N     . PHE A 1 10  ? 8.620   4.634   5.617   1.00 15.94 ? 48   PHE A N     1 
ATOM   80   C CA    . PHE A 1 10  ? 8.849   3.765   4.471   1.00 15.10 ? 48   PHE A CA    1 
ATOM   81   C C     . PHE A 1 10  ? 9.286   2.421   5.033   1.00 16.91 ? 48   PHE A C     1 
ATOM   82   O O     . PHE A 1 10  ? 10.071  2.369   5.987   1.00 18.02 ? 48   PHE A O     1 
ATOM   83   C CB    . PHE A 1 10  ? 9.978   4.309   3.586   1.00 15.82 ? 48   PHE A CB    1 
ATOM   84   C CG    . PHE A 1 10  ? 9.532   5.334   2.587   1.00 15.51 ? 48   PHE A CG    1 
ATOM   85   C CD1   . PHE A 1 10  ? 8.532   5.030   1.673   1.00 15.37 ? 48   PHE A CD1   1 
ATOM   86   C CD2   . PHE A 1 10  ? 10.124  6.594   2.539   1.00 13.95 ? 48   PHE A CD2   1 
ATOM   87   C CE1   . PHE A 1 10  ? 8.122   5.953   0.727   1.00 18.43 ? 48   PHE A CE1   1 
ATOM   88   C CE2   . PHE A 1 10  ? 9.719   7.534   1.589   1.00 15.76 ? 48   PHE A CE2   1 
ATOM   89   C CZ    . PHE A 1 10  ? 8.716   7.212   0.679   1.00 16.46 ? 48   PHE A CZ    1 
ATOM   90   N N     . TRP A 1 11  ? 8.771   1.336   4.467   1.00 15.81 ? 49   TRP A N     1 
ATOM   91   C CA    . TRP A 1 11  ? 9.177   0.016   4.921   1.00 16.10 ? 49   TRP A CA    1 
ATOM   92   C C     . TRP A 1 11  ? 9.710   -0.745  3.721   1.00 17.35 ? 49   TRP A C     1 
ATOM   93   O O     . TRP A 1 11  ? 9.463   -0.369  2.571   1.00 17.40 ? 49   TRP A O     1 
ATOM   94   C CB    . TRP A 1 11  ? 8.006   -0.741  5.551   1.00 16.76 ? 49   TRP A CB    1 
ATOM   95   C CG    . TRP A 1 11  ? 7.546   -0.182  6.880   1.00 17.20 ? 49   TRP A CG    1 
ATOM   96   C CD1   . TRP A 1 11  ? 6.917   1.012   7.097   1.00 16.96 ? 49   TRP A CD1   1 
ATOM   97   C CD2   . TRP A 1 11  ? 7.650   -0.815  8.155   1.00 17.73 ? 49   TRP A CD2   1 
ATOM   98   N NE1   . TRP A 1 11  ? 6.615   1.157   8.432   1.00 16.21 ? 49   TRP A NE1   1 
ATOM   99   C CE2   . TRP A 1 11  ? 7.056   0.050   9.105   1.00 17.79 ? 49   TRP A CE2   1 
ATOM   100  C CE3   . TRP A 1 11  ? 8.187   -2.033  8.592   1.00 19.19 ? 49   TRP A CE3   1 
ATOM   101  C CZ2   . TRP A 1 11  ? 6.986   -0.269  10.462  1.00 18.08 ? 49   TRP A CZ2   1 
ATOM   102  C CZ3   . TRP A 1 11  ? 8.117   -2.346  9.942   1.00 17.43 ? 49   TRP A CZ3   1 
ATOM   103  C CH2   . TRP A 1 11  ? 7.522   -1.468  10.859  1.00 17.58 ? 49   TRP A CH2   1 
ATOM   104  N N     . PHE A 1 12  ? 10.447  -1.813  3.987   1.00 17.13 ? 50   PHE A N     1 
ATOM   105  C CA    . PHE A 1 12  ? 11.015  -2.597  2.901   1.00 17.85 ? 50   PHE A CA    1 
ATOM   106  C C     . PHE A 1 12  ? 11.265  -4.017  3.345   1.00 18.88 ? 50   PHE A C     1 
ATOM   107  O O     . PHE A 1 12  ? 11.523  -4.284  4.519   1.00 17.77 ? 50   PHE A O     1 
ATOM   108  C CB    . PHE A 1 12  ? 12.340  -1.987  2.442   1.00 17.51 ? 50   PHE A CB    1 
ATOM   109  C CG    . PHE A 1 12  ? 12.890  -2.595  1.177   1.00 16.28 ? 50   PHE A CG    1 
ATOM   110  C CD1   . PHE A 1 12  ? 12.178  -2.512  -0.019  1.00 14.17 ? 50   PHE A CD1   1 
ATOM   111  C CD2   . PHE A 1 12  ? 14.130  -3.228  1.173   1.00 13.73 ? 50   PHE A CD2   1 
ATOM   112  C CE1   . PHE A 1 12  ? 12.693  -3.049  -1.203  1.00 15.04 ? 50   PHE A CE1   1 
ATOM   113  C CE2   . PHE A 1 12  ? 14.653  -3.768  -0.008  1.00 15.63 ? 50   PHE A CE2   1 
ATOM   114  C CZ    . PHE A 1 12  ? 13.934  -3.679  -1.195  1.00 15.92 ? 50   PHE A CZ    1 
ATOM   115  N N     . ASP A 1 13  ? 11.199  -4.936  2.396   1.00 20.63 ? 51   ASP A N     1 
ATOM   116  C CA    . ASP A 1 13  ? 11.433  -6.336  2.704   1.00 22.04 ? 51   ASP A CA    1 
ATOM   117  C C     . ASP A 1 13  ? 11.710  -7.070  1.404   1.00 21.53 ? 51   ASP A C     1 
ATOM   118  O O     . ASP A 1 13  ? 10.821  -7.209  0.567   1.00 22.22 ? 51   ASP A O     1 
ATOM   119  C CB    . ASP A 1 13  ? 10.207  -6.932  3.416   1.00 23.96 ? 51   ASP A CB    1 
ATOM   120  C CG    . ASP A 1 13  ? 10.436  -8.363  3.882   1.00 26.95 ? 51   ASP A CG    1 
ATOM   121  O OD1   . ASP A 1 13  ? 11.575  -8.671  4.300   1.00 27.63 ? 51   ASP A OD1   1 
ATOM   122  O OD2   . ASP A 1 13  ? 9.482   -9.172  3.848   1.00 26.22 ? 51   ASP A OD2   1 
ATOM   123  N N     . ASN A 1 14  ? 12.959  -7.504  1.238   1.00 19.79 ? 52   ASN A N     1 
ATOM   124  C CA    . ASN A 1 14  ? 13.382  -8.239  0.058   1.00 20.83 ? 52   ASN A CA    1 
ATOM   125  C C     . ASN A 1 14  ? 13.738  -9.683  0.443   1.00 20.55 ? 52   ASN A C     1 
ATOM   126  O O     . ASN A 1 14  ? 14.838  -9.945  0.922   1.00 21.36 ? 52   ASN A O     1 
ATOM   127  C CB    . ASN A 1 14  ? 14.605  -7.564  -0.571  1.00 21.88 ? 52   ASN A CB    1 
ATOM   128  C CG    . ASN A 1 14  ? 15.047  -8.236  -1.861  1.00 24.12 ? 52   ASN A CG    1 
ATOM   129  O OD1   . ASN A 1 14  ? 16.151  -7.994  -2.352  1.00 24.52 ? 52   ASN A OD1   1 
ATOM   130  N ND2   . ASN A 1 14  ? 14.182  -9.071  -2.423  1.00 23.34 ? 52   ASN A ND2   1 
ATOM   131  N N     . PRO A 1 15  ? 12.808  -10.635 0.250   1.00 19.58 ? 53   PRO A N     1 
ATOM   132  C CA    . PRO A 1 15  ? 13.014  -12.051 0.575   1.00 19.73 ? 53   PRO A CA    1 
ATOM   133  C C     . PRO A 1 15  ? 14.316  -12.611 0.003   1.00 21.40 ? 53   PRO A C     1 
ATOM   134  O O     . PRO A 1 15  ? 14.855  -13.605 0.505   1.00 22.71 ? 53   PRO A O     1 
ATOM   135  C CB    . PRO A 1 15  ? 11.805  -12.724 -0.052  1.00 18.81 ? 53   PRO A CB    1 
ATOM   136  C CG    . PRO A 1 15  ? 10.751  -11.699 0.081   1.00 21.33 ? 53   PRO A CG    1 
ATOM   137  C CD    . PRO A 1 15  ? 11.462  -10.424 -0.305  1.00 20.21 ? 53   PRO A CD    1 
ATOM   138  N N     . GLN A 1 16  ? 14.814  -11.989 -1.059  1.00 21.67 ? 54   GLN A N     1 
ATOM   139  C CA    . GLN A 1 16  ? 16.043  -12.462 -1.700  1.00 23.70 ? 54   GLN A CA    1 
ATOM   140  C C     . GLN A 1 16  ? 15.881  -13.871 -2.276  1.00 21.56 ? 54   GLN A C     1 
ATOM   141  O O     . GLN A 1 16  ? 16.812  -14.665 -2.259  1.00 19.04 ? 54   GLN A O     1 
ATOM   142  C CB    . GLN A 1 16  ? 17.203  -12.455 -0.700  1.00 25.13 ? 54   GLN A CB    1 
ATOM   143  C CG    . GLN A 1 16  ? 17.653  -11.077 -0.253  1.00 31.02 ? 54   GLN A CG    1 
ATOM   144  C CD    . GLN A 1 16  ? 19.055  -10.742 -0.729  1.00 35.11 ? 54   GLN A CD    1 
ATOM   145  O OE1   . GLN A 1 16  ? 19.987  -11.534 -0.563  1.00 36.60 ? 54   GLN A OE1   1 
ATOM   146  N NE2   . GLN A 1 16  ? 19.216  -9.560  -1.311  1.00 34.66 ? 54   GLN A NE2   1 
ATOM   147  N N     . GLY A 1 17  ? 14.691  -14.188 -2.777  1.00 21.47 ? 55   GLY A N     1 
ATOM   148  C CA    . GLY A 1 17  ? 14.472  -15.507 -3.338  1.00 20.90 ? 55   GLY A CA    1 
ATOM   149  C C     . GLY A 1 17  ? 13.773  -16.493 -2.413  1.00 20.42 ? 55   GLY A C     1 
ATOM   150  O O     . GLY A 1 17  ? 13.092  -17.404 -2.887  1.00 18.62 ? 55   GLY A O     1 
ATOM   151  N N     . LYS A 1 18  ? 13.940  -16.318 -1.103  1.00 19.53 ? 56   LYS A N     1 
ATOM   152  C CA    . LYS A 1 18  ? 13.315  -17.197 -0.119  1.00 20.29 ? 56   LYS A CA    1 
ATOM   153  C C     . LYS A 1 18  ? 11.799  -17.237 -0.310  1.00 21.10 ? 56   LYS A C     1 
ATOM   154  O O     . LYS A 1 18  ? 11.191  -16.280 -0.795  1.00 20.40 ? 56   LYS A O     1 
ATOM   155  C CB    . LYS A 1 18  ? 13.617  -16.721 1.309   1.00 21.55 ? 56   LYS A CB    1 
ATOM   156  C CG    . LYS A 1 18  ? 12.694  -15.600 1.800   1.00 21.20 ? 56   LYS A CG    1 
ATOM   157  C CD    . LYS A 1 18  ? 12.954  -15.197 3.255   1.00 21.09 ? 56   LYS A CD    1 
ATOM   158  C CE    . LYS A 1 18  ? 12.061  -14.022 3.674   1.00 17.88 ? 56   LYS A CE    1 
ATOM   159  N NZ    . LYS A 1 18  ? 12.460  -13.415 4.977   1.00 14.56 ? 56   LYS A NZ    1 
ATOM   160  N N     . SER A 1 19  ? 11.191  -18.350 0.077   1.00 21.87 ? 57   SER A N     1 
ATOM   161  C CA    . SER A 1 19  ? 9.753   -18.498 -0.041  1.00 21.18 ? 57   SER A CA    1 
ATOM   162  C C     . SER A 1 19  ? 9.099   -17.494 0.884   1.00 22.39 ? 57   SER A C     1 
ATOM   163  O O     . SER A 1 19  ? 9.667   -17.147 1.918   1.00 21.56 ? 57   SER A O     1 
ATOM   164  C CB    . SER A 1 19  ? 9.338   -19.904 0.366   1.00 20.35 ? 57   SER A CB    1 
ATOM   165  O OG    . SER A 1 19  ? 7.956   -20.097 0.122   1.00 19.97 ? 57   SER A OG    1 
ATOM   166  N N     . ARG A 1 20  ? 7.904   -17.034 0.521   1.00 24.21 ? 58   ARG A N     1 
ATOM   167  C CA    . ARG A 1 20  ? 7.164   -16.059 1.331   1.00 24.92 ? 58   ARG A CA    1 
ATOM   168  C C     . ARG A 1 20  ? 6.112   -16.730 2.222   1.00 25.03 ? 58   ARG A C     1 
ATOM   169  O O     . ARG A 1 20  ? 5.480   -16.077 3.056   1.00 23.60 ? 58   ARG A O     1 
ATOM   170  C CB    . ARG A 1 20  ? 6.506   -15.013 0.415   1.00 25.00 ? 58   ARG A CB    1 
ATOM   171  C CG    . ARG A 1 20  ? 7.484   -13.943 -0.078  1.00 26.05 ? 58   ARG A CG    1 
ATOM   172  C CD    . ARG A 1 20  ? 6.832   -12.857 -0.929  1.00 23.61 ? 58   ARG A CD    1 
ATOM   173  N NE    . ARG A 1 20  ? 6.878   -13.183 -2.348  1.00 26.80 ? 58   ARG A NE    1 
ATOM   174  C CZ    . ARG A 1 20  ? 6.065   -14.041 -2.954  1.00 27.07 ? 58   ARG A CZ    1 
ATOM   175  N NH1   . ARG A 1 20  ? 5.119   -14.668 -2.275  1.00 30.86 ? 58   ARG A NH1   1 
ATOM   176  N NH2   . ARG A 1 20  ? 6.217   -14.284 -4.250  1.00 24.03 ? 58   ARG A NH2   1 
ATOM   177  N N     . GLN A 1 21  ? 5.952   -18.041 2.056   1.00 24.19 ? 59   GLN A N     1 
ATOM   178  C CA    . GLN A 1 21  ? 4.985   -18.792 2.842   1.00 23.02 ? 59   GLN A CA    1 
ATOM   179  C C     . GLN A 1 21  ? 5.553   -19.174 4.196   1.00 21.51 ? 59   GLN A C     1 
ATOM   180  O O     . GLN A 1 21  ? 4.810   -19.427 5.132   1.00 23.61 ? 59   GLN A O     1 
ATOM   181  C CB    . GLN A 1 21  ? 4.553   -20.057 2.104   1.00 24.00 ? 59   GLN A CB    1 
ATOM   182  C CG    . GLN A 1 21  ? 4.153   -19.833 0.651   1.00 27.37 ? 59   GLN A CG    1 
ATOM   183  C CD    . GLN A 1 21  ? 3.050   -18.800 0.478   1.00 28.61 ? 59   GLN A CD    1 
ATOM   184  O OE1   . GLN A 1 21  ? 1.993   -18.886 1.108   1.00 28.85 ? 59   GLN A OE1   1 
ATOM   185  N NE2   . GLN A 1 21  ? 3.287   -17.826 -0.394  1.00 27.79 ? 59   GLN A NE2   1 
ATOM   186  N N     . VAL A 1 22  ? 6.874   -19.211 4.314   1.00 21.47 ? 60   VAL A N     1 
ATOM   187  C CA    . VAL A 1 22  ? 7.464   -19.583 5.592   1.00 20.36 ? 60   VAL A CA    1 
ATOM   188  C C     . VAL A 1 22  ? 8.025   -18.373 6.342   1.00 19.66 ? 60   VAL A C     1 
ATOM   189  O O     . VAL A 1 22  ? 8.761   -17.566 5.781   1.00 17.52 ? 60   VAL A O     1 
ATOM   190  C CB    . VAL A 1 22  ? 8.587   -20.659 5.414   1.00 20.78 ? 60   VAL A CB    1 
ATOM   191  C CG1   . VAL A 1 22  ? 8.352   -21.469 4.139   1.00 19.78 ? 60   VAL A CG1   1 
ATOM   192  C CG2   . VAL A 1 22  ? 9.944   -20.007 5.392   1.00 19.88 ? 60   VAL A CG2   1 
ATOM   193  N N     . ALA A 1 23  ? 7.660   -18.244 7.614   1.00 21.49 ? 61   ALA A N     1 
ATOM   194  C CA    . ALA A 1 23  ? 8.146   -17.142 8.438   1.00 21.73 ? 61   ALA A CA    1 
ATOM   195  C C     . ALA A 1 23  ? 8.037   -15.814 7.671   1.00 22.15 ? 61   ALA A C     1 
ATOM   196  O O     . ALA A 1 23  ? 9.019   -15.094 7.492   1.00 22.15 ? 61   ALA A O     1 
ATOM   197  C CB    . ALA A 1 23  ? 9.609   -17.419 8.842   1.00 21.64 ? 61   ALA A CB    1 
ATOM   198  N N     . TRP A 1 24  ? 6.827   -15.498 7.221   1.00 23.40 ? 62   TRP A N     1 
ATOM   199  C CA    . TRP A 1 24  ? 6.598   -14.275 6.466   1.00 23.89 ? 62   TRP A CA    1 
ATOM   200  C C     . TRP A 1 24  ? 7.026   -13.024 7.219   1.00 23.74 ? 62   TRP A C     1 
ATOM   201  O O     . TRP A 1 24  ? 6.906   -12.950 8.438   1.00 24.49 ? 62   TRP A O     1 
ATOM   202  C CB    . TRP A 1 24  ? 5.120   -14.139 6.089   1.00 24.02 ? 62   TRP A CB    1 
ATOM   203  C CG    . TRP A 1 24  ? 4.837   -12.846 5.399   1.00 24.82 ? 62   TRP A CG    1 
ATOM   204  C CD1   . TRP A 1 24  ? 4.988   -12.568 4.070   1.00 24.42 ? 62   TRP A CD1   1 
ATOM   205  C CD2   . TRP A 1 24  ? 4.434   -11.619 6.023   1.00 25.10 ? 62   TRP A CD2   1 
ATOM   206  N NE1   . TRP A 1 24  ? 4.702   -11.241 3.826   1.00 24.85 ? 62   TRP A NE1   1 
ATOM   207  C CE2   . TRP A 1 24  ? 4.361   -10.638 5.010   1.00 26.07 ? 62   TRP A CE2   1 
ATOM   208  C CE3   . TRP A 1 24  ? 4.131   -11.257 7.342   1.00 23.93 ? 62   TRP A CE3   1 
ATOM   209  C CZ2   . TRP A 1 24  ? 3.994   -9.308  5.278   1.00 27.35 ? 62   TRP A CZ2   1 
ATOM   210  C CZ3   . TRP A 1 24  ? 3.767   -9.938  7.611   1.00 26.42 ? 62   TRP A CZ3   1 
ATOM   211  C CH2   . TRP A 1 24  ? 3.702   -8.981  6.582   1.00 26.64 ? 62   TRP A CH2   1 
ATOM   212  N N     . GLY A 1 25  ? 7.526   -12.043 6.475   1.00 24.08 ? 63   GLY A N     1 
ATOM   213  C CA    . GLY A 1 25  ? 7.951   -10.787 7.066   1.00 23.25 ? 63   GLY A CA    1 
ATOM   214  C C     . GLY A 1 25  ? 8.867   -10.859 8.276   1.00 22.87 ? 63   GLY A C     1 
ATOM   215  O O     . GLY A 1 25  ? 8.809   -9.975  9.131   1.00 23.05 ? 63   GLY A O     1 
ATOM   216  N N     . SER A 1 26  ? 9.703   -11.889 8.373   1.00 21.25 ? 64   SER A N     1 
ATOM   217  C CA    . SER A 1 26  ? 10.624  -11.984 9.505   1.00 20.68 ? 64   SER A CA    1 
ATOM   218  C C     . SER A 1 26  ? 11.727  -10.930 9.322   1.00 20.25 ? 64   SER A C     1 
ATOM   219  O O     . SER A 1 26  ? 12.449  -10.585 10.258  1.00 19.41 ? 64   SER A O     1 
ATOM   220  C CB    . SER A 1 26  ? 11.246  -13.385 9.580   1.00 21.68 ? 64   SER A CB    1 
ATOM   221  O OG    . SER A 1 26  ? 12.120  -13.631 8.482   1.00 22.47 ? 64   SER A OG    1 
ATOM   222  N N     . THR A 1 27  ? 11.833  -10.411 8.103   1.00 18.83 ? 65   THR A N     1 
ATOM   223  C CA    . THR A 1 27  ? 12.835  -9.413  7.795   1.00 19.68 ? 65   THR A CA    1 
ATOM   224  C C     . THR A 1 27  ? 12.265  -8.050  7.435   1.00 20.47 ? 65   THR A C     1 
ATOM   225  O O     . THR A 1 27  ? 13.031  -7.130  7.152   1.00 21.79 ? 65   THR A O     1 
ATOM   226  C CB    . THR A 1 27  ? 13.750  -9.860  6.630   1.00 18.84 ? 65   THR A CB    1 
ATOM   227  O OG1   . THR A 1 27  ? 12.955  -10.461 5.605   1.00 18.12 ? 65   THR A OG1   1 
ATOM   228  C CG2   . THR A 1 27  ? 14.794  -10.857 7.097   1.00 18.78 ? 65   THR A CG2   1 
ATOM   229  N N     . ILE A 1 28  ? 10.939  -7.911  7.408   1.00 20.95 ? 66   ILE A N     1 
ATOM   230  C CA    . ILE A 1 28  ? 10.331  -6.618  7.075   1.00 20.07 ? 66   ILE A CA    1 
ATOM   231  C C     . ILE A 1 28  ? 10.906  -5.656  8.075   1.00 19.24 ? 66   ILE A C     1 
ATOM   232  O O     . ILE A 1 28  ? 11.003  -5.977  9.260   1.00 19.65 ? 66   ILE A O     1 
ATOM   233  C CB    . ILE A 1 28  ? 8.802   -6.603  7.268   1.00 20.87 ? 66   ILE A CB    1 
ATOM   234  C CG1   . ILE A 1 28  ? 8.463   -7.075  8.681   1.00 23.08 ? 66   ILE A CG1   1 
ATOM   235  C CG2   . ILE A 1 28  ? 8.136   -7.474  6.239   1.00 22.84 ? 66   ILE A CG2   1 
ATOM   236  C CD1   . ILE A 1 28  ? 6.979   -7.113  9.008   1.00 27.29 ? 66   ILE A CD1   1 
ATOM   237  N N     . HIS A 1 29  ? 11.285  -4.477  7.606   1.00 19.00 ? 67   HIS A N     1 
ATOM   238  C CA    . HIS A 1 29  ? 11.874  -3.479  8.495   1.00 18.53 ? 67   HIS A CA    1 
ATOM   239  C C     . HIS A 1 29  ? 11.625  -2.055  8.004   1.00 18.62 ? 67   HIS A C     1 
ATOM   240  O O     . HIS A 1 29  ? 11.435  -1.829  6.803   1.00 17.40 ? 67   HIS A O     1 
ATOM   241  C CB    . HIS A 1 29  ? 13.380  -3.727  8.597   1.00 16.05 ? 67   HIS A CB    1 
ATOM   242  C CG    . HIS A 1 29  ? 14.084  -3.674  7.279   1.00 17.62 ? 67   HIS A CG    1 
ATOM   243  N ND1   . HIS A 1 29  ? 13.930  -4.644  6.310   1.00 17.85 ? 67   HIS A ND1   1 
ATOM   244  C CD2   . HIS A 1 29  ? 14.900  -2.733  6.740   1.00 18.25 ? 67   HIS A CD2   1 
ATOM   245  C CE1   . HIS A 1 29  ? 14.616  -4.302  5.233   1.00 18.52 ? 67   HIS A CE1   1 
ATOM   246  N NE2   . HIS A 1 29  ? 15.211  -3.148  5.465   1.00 19.38 ? 67   HIS A NE2   1 
ATOM   247  N N     . PRO A 1 30  ? 11.605  -1.080  8.931   1.00 18.28 ? 68   PRO A N     1 
ATOM   248  C CA    . PRO A 1 30  ? 11.384  0.323   8.571   1.00 20.52 ? 68   PRO A CA    1 
ATOM   249  C C     . PRO A 1 30  ? 12.652  0.837   7.903   1.00 22.65 ? 68   PRO A C     1 
ATOM   250  O O     . PRO A 1 30  ? 13.745  0.319   8.153   1.00 22.95 ? 68   PRO A O     1 
ATOM   251  C CB    . PRO A 1 30  ? 11.135  0.994   9.918   1.00 19.88 ? 68   PRO A CB    1 
ATOM   252  C CG    . PRO A 1 30  ? 11.996  0.178   10.854  1.00 19.66 ? 68   PRO A CG    1 
ATOM   253  C CD    . PRO A 1 30  ? 11.672  -1.234  10.394  1.00 19.57 ? 68   PRO A CD    1 
ATOM   254  N N     . ILE A 1 31  ? 12.510  1.857   7.061   1.00 23.70 ? 69   ILE A N     1 
ATOM   255  C CA    . ILE A 1 31  ? 13.646  2.420   6.351   1.00 23.66 ? 69   ILE A CA    1 
ATOM   256  C C     . ILE A 1 31  ? 13.866  3.885   6.688   1.00 22.79 ? 69   ILE A C     1 
ATOM   257  O O     . ILE A 1 31  ? 14.955  4.263   7.111   1.00 20.97 ? 69   ILE A O     1 
ATOM   258  C CB    . ILE A 1 31  ? 13.464  2.270   4.823   1.00 24.86 ? 69   ILE A CB    1 
ATOM   259  C CG1   . ILE A 1 31  ? 13.473  0.792   4.449   1.00 27.42 ? 69   ILE A CG1   1 
ATOM   260  C CG2   . ILE A 1 31  ? 14.593  2.954   4.086   1.00 28.00 ? 69   ILE A CG2   1 
ATOM   261  C CD1   . ILE A 1 31  ? 14.738  0.045   4.884   1.00 27.60 ? 69   ILE A CD1   1 
ATOM   262  N N     . HIS A 1 32  ? 12.830  4.700   6.500   1.00 23.29 ? 70   HIS A N     1 
ATOM   263  C CA    . HIS A 1 32  ? 12.907  6.136   6.771   1.00 22.48 ? 70   HIS A CA    1 
ATOM   264  C C     . HIS A 1 32  ? 11.584  6.730   7.249   1.00 20.99 ? 70   HIS A C     1 
ATOM   265  O O     . HIS A 1 32  ? 10.506  6.307   6.833   1.00 20.60 ? 70   HIS A O     1 
ATOM   266  C CB    . HIS A 1 32  ? 13.343  6.887   5.509   1.00 26.04 ? 70   HIS A CB    1 
ATOM   267  C CG    . HIS A 1 32  ? 14.685  6.487   4.987   1.00 30.74 ? 70   HIS A CG    1 
ATOM   268  N ND1   . HIS A 1 32  ? 15.833  6.551   5.752   1.00 33.17 ? 70   HIS A ND1   1 
ATOM   269  C CD2   . HIS A 1 32  ? 15.075  6.045   3.767   1.00 31.88 ? 70   HIS A CD2   1 
ATOM   270  C CE1   . HIS A 1 32  ? 16.870  6.167   5.022   1.00 33.64 ? 70   HIS A CE1   1 
ATOM   271  N NE2   . HIS A 1 32  ? 16.436  5.856   3.815   1.00 33.14 ? 70   HIS A NE2   1 
ATOM   272  N N     . THR A 1 33  ? 11.683  7.724   8.123   1.00 19.92 ? 71   THR A N     1 
ATOM   273  C CA    . THR A 1 33  ? 10.511  8.416   8.646   1.00 18.85 ? 71   THR A CA    1 
ATOM   274  C C     . THR A 1 33  ? 10.589  9.882   8.227   1.00 17.85 ? 71   THR A C     1 
ATOM   275  O O     . THR A 1 33  ? 11.642  10.514  8.346   1.00 17.49 ? 71   THR A O     1 
ATOM   276  C CB    . THR A 1 33  ? 10.437  8.320   10.193  1.00 18.96 ? 71   THR A CB    1 
ATOM   277  O OG1   . THR A 1 33  ? 10.076  6.983   10.569  1.00 14.01 ? 71   THR A OG1   1 
ATOM   278  C CG2   . THR A 1 33  ? 9.404   9.318   10.762  1.00 20.16 ? 71   THR A CG2   1 
ATOM   279  N N     . PHE A 1 34  ? 9.484   10.420  7.723   1.00 15.73 ? 72   PHE A N     1 
ATOM   280  C CA    . PHE A 1 34  ? 9.477   11.803  7.278   1.00 14.88 ? 72   PHE A CA    1 
ATOM   281  C C     . PHE A 1 34  ? 8.186   12.510  7.676   1.00 15.65 ? 72   PHE A C     1 
ATOM   282  O O     . PHE A 1 34  ? 7.135   11.873  7.836   1.00 14.51 ? 72   PHE A O     1 
ATOM   283  C CB    . PHE A 1 34  ? 9.675   11.858  5.759   1.00 12.60 ? 72   PHE A CB    1 
ATOM   284  C CG    . PHE A 1 34  ? 8.602   11.147  4.985   1.00 12.66 ? 72   PHE A CG    1 
ATOM   285  C CD1   . PHE A 1 34  ? 7.452   11.823  4.567   1.00 10.35 ? 72   PHE A CD1   1 
ATOM   286  C CD2   . PHE A 1 34  ? 8.703   9.775   4.740   1.00 10.79 ? 72   PHE A CD2   1 
ATOM   287  C CE1   . PHE A 1 34  ? 6.414   11.133  3.918   1.00 10.18 ? 72   PHE A CE1   1 
ATOM   288  C CE2   . PHE A 1 34  ? 7.676   9.081   4.097   1.00 6.99  ? 72   PHE A CE2   1 
ATOM   289  C CZ    . PHE A 1 34  ? 6.528   9.758   3.686   1.00 8.99  ? 72   PHE A CZ    1 
ATOM   290  N N     . SER A 1 35  ? 8.268   13.830  7.831   1.00 16.77 ? 73   SER A N     1 
ATOM   291  C CA    . SER A 1 35  ? 7.108   14.629  8.229   1.00 18.46 ? 73   SER A CA    1 
ATOM   292  C C     . SER A 1 35  ? 6.965   15.951  7.470   1.00 18.62 ? 73   SER A C     1 
ATOM   293  O O     . SER A 1 35  ? 6.261   16.854  7.929   1.00 19.24 ? 73   SER A O     1 
ATOM   294  C CB    . SER A 1 35  ? 7.180   14.900  9.729   1.00 18.59 ? 73   SER A CB    1 
ATOM   295  O OG    . SER A 1 35  ? 8.430   15.500  10.054  1.00 20.86 ? 73   SER A OG    1 
ATOM   296  N N     . THR A 1 36  ? 7.638   16.052  6.320   1.00 18.25 ? 74   THR A N     1 
ATOM   297  C CA    . THR A 1 36  ? 7.577   17.230  5.444   1.00 16.65 ? 74   THR A CA    1 
ATOM   298  C C     . THR A 1 36  ? 7.656   16.824  3.968   1.00 16.89 ? 74   THR A C     1 
ATOM   299  O O     . THR A 1 36  ? 8.163   15.755  3.631   1.00 17.20 ? 74   THR A O     1 
ATOM   300  C CB    . THR A 1 36  ? 8.719   18.215  5.708   1.00 16.75 ? 74   THR A CB    1 
ATOM   301  O OG1   . THR A 1 36  ? 9.982   17.593  5.434   1.00 16.20 ? 74   THR A OG1   1 
ATOM   302  C CG2   . THR A 1 36  ? 8.683   18.665  7.139   1.00 16.66 ? 74   THR A CG2   1 
ATOM   303  N N     . VAL A 1 37  ? 7.147   17.684  3.093   1.00 16.36 ? 75   VAL A N     1 
ATOM   304  C CA    . VAL A 1 37  ? 7.154   17.414  1.658   1.00 15.01 ? 75   VAL A CA    1 
ATOM   305  C C     . VAL A 1 37  ? 8.585   17.277  1.114   1.00 15.09 ? 75   VAL A C     1 
ATOM   306  O O     . VAL A 1 37  ? 8.885   16.362  0.340   1.00 15.43 ? 75   VAL A O     1 
ATOM   307  C CB    . VAL A 1 37  ? 6.422   18.544  0.887   1.00 15.28 ? 75   VAL A CB    1 
ATOM   308  C CG1   . VAL A 1 37  ? 6.391   18.230  -0.594  1.00 14.81 ? 75   VAL A CG1   1 
ATOM   309  C CG2   . VAL A 1 37  ? 5.005   18.703  1.418   1.00 16.04 ? 75   VAL A CG2   1 
ATOM   310  N N     . GLU A 1 38  ? 9.461   18.190  1.526   1.00 13.37 ? 76   GLU A N     1 
ATOM   311  C CA    . GLU A 1 38  ? 10.851  18.174  1.087   1.00 14.45 ? 76   GLU A CA    1 
ATOM   312  C C     . GLU A 1 38  ? 11.556  16.891  1.527   1.00 14.37 ? 76   GLU A C     1 
ATOM   313  O O     . GLU A 1 38  ? 12.248  16.256  0.736   1.00 13.69 ? 76   GLU A O     1 
ATOM   314  C CB    . GLU A 1 38  ? 11.587  19.405  1.632   1.00 14.70 ? 76   GLU A CB    1 
ATOM   315  C CG    . GLU A 1 38  ? 11.096  20.749  1.062   1.00 18.85 ? 76   GLU A CG    1 
ATOM   316  C CD    . GLU A 1 38  ? 9.717   21.165  1.575   1.00 20.46 ? 76   GLU A CD    1 
ATOM   317  O OE1   . GLU A 1 38  ? 9.130   22.122  1.023   1.00 22.44 ? 76   GLU A OE1   1 
ATOM   318  O OE2   . GLU A 1 38  ? 9.223   20.551  2.545   1.00 22.74 ? 76   GLU A OE2   1 
ATOM   319  N N     . ASP A 1 39  ? 11.376  16.508  2.789   1.00 15.23 ? 77   ASP A N     1 
ATOM   320  C CA    . ASP A 1 39  ? 12.000  15.290  3.296   1.00 15.79 ? 77   ASP A CA    1 
ATOM   321  C C     . ASP A 1 39  ? 11.479  14.073  2.550   1.00 14.47 ? 77   ASP A C     1 
ATOM   322  O O     . ASP A 1 39  ? 12.220  13.108  2.324   1.00 12.90 ? 77   ASP A O     1 
ATOM   323  C CB    . ASP A 1 39  ? 11.746  15.133  4.794   1.00 18.16 ? 77   ASP A CB    1 
ATOM   324  C CG    . ASP A 1 39  ? 12.595  16.070  5.617   1.00 21.41 ? 77   ASP A CG    1 
ATOM   325  O OD1   . ASP A 1 39  ? 13.811  16.139  5.345   1.00 22.98 ? 77   ASP A OD1   1 
ATOM   326  O OD2   . ASP A 1 39  ? 12.063  16.733  6.530   1.00 25.57 ? 77   ASP A OD2   1 
ATOM   327  N N     . PHE A 1 40  ? 10.208  14.118  2.167   1.00 12.96 ? 78   PHE A N     1 
ATOM   328  C CA    . PHE A 1 40  ? 9.609   13.015  1.426   1.00 13.35 ? 78   PHE A CA    1 
ATOM   329  C C     . PHE A 1 40  ? 10.367  12.816  0.118   1.00 13.36 ? 78   PHE A C     1 
ATOM   330  O O     . PHE A 1 40  ? 10.735  11.695  -0.226  1.00 11.78 ? 78   PHE A O     1 
ATOM   331  C CB    . PHE A 1 40  ? 8.140   13.305  1.112   1.00 10.12 ? 78   PHE A CB    1 
ATOM   332  C CG    . PHE A 1 40  ? 7.566   12.415  0.032   1.00 10.51 ? 78   PHE A CG    1 
ATOM   333  C CD1   . PHE A 1 40  ? 7.270   11.081  0.290   1.00 9.65  ? 78   PHE A CD1   1 
ATOM   334  C CD2   . PHE A 1 40  ? 7.363   12.904  -1.256  1.00 10.14 ? 78   PHE A CD2   1 
ATOM   335  C CE1   . PHE A 1 40  ? 6.788   10.251  -0.713  1.00 9.16  ? 78   PHE A CE1   1 
ATOM   336  C CE2   . PHE A 1 40  ? 6.880   12.081  -2.272  1.00 11.38 ? 78   PHE A CE2   1 
ATOM   337  C CZ    . PHE A 1 40  ? 6.592   10.749  -1.998  1.00 11.02 ? 78   PHE A CZ    1 
ATOM   338  N N     . TRP A 1 41  ? 10.596  13.912  -0.606  1.00 13.79 ? 79   TRP A N     1 
ATOM   339  C CA    . TRP A 1 41  ? 11.300  13.862  -1.878  1.00 14.19 ? 79   TRP A CA    1 
ATOM   340  C C     . TRP A 1 41  ? 12.732  13.375  -1.705  1.00 13.67 ? 79   TRP A C     1 
ATOM   341  O O     . TRP A 1 41  ? 13.154  12.444  -2.384  1.00 16.46 ? 79   TRP A O     1 
ATOM   342  C CB    . TRP A 1 41  ? 11.289  15.235  -2.559  1.00 13.11 ? 79   TRP A CB    1 
ATOM   343  C CG    . TRP A 1 41  ? 9.946   15.642  -3.048  1.00 13.51 ? 79   TRP A CG    1 
ATOM   344  C CD1   . TRP A 1 41  ? 9.207   16.714  -2.625  1.00 14.62 ? 79   TRP A CD1   1 
ATOM   345  C CD2   . TRP A 1 41  ? 9.157   14.980  -4.041  1.00 14.75 ? 79   TRP A CD2   1 
ATOM   346  N NE1   . TRP A 1 41  ? 8.006   16.758  -3.297  1.00 13.28 ? 79   TRP A NE1   1 
ATOM   347  C CE2   . TRP A 1 41  ? 7.949   15.704  -4.169  1.00 14.78 ? 79   TRP A CE2   1 
ATOM   348  C CE3   . TRP A 1 41  ? 9.351   13.842  -4.835  1.00 15.98 ? 79   TRP A CE3   1 
ATOM   349  C CZ2   . TRP A 1 41  ? 6.942   15.327  -5.061  1.00 13.95 ? 79   TRP A CZ2   1 
ATOM   350  C CZ3   . TRP A 1 41  ? 8.351   13.470  -5.719  1.00 16.38 ? 79   TRP A CZ3   1 
ATOM   351  C CH2   . TRP A 1 41  ? 7.161   14.210  -5.826  1.00 14.62 ? 79   TRP A CH2   1 
ATOM   352  N N     . GLY A 1 42  ? 13.474  14.011  -0.801  1.00 12.35 ? 80   GLY A N     1 
ATOM   353  C CA    . GLY A 1 42  ? 14.846  13.604  -0.555  1.00 12.15 ? 80   GLY A CA    1 
ATOM   354  C C     . GLY A 1 42  ? 14.953  12.095  -0.383  1.00 14.28 ? 80   GLY A C     1 
ATOM   355  O O     . GLY A 1 42  ? 15.925  11.481  -0.827  1.00 13.17 ? 80   GLY A O     1 
ATOM   356  N N     . LEU A 1 43  ? 13.952  11.492  0.257   1.00 15.03 ? 81   LEU A N     1 
ATOM   357  C CA    . LEU A 1 43  ? 13.915  10.049  0.486   1.00 15.94 ? 81   LEU A CA    1 
ATOM   358  C C     . LEU A 1 43  ? 13.517  9.292   -0.794  1.00 16.89 ? 81   LEU A C     1 
ATOM   359  O O     . LEU A 1 43  ? 14.170  8.317   -1.189  1.00 14.83 ? 81   LEU A O     1 
ATOM   360  C CB    . LEU A 1 43  ? 12.913  9.734   1.599   1.00 14.50 ? 81   LEU A CB    1 
ATOM   361  C CG    . LEU A 1 43  ? 13.288  10.261  2.977   1.00 15.99 ? 81   LEU A CG    1 
ATOM   362  C CD1   . LEU A 1 43  ? 12.141  10.039  3.919   1.00 16.49 ? 81   LEU A CD1   1 
ATOM   363  C CD2   . LEU A 1 43  ? 14.527  9.558   3.496   1.00 14.38 ? 81   LEU A CD2   1 
ATOM   364  N N     . TYR A 1 44  ? 12.441  9.758   -1.425  1.00 15.77 ? 82   TYR A N     1 
ATOM   365  C CA    . TYR A 1 44  ? 11.916  9.159   -2.643  1.00 16.65 ? 82   TYR A CA    1 
ATOM   366  C C     . TYR A 1 44  ? 12.948  9.152   -3.767  1.00 18.93 ? 82   TYR A C     1 
ATOM   367  O O     . TYR A 1 44  ? 13.012  8.199   -4.559  1.00 16.42 ? 82   TYR A O     1 
ATOM   368  C CB    . TYR A 1 44  ? 10.676  9.928   -3.108  1.00 15.39 ? 82   TYR A CB    1 
ATOM   369  C CG    . TYR A 1 44  ? 10.050  9.383   -4.377  1.00 14.17 ? 82   TYR A CG    1 
ATOM   370  C CD1   . TYR A 1 44  ? 9.216   8.266   -4.345  1.00 13.37 ? 82   TYR A CD1   1 
ATOM   371  C CD2   . TYR A 1 44  ? 10.313  9.972   -5.611  1.00 14.41 ? 82   TYR A CD2   1 
ATOM   372  C CE1   . TYR A 1 44  ? 8.664   7.747   -5.514  1.00 13.51 ? 82   TYR A CE1   1 
ATOM   373  C CE2   . TYR A 1 44  ? 9.767   9.466   -6.783  1.00 13.83 ? 82   TYR A CE2   1 
ATOM   374  C CZ    . TYR A 1 44  ? 8.944   8.358   -6.729  1.00 15.21 ? 82   TYR A CZ    1 
ATOM   375  O OH    . TYR A 1 44  ? 8.391   7.889   -7.894  1.00 16.73 ? 82   TYR A OH    1 
ATOM   376  N N     . ASN A 1 45  ? 13.751  10.212  -3.841  1.00 18.55 ? 83   ASN A N     1 
ATOM   377  C CA    . ASN A 1 45  ? 14.754  10.320  -4.887  1.00 20.87 ? 83   ASN A CA    1 
ATOM   378  C C     . ASN A 1 45  ? 15.953  9.392   -4.714  1.00 21.77 ? 83   ASN A C     1 
ATOM   379  O O     . ASN A 1 45  ? 16.607  9.051   -5.692  1.00 20.78 ? 83   ASN A O     1 
ATOM   380  C CB    . ASN A 1 45  ? 15.247  11.765  -5.004  1.00 22.89 ? 83   ASN A CB    1 
ATOM   381  C CG    . ASN A 1 45  ? 14.169  12.715  -5.498  1.00 24.42 ? 83   ASN A CG    1 
ATOM   382  O OD1   . ASN A 1 45  ? 13.470  12.430  -6.472  1.00 25.32 ? 83   ASN A OD1   1 
ATOM   383  N ND2   . ASN A 1 45  ? 14.037  13.853  -4.833  1.00 26.26 ? 83   ASN A ND2   1 
ATOM   384  N N     . ASN A 1 46  ? 16.240  8.989   -3.480  1.00 23.25 ? 84   ASN A N     1 
ATOM   385  C CA    . ASN A 1 46  ? 17.370  8.108   -3.201  1.00 25.00 ? 84   ASN A CA    1 
ATOM   386  C C     . ASN A 1 46  ? 16.875  6.737   -2.746  1.00 26.03 ? 84   ASN A C     1 
ATOM   387  O O     . ASN A 1 46  ? 17.485  6.085   -1.905  1.00 28.78 ? 84   ASN A O     1 
ATOM   388  C CB    . ASN A 1 46  ? 18.256  8.730   -2.117  1.00 24.59 ? 84   ASN A CB    1 
ATOM   389  C CG    . ASN A 1 46  ? 18.901  10.029  -2.569  1.00 25.86 ? 84   ASN A CG    1 
ATOM   390  O OD1   . ASN A 1 46  ? 19.656  10.047  -3.538  1.00 27.24 ? 84   ASN A OD1   1 
ATOM   391  N ND2   . ASN A 1 46  ? 18.604  11.123  -1.871  1.00 25.03 ? 84   ASN A ND2   1 
ATOM   392  N N     . ILE A 1 47  ? 15.761  6.304   -3.317  1.00 26.45 ? 85   ILE A N     1 
ATOM   393  C CA    . ILE A 1 47  ? 15.163  5.030   -2.961  1.00 25.50 ? 85   ILE A CA    1 
ATOM   394  C C     . ILE A 1 47  ? 14.696  4.293   -4.199  1.00 25.04 ? 85   ILE A C     1 
ATOM   395  O O     . ILE A 1 47  ? 14.026  4.863   -5.051  1.00 24.98 ? 85   ILE A O     1 
ATOM   396  C CB    . ILE A 1 47  ? 13.965  5.245   -2.008  1.00 25.28 ? 85   ILE A CB    1 
ATOM   397  C CG1   . ILE A 1 47  ? 14.434  5.150   -0.565  1.00 26.04 ? 85   ILE A CG1   1 
ATOM   398  C CG2   . ILE A 1 47  ? 12.879  4.224   -2.269  1.00 26.65 ? 85   ILE A CG2   1 
ATOM   399  C CD1   . ILE A 1 47  ? 13.378  5.561   0.426   1.00 26.30 ? 85   ILE A CD1   1 
ATOM   400  N N     . HIS A 1 48  ? 15.059  3.019   -4.285  1.00 24.91 ? 86   HIS A N     1 
ATOM   401  C CA    . HIS A 1 48  ? 14.695  2.162   -5.409  1.00 24.78 ? 86   HIS A CA    1 
ATOM   402  C C     . HIS A 1 48  ? 13.219  2.252   -5.806  1.00 25.33 ? 86   HIS A C     1 
ATOM   403  O O     . HIS A 1 48  ? 12.342  1.898   -5.019  1.00 26.94 ? 86   HIS A O     1 
ATOM   404  C CB    . HIS A 1 48  ? 15.011  0.708   -5.057  1.00 23.74 ? 86   HIS A CB    1 
ATOM   405  C CG    . HIS A 1 48  ? 16.471  0.385   -5.086  1.00 25.76 ? 86   HIS A CG    1 
ATOM   406  N ND1   . HIS A 1 48  ? 17.447  1.356   -5.083  1.00 26.62 ? 86   HIS A ND1   1 
ATOM   407  C CD2   . HIS A 1 48  ? 17.119  -0.801  -5.150  1.00 25.03 ? 86   HIS A CD2   1 
ATOM   408  C CE1   . HIS A 1 48  ? 18.637  0.783   -5.153  1.00 27.59 ? 86   HIS A CE1   1 
ATOM   409  N NE2   . HIS A 1 48  ? 18.465  -0.527  -5.196  1.00 27.94 ? 86   HIS A NE2   1 
ATOM   410  N N     . ASN A 1 49  ? 12.936  2.712   -7.021  1.00 23.64 ? 87   ASN A N     1 
ATOM   411  C CA    . ASN A 1 49  ? 11.551  2.765   -7.475  1.00 24.29 ? 87   ASN A CA    1 
ATOM   412  C C     . ASN A 1 49  ? 11.095  1.312   -7.677  1.00 24.68 ? 87   ASN A C     1 
ATOM   413  O O     . ASN A 1 49  ? 11.921  0.405   -7.822  1.00 23.31 ? 87   ASN A O     1 
ATOM   414  C CB    . ASN A 1 49  ? 11.427  3.530   -8.797  1.00 23.88 ? 87   ASN A CB    1 
ATOM   415  C CG    . ASN A 1 49  ? 11.778  5.001   -8.655  1.00 24.40 ? 87   ASN A CG    1 
ATOM   416  O OD1   . ASN A 1 49  ? 11.302  5.686   -7.742  1.00 27.41 ? 87   ASN A OD1   1 
ATOM   417  N ND2   . ASN A 1 49  ? 12.597  5.499   -9.565  1.00 23.10 ? 87   ASN A ND2   1 
ATOM   418  N N     . PRO A 1 50  ? 9.774   1.071   -7.691  1.00 24.26 ? 88   PRO A N     1 
ATOM   419  C CA    . PRO A 1 50  ? 9.238   -0.287  -7.874  1.00 23.85 ? 88   PRO A CA    1 
ATOM   420  C C     . PRO A 1 50  ? 9.884   -1.067  -9.027  1.00 23.15 ? 88   PRO A C     1 
ATOM   421  O O     . PRO A 1 50  ? 10.224  -2.246  -8.878  1.00 23.31 ? 88   PRO A O     1 
ATOM   422  C CB    . PRO A 1 50  ? 7.745   -0.033  -8.089  1.00 24.50 ? 88   PRO A CB    1 
ATOM   423  C CG    . PRO A 1 50  ? 7.494   1.177   -7.208  1.00 23.07 ? 88   PRO A CG    1 
ATOM   424  C CD    . PRO A 1 50  ? 8.685   2.053   -7.529  1.00 23.12 ? 88   PRO A CD    1 
ATOM   425  N N     . SER A 1 51  ? 10.069  -0.400  -10.162 1.00 20.42 ? 89   SER A N     1 
ATOM   426  C CA    . SER A 1 51  ? 10.655  -1.039  -11.332 1.00 21.32 ? 89   SER A CA    1 
ATOM   427  C C     . SER A 1 51  ? 12.057  -1.570  -11.108 1.00 20.85 ? 89   SER A C     1 
ATOM   428  O O     . SER A 1 51  ? 12.501  -2.454  -11.835 1.00 21.15 ? 89   SER A O     1 
ATOM   429  C CB    . SER A 1 51  ? 10.656  -0.083  -12.522 1.00 20.61 ? 89   SER A CB    1 
ATOM   430  O OG    . SER A 1 51  ? 11.322  1.121   -12.190 1.00 23.49 ? 89   SER A OG    1 
ATOM   431  N N     . LYS A 1 52  ? 12.761  -1.021  -10.121 1.00 20.45 ? 90   LYS A N     1 
ATOM   432  C CA    . LYS A 1 52  ? 14.118  -1.473  -9.804  1.00 19.82 ? 90   LYS A CA    1 
ATOM   433  C C     . LYS A 1 52  ? 14.150  -2.586  -8.755  1.00 19.41 ? 90   LYS A C     1 
ATOM   434  O O     . LYS A 1 52  ? 15.220  -3.043  -8.358  1.00 19.44 ? 90   LYS A O     1 
ATOM   435  C CB    . LYS A 1 52  ? 14.970  -0.299  -9.304  1.00 19.45 ? 90   LYS A CB    1 
ATOM   436  C CG    . LYS A 1 52  ? 15.485  0.619   -10.387 1.00 19.23 ? 90   LYS A CG    1 
ATOM   437  C CD    . LYS A 1 52  ? 16.519  1.574   -9.818  1.00 21.75 ? 90   LYS A CD    1 
ATOM   438  C CE    . LYS A 1 52  ? 17.044  2.521   -10.886 1.00 24.93 ? 90   LYS A CE    1 
ATOM   439  N NZ    . LYS A 1 52  ? 18.077  3.453   -10.356 1.00 24.57 ? 90   LYS A NZ    1 
ATOM   440  N N     . LEU A 1 53  ? 12.981  -3.024  -8.302  1.00 18.03 ? 91   LEU A N     1 
ATOM   441  C CA    . LEU A 1 53  ? 12.913  -4.067  -7.284  1.00 18.20 ? 91   LEU A CA    1 
ATOM   442  C C     . LEU A 1 53  ? 12.906  -5.478  -7.867  1.00 17.48 ? 91   LEU A C     1 
ATOM   443  O O     . LEU A 1 53  ? 12.320  -5.735  -8.914  1.00 16.98 ? 91   LEU A O     1 
ATOM   444  C CB    . LEU A 1 53  ? 11.666  -3.869  -6.414  1.00 18.31 ? 91   LEU A CB    1 
ATOM   445  C CG    . LEU A 1 53  ? 11.511  -2.506  -5.732  1.00 16.70 ? 91   LEU A CG    1 
ATOM   446  C CD1   . LEU A 1 53  ? 10.181  -2.437  -5.015  1.00 18.73 ? 91   LEU A CD1   1 
ATOM   447  C CD2   . LEU A 1 53  ? 12.632  -2.300  -4.750  1.00 17.10 ? 91   LEU A CD2   1 
ATOM   448  N N     . ASN A 1 54  ? 13.570  -6.391  -7.177  1.00 18.08 ? 92   ASN A N     1 
ATOM   449  C CA    . ASN A 1 54  ? 13.629  -7.779  -7.602  1.00 19.89 ? 92   ASN A CA    1 
ATOM   450  C C     . ASN A 1 54  ? 12.334  -8.499  -7.224  1.00 20.06 ? 92   ASN A C     1 
ATOM   451  O O     . ASN A 1 54  ? 11.593  -8.034  -6.358  1.00 21.01 ? 92   ASN A O     1 
ATOM   452  C CB    . ASN A 1 54  ? 14.829  -8.454  -6.945  1.00 21.99 ? 92   ASN A CB    1 
ATOM   453  C CG    . ASN A 1 54  ? 16.115  -8.196  -7.690  1.00 24.47 ? 92   ASN A CG    1 
ATOM   454  O OD1   . ASN A 1 54  ? 16.349  -7.096  -8.201  1.00 27.78 ? 92   ASN A OD1   1 
ATOM   455  N ND2   . ASN A 1 54  ? 16.964  -9.207  -7.756  1.00 27.99 ? 92   ASN A ND2   1 
ATOM   456  N N     . VAL A 1 55  ? 12.061  -9.628  -7.873  1.00 19.06 ? 93   VAL A N     1 
ATOM   457  C CA    . VAL A 1 55  ? 10.859  -10.421 -7.603  1.00 18.78 ? 93   VAL A CA    1 
ATOM   458  C C     . VAL A 1 55  ? 10.755  -10.827 -6.133  1.00 18.69 ? 93   VAL A C     1 
ATOM   459  O O     . VAL A 1 55  ? 11.729  -11.273 -5.528  1.00 21.81 ? 93   VAL A O     1 
ATOM   460  C CB    . VAL A 1 55  ? 10.840  -11.701 -8.464  1.00 17.24 ? 93   VAL A CB    1 
ATOM   461  C CG1   . VAL A 1 55  ? 9.613   -12.534 -8.141  1.00 16.01 ? 93   VAL A CG1   1 
ATOM   462  C CG2   . VAL A 1 55  ? 10.865  -11.334 -9.937  1.00 16.01 ? 93   VAL A CG2   1 
ATOM   463  N N     . GLY A 1 56  ? 9.567   -10.677 -5.561  1.00 18.74 ? 94   GLY A N     1 
ATOM   464  C CA    . GLY A 1 56  ? 9.386   -11.033 -4.162  1.00 18.50 ? 94   GLY A CA    1 
ATOM   465  C C     . GLY A 1 56  ? 9.511   -9.878  -3.181  1.00 18.20 ? 94   GLY A C     1 
ATOM   466  O O     . GLY A 1 56  ? 8.980   -9.956  -2.083  1.00 16.73 ? 94   GLY A O     1 
ATOM   467  N N     . ALA A 1 57  ? 10.201  -8.808  -3.566  1.00 19.07 ? 95   ALA A N     1 
ATOM   468  C CA    . ALA A 1 57  ? 10.382  -7.649  -2.688  1.00 21.03 ? 95   ALA A CA    1 
ATOM   469  C C     . ALA A 1 57  ? 9.106   -6.822  -2.501  1.00 22.03 ? 95   ALA A C     1 
ATOM   470  O O     . ALA A 1 57  ? 8.300   -6.688  -3.427  1.00 20.52 ? 95   ALA A O     1 
ATOM   471  C CB    . ALA A 1 57  ? 11.497  -6.752  -3.226  1.00 20.16 ? 95   ALA A CB    1 
ATOM   472  N N     . ASP A 1 58  ? 8.924   -6.279  -1.293  1.00 23.49 ? 96   ASP A N     1 
ATOM   473  C CA    . ASP A 1 58  ? 7.771   -5.424  -0.974  1.00 24.51 ? 96   ASP A CA    1 
ATOM   474  C C     . ASP A 1 58  ? 8.219   -4.074  -0.394  1.00 24.43 ? 96   ASP A C     1 
ATOM   475  O O     . ASP A 1 58  ? 9.043   -4.014  0.529   1.00 24.78 ? 96   ASP A O     1 
ATOM   476  C CB    . ASP A 1 58  ? 6.813   -6.101  0.027   1.00 23.85 ? 96   ASP A CB    1 
ATOM   477  C CG    . ASP A 1 58  ? 5.931   -7.165  -0.617  1.00 24.31 ? 96   ASP A CG    1 
ATOM   478  O OD1   . ASP A 1 58  ? 5.295   -6.887  -1.660  1.00 22.19 ? 96   ASP A OD1   1 
ATOM   479  O OD2   . ASP A 1 58  ? 5.858   -8.282  -0.066  1.00 25.79 ? 96   ASP A OD2   1 
ATOM   480  N N     . PHE A 1 59  ? 7.664   -2.998  -0.953  1.00 23.76 ? 97   PHE A N     1 
ATOM   481  C CA    . PHE A 1 59  ? 7.954   -1.644  -0.508  1.00 22.08 ? 97   PHE A CA    1 
ATOM   482  C C     . PHE A 1 59  ? 6.669   -1.055  0.082   1.00 20.82 ? 97   PHE A C     1 
ATOM   483  O O     . PHE A 1 59  ? 5.618   -1.066  -0.560  1.00 19.76 ? 97   PHE A O     1 
ATOM   484  C CB    . PHE A 1 59  ? 8.432   -0.780  -1.675  1.00 24.25 ? 97   PHE A CB    1 
ATOM   485  C CG    . PHE A 1 59  ? 9.421   0.271   -1.264  1.00 26.36 ? 97   PHE A CG    1 
ATOM   486  C CD1   . PHE A 1 59  ? 9.113   1.163   -0.246  1.00 26.84 ? 97   PHE A CD1   1 
ATOM   487  C CD2   . PHE A 1 59  ? 10.676  0.333   -1.854  1.00 27.94 ? 97   PHE A CD2   1 
ATOM   488  C CE1   . PHE A 1 59  ? 10.038  2.101   0.188   1.00 27.37 ? 97   PHE A CE1   1 
ATOM   489  C CE2   . PHE A 1 59  ? 11.613  1.267   -1.431  1.00 31.03 ? 97   PHE A CE2   1 
ATOM   490  C CZ    . PHE A 1 59  ? 11.287  2.159   -0.396  1.00 29.39 ? 97   PHE A CZ    1 
ATOM   491  N N     . HIS A 1 60  ? 6.745   -0.548  1.308   1.00 18.41 ? 98   HIS A N     1 
ATOM   492  C CA    . HIS A 1 60  ? 5.558   -0.001  1.955   1.00 16.91 ? 98   HIS A CA    1 
ATOM   493  C C     . HIS A 1 60  ? 5.768   1.400   2.496   1.00 16.43 ? 98   HIS A C     1 
ATOM   494  O O     . HIS A 1 60  ? 6.895   1.828   2.738   1.00 16.60 ? 98   HIS A O     1 
ATOM   495  C CB    . HIS A 1 60  ? 5.097   -0.903  3.123   1.00 16.37 ? 98   HIS A CB    1 
ATOM   496  C CG    . HIS A 1 60  ? 5.682   -2.283  3.102   1.00 18.51 ? 98   HIS A CG    1 
ATOM   497  N ND1   . HIS A 1 60  ? 7.026   -2.526  3.299   1.00 18.43 ? 98   HIS A ND1   1 
ATOM   498  C CD2   . HIS A 1 60  ? 5.112   -3.490  2.880   1.00 17.83 ? 98   HIS A CD2   1 
ATOM   499  C CE1   . HIS A 1 60  ? 7.255   -3.822  3.191   1.00 19.56 ? 98   HIS A CE1   1 
ATOM   500  N NE2   . HIS A 1 60  ? 6.111   -4.428  2.936   1.00 19.22 ? 98   HIS A NE2   1 
ATOM   501  N N     . CYS A 1 61  ? 4.664   2.109   2.687   1.00 15.39 ? 99   CYS A N     1 
ATOM   502  C CA    . CYS A 1 61  ? 4.695   3.452   3.255   1.00 16.89 ? 99   CYS A CA    1 
ATOM   503  C C     . CYS A 1 61  ? 3.458   3.591   4.138   1.00 15.98 ? 99   CYS A C     1 
ATOM   504  O O     . CYS A 1 61  ? 2.354   3.785   3.645   1.00 18.38 ? 99   CYS A O     1 
ATOM   505  C CB    . CYS A 1 61  ? 4.678   4.527   2.163   1.00 15.11 ? 99   CYS A CB    1 
ATOM   506  S SG    . CYS A 1 61  ? 4.863   6.213   2.813   1.00 19.44 ? 99   CYS A SG    1 
ATOM   507  N N     . PHE A 1 62  ? 3.652   3.490   5.445   1.00 15.94 ? 100  PHE A N     1 
ATOM   508  C CA    . PHE A 1 62  ? 2.543   3.572   6.373   1.00 14.15 ? 100  PHE A CA    1 
ATOM   509  C C     . PHE A 1 62  ? 2.510   4.828   7.225   1.00 13.23 ? 100  PHE A C     1 
ATOM   510  O O     . PHE A 1 62  ? 3.531   5.462   7.462   1.00 12.55 ? 100  PHE A O     1 
ATOM   511  C CB    . PHE A 1 62  ? 2.522   2.320   7.250   1.00 13.29 ? 100  PHE A CB    1 
ATOM   512  C CG    . PHE A 1 62  ? 1.850   1.150   6.593   1.00 12.40 ? 100  PHE A CG    1 
ATOM   513  C CD1   . PHE A 1 62  ? 2.275   0.692   5.349   1.00 14.27 ? 100  PHE A CD1   1 
ATOM   514  C CD2   . PHE A 1 62  ? 0.746   0.547   7.187   1.00 11.82 ? 100  PHE A CD2   1 
ATOM   515  C CE1   . PHE A 1 62  ? 1.600   -0.351  4.699   1.00 13.43 ? 100  PHE A CE1   1 
ATOM   516  C CE2   . PHE A 1 62  ? 0.065   -0.490  6.555   1.00 10.67 ? 100  PHE A CE2   1 
ATOM   517  C CZ    . PHE A 1 62  ? 0.492   -0.938  5.308   1.00 14.12 ? 100  PHE A CZ    1 
ATOM   518  N N     . LYS A 1 63  ? 1.317   5.184   7.685   1.00 14.83 ? 101  LYS A N     1 
ATOM   519  C CA    . LYS A 1 63  ? 1.141   6.376   8.491   1.00 14.70 ? 101  LYS A CA    1 
ATOM   520  C C     . LYS A 1 63  ? 1.543   6.120   9.929   1.00 15.01 ? 101  LYS A C     1 
ATOM   521  O O     . LYS A 1 63  ? 1.282   5.054   10.474  1.00 16.45 ? 101  LYS A O     1 
ATOM   522  C CB    . LYS A 1 63  ? -0.320  6.818   8.433   1.00 16.51 ? 101  LYS A CB    1 
ATOM   523  C CG    . LYS A 1 63  ? -0.574  8.222   8.954   1.00 18.12 ? 101  LYS A CG    1 
ATOM   524  C CD    . LYS A 1 63  ? -2.057  8.445   9.208   1.00 20.33 ? 101  LYS A CD    1 
ATOM   525  C CE    . LYS A 1 63  ? -2.907  8.198   7.971   1.00 22.72 ? 101  LYS A CE    1 
ATOM   526  N NZ    . LYS A 1 63  ? -4.354  8.173   8.335   1.00 24.19 ? 101  LYS A NZ    1 
ATOM   527  N N     . ASN A 1 64  ? 2.201   7.101   10.530  1.00 14.92 ? 102  ASN A N     1 
ATOM   528  C CA    . ASN A 1 64  ? 2.612   7.008   11.926  1.00 17.26 ? 102  ASN A CA    1 
ATOM   529  C C     . ASN A 1 64  ? 3.296   5.696   12.347  1.00 18.30 ? 102  ASN A C     1 
ATOM   530  O O     . ASN A 1 64  ? 4.310   5.287   11.769  1.00 18.53 ? 102  ASN A O     1 
ATOM   531  C CB    . ASN A 1 64  ? 1.390   7.279   12.821  1.00 14.15 ? 102  ASN A CB    1 
ATOM   532  C CG    . ASN A 1 64  ? 0.766   8.665   12.582  1.00 15.63 ? 102  ASN A CG    1 
ATOM   533  O OD1   . ASN A 1 64  ? -0.452  8.827   12.661  1.00 16.16 ? 102  ASN A OD1   1 
ATOM   534  N ND2   . ASN A 1 64  ? 1.605   9.669   12.314  1.00 13.99 ? 102  ASN A ND2   1 
ATOM   535  N N     . LYS A 1 65  ? 2.743   5.041   13.359  1.00 19.29 ? 103  LYS A N     1 
ATOM   536  C CA    . LYS A 1 65  ? 3.332   3.821   13.873  1.00 20.82 ? 103  LYS A CA    1 
ATOM   537  C C     . LYS A 1 65  ? 2.733   2.559   13.266  1.00 20.32 ? 103  LYS A C     1 
ATOM   538  O O     . LYS A 1 65  ? 3.199   1.460   13.544  1.00 21.84 ? 103  LYS A O     1 
ATOM   539  C CB    . LYS A 1 65  ? 3.185   3.796   15.399  1.00 23.39 ? 103  LYS A CB    1 
ATOM   540  C CG    . LYS A 1 65  ? 3.807   5.014   16.093  1.00 29.31 ? 103  LYS A CG    1 
ATOM   541  C CD    . LYS A 1 65  ? 3.257   5.272   17.518  1.00 34.05 ? 103  LYS A CD    1 
ATOM   542  C CE    . LYS A 1 65  ? 3.665   4.226   18.570  1.00 37.60 ? 103  LYS A CE    1 
ATOM   543  N NZ    . LYS A 1 65  ? 3.132   2.849   18.323  1.00 39.76 ? 103  LYS A NZ    1 
ATOM   544  N N     . ILE A 1 66  ? 1.708   2.705   12.434  1.00 19.15 ? 104  ILE A N     1 
ATOM   545  C CA    . ILE A 1 66  ? 1.089   1.534   11.823  1.00 16.80 ? 104  ILE A CA    1 
ATOM   546  C C     . ILE A 1 66  ? 2.140   0.745   11.034  1.00 19.43 ? 104  ILE A C     1 
ATOM   547  O O     . ILE A 1 66  ? 2.924   1.322   10.273  1.00 18.13 ? 104  ILE A O     1 
ATOM   548  C CB    . ILE A 1 66  ? -0.048  1.935   10.858  1.00 15.75 ? 104  ILE A CB    1 
ATOM   549  C CG1   . ILE A 1 66  ? -1.051  2.835   11.581  1.00 12.91 ? 104  ILE A CG1   1 
ATOM   550  C CG2   . ILE A 1 66  ? -0.729  0.686   10.303  1.00 11.86 ? 104  ILE A CG2   1 
ATOM   551  C CD1   . ILE A 1 66  ? -2.179  3.294   10.700  1.00 9.79  ? 104  ILE A CD1   1 
ATOM   552  N N     . GLU A 1 67  ? 2.155   -0.576  11.231  1.00 19.85 ? 105  GLU A N     1 
ATOM   553  C CA    . GLU A 1 67  ? 3.089   -1.464  10.532  1.00 19.19 ? 105  GLU A CA    1 
ATOM   554  C C     . GLU A 1 67  ? 2.359   -2.184  9.392   1.00 19.21 ? 105  GLU A C     1 
ATOM   555  O O     . GLU A 1 67  ? 1.143   -2.402  9.459   1.00 17.66 ? 105  GLU A O     1 
ATOM   556  C CB    . GLU A 1 67  ? 3.682   -2.488  11.500  1.00 19.93 ? 105  GLU A CB    1 
ATOM   557  C CG    . GLU A 1 67  ? 4.153   -1.899  12.829  1.00 21.80 ? 105  GLU A CG    1 
ATOM   558  C CD    . GLU A 1 67  ? 4.955   -2.891  13.666  1.00 22.90 ? 105  GLU A CD    1 
ATOM   559  O OE1   . GLU A 1 67  ? 4.594   -4.082  13.695  1.00 23.87 ? 105  GLU A OE1   1 
ATOM   560  O OE2   . GLU A 1 67  ? 5.934   -2.474  14.314  1.00 24.01 ? 105  GLU A OE2   1 
ATOM   561  N N     . PRO A 1 68  ? 3.094   -2.546  8.325   1.00 19.91 ? 106  PRO A N     1 
ATOM   562  C CA    . PRO A 1 68  ? 2.559   -3.230  7.145   1.00 20.16 ? 106  PRO A CA    1 
ATOM   563  C C     . PRO A 1 68  ? 2.203   -4.693  7.384   1.00 21.15 ? 106  PRO A C     1 
ATOM   564  O O     . PRO A 1 68  ? 2.681   -5.584  6.662   1.00 21.14 ? 106  PRO A O     1 
ATOM   565  C CB    . PRO A 1 68  ? 3.676   -3.081  6.114   1.00 20.91 ? 106  PRO A CB    1 
ATOM   566  C CG    . PRO A 1 68  ? 4.400   -1.855  6.553   1.00 22.11 ? 106  PRO A CG    1 
ATOM   567  C CD    . PRO A 1 68  ? 4.453   -2.051  8.047   1.00 20.92 ? 106  PRO A CD    1 
ATOM   568  N N     . LYS A 1 69  ? 1.353   -4.938  8.381   1.00 19.83 ? 107  LYS A N     1 
ATOM   569  C CA    . LYS A 1 69  ? 0.927   -6.297  8.716   1.00 19.75 ? 107  LYS A CA    1 
ATOM   570  C C     . LYS A 1 69  ? -0.561  -6.398  9.062   1.00 20.66 ? 107  LYS A C     1 
ATOM   571  O O     . LYS A 1 69  ? -1.118  -5.548  9.765   1.00 19.74 ? 107  LYS A O     1 
ATOM   572  C CB    . LYS A 1 69  ? 1.768   -6.825  9.884   1.00 19.27 ? 107  LYS A CB    1 
ATOM   573  C CG    . LYS A 1 69  ? 3.210   -7.124  9.488   1.00 19.37 ? 107  LYS A CG    1 
ATOM   574  C CD    . LYS A 1 69  ? 4.141   -7.362  10.675  1.00 20.70 ? 107  LYS A CD    1 
ATOM   575  C CE    . LYS A 1 69  ? 4.756   -6.063  11.202  1.00 21.92 ? 107  LYS A CE    1 
ATOM   576  N NZ    . LYS A 1 69  ? 6.056   -6.304  11.909  1.00 19.07 ? 107  LYS A NZ    1 
ATOM   577  N N     . TRP A 1 70  ? -1.208  -7.445  8.564   1.00 20.62 ? 108  TRP A N     1 
ATOM   578  C CA    . TRP A 1 70  ? -2.626  -7.645  8.853   1.00 22.70 ? 108  TRP A CA    1 
ATOM   579  C C     . TRP A 1 70  ? -2.865  -7.746  10.366  1.00 23.78 ? 108  TRP A C     1 
ATOM   580  O O     . TRP A 1 70  ? -3.855  -7.227  10.885  1.00 24.24 ? 108  TRP A O     1 
ATOM   581  C CB    . TRP A 1 70  ? -3.132  -8.926  8.193   1.00 22.15 ? 108  TRP A CB    1 
ATOM   582  C CG    . TRP A 1 70  ? -2.967  -8.978  6.701   1.00 22.95 ? 108  TRP A CG    1 
ATOM   583  C CD1   . TRP A 1 70  ? -3.094  -7.940  5.828   1.00 22.70 ? 108  TRP A CD1   1 
ATOM   584  C CD2   . TRP A 1 70  ? -2.711  -10.144 5.909   1.00 21.81 ? 108  TRP A CD2   1 
ATOM   585  N NE1   . TRP A 1 70  ? -2.936  -8.386  4.541   1.00 22.97 ? 108  TRP A NE1   1 
ATOM   586  C CE2   . TRP A 1 70  ? -2.699  -9.736  4.560   1.00 22.35 ? 108  TRP A CE2   1 
ATOM   587  C CE3   . TRP A 1 70  ? -2.490  -11.499 6.211   1.00 24.28 ? 108  TRP A CE3   1 
ATOM   588  C CZ2   . TRP A 1 70  ? -2.475  -10.634 3.501   1.00 20.65 ? 108  TRP A CZ2   1 
ATOM   589  C CZ3   . TRP A 1 70  ? -2.263  -12.395 5.155   1.00 21.75 ? 108  TRP A CZ3   1 
ATOM   590  C CH2   . TRP A 1 70  ? -2.261  -11.952 3.818   1.00 22.07 ? 108  TRP A CH2   1 
ATOM   591  N N     . GLU A 1 71  ? -1.951  -8.416  11.064  1.00 24.93 ? 109  GLU A N     1 
ATOM   592  C CA    . GLU A 1 71  ? -2.062  -8.607  12.505  1.00 25.32 ? 109  GLU A CA    1 
ATOM   593  C C     . GLU A 1 71  ? -2.022  -7.313  13.315  1.00 23.98 ? 109  GLU A C     1 
ATOM   594  O O     . GLU A 1 71  ? -2.304  -7.319  14.511  1.00 23.96 ? 109  GLU A O     1 
ATOM   595  C CB    . GLU A 1 71  ? -0.960  -9.547  12.998  1.00 29.05 ? 109  GLU A CB    1 
ATOM   596  C CG    . GLU A 1 71  ? 0.461   -9.032  12.797  1.00 33.35 ? 109  GLU A CG    1 
ATOM   597  C CD    . GLU A 1 71  ? 1.276   -9.915  11.868  1.00 36.54 ? 109  GLU A CD    1 
ATOM   598  O OE1   . GLU A 1 71  ? 2.516   -9.924  12.001  1.00 38.39 ? 109  GLU A OE1   1 
ATOM   599  O OE2   . GLU A 1 71  ? 0.679   -10.582 10.996  1.00 36.24 ? 109  GLU A OE2   1 
ATOM   600  N N     . ASP A 1 72  ? -1.667  -6.203  12.681  1.00 22.84 ? 110  ASP A N     1 
ATOM   601  C CA    . ASP A 1 72  ? -1.618  -4.932  13.395  1.00 21.48 ? 110  ASP A CA    1 
ATOM   602  C C     . ASP A 1 72  ? -3.029  -4.615  13.880  1.00 20.17 ? 110  ASP A C     1 
ATOM   603  O O     . ASP A 1 72  ? -3.977  -4.648  13.102  1.00 20.02 ? 110  ASP A O     1 
ATOM   604  C CB    . ASP A 1 72  ? -1.138  -3.828  12.466  1.00 24.36 ? 110  ASP A CB    1 
ATOM   605  C CG    . ASP A 1 72  ? -0.808  -2.562  13.205  1.00 26.51 ? 110  ASP A CG    1 
ATOM   606  O OD1   . ASP A 1 72  ? 0.385   -2.189  13.229  1.00 26.84 ? 110  ASP A OD1   1 
ATOM   607  O OD2   . ASP A 1 72  ? -1.736  -1.937  13.768  1.00 27.93 ? 110  ASP A OD2   1 
ATOM   608  N N     . PRO A 1 73  ? -3.190  -4.299  15.174  1.00 18.86 ? 111  PRO A N     1 
ATOM   609  C CA    . PRO A 1 73  ? -4.503  -3.986  15.744  1.00 19.13 ? 111  PRO A CA    1 
ATOM   610  C C     . PRO A 1 73  ? -5.234  -2.857  15.007  1.00 20.24 ? 111  PRO A C     1 
ATOM   611  O O     . PRO A 1 73  ? -6.460  -2.848  14.904  1.00 21.20 ? 111  PRO A O     1 
ATOM   612  C CB    . PRO A 1 73  ? -4.175  -3.648  17.199  1.00 19.89 ? 111  PRO A CB    1 
ATOM   613  C CG    . PRO A 1 73  ? -2.782  -3.111  17.113  1.00 21.24 ? 111  PRO A CG    1 
ATOM   614  C CD    . PRO A 1 73  ? -2.117  -4.055  16.153  1.00 17.43 ? 111  PRO A CD    1 
ATOM   615  N N     . ILE A 1 74  ? -4.472  -1.911  14.478  1.00 20.22 ? 112  ILE A N     1 
ATOM   616  C CA    . ILE A 1 74  ? -5.048  -0.798  13.736  1.00 19.98 ? 112  ILE A CA    1 
ATOM   617  C C     . ILE A 1 74  ? -5.714  -1.278  12.435  1.00 18.86 ? 112  ILE A C     1 
ATOM   618  O O     . ILE A 1 74  ? -6.706  -0.692  11.986  1.00 16.45 ? 112  ILE A O     1 
ATOM   619  C CB    . ILE A 1 74  ? -3.960  0.221   13.397  1.00 20.39 ? 112  ILE A CB    1 
ATOM   620  C CG1   . ILE A 1 74  ? -3.167  0.555   14.668  1.00 21.77 ? 112  ILE A CG1   1 
ATOM   621  C CG2   . ILE A 1 74  ? -4.592  1.469   12.820  1.00 19.14 ? 112  ILE A CG2   1 
ATOM   622  C CD1   . ILE A 1 74  ? -1.727  0.993   14.419  1.00 26.33 ? 112  ILE A CD1   1 
ATOM   623  N N     . SER A 1 75  ? -5.174  -2.342  11.837  1.00 16.64 ? 113  SER A N     1 
ATOM   624  C CA    . SER A 1 75  ? -5.721  -2.884  10.591  1.00 17.71 ? 113  SER A CA    1 
ATOM   625  C C     . SER A 1 75  ? -6.481  -4.188  10.834  1.00 18.47 ? 113  SER A C     1 
ATOM   626  O O     . SER A 1 75  ? -6.798  -4.932  9.902   1.00 19.81 ? 113  SER A O     1 
ATOM   627  C CB    . SER A 1 75  ? -4.591  -3.122  9.582   1.00 17.27 ? 113  SER A CB    1 
ATOM   628  O OG    . SER A 1 75  ? -3.803  -1.951  9.426   1.00 15.11 ? 113  SER A OG    1 
ATOM   629  N N     . ALA A 1 76  ? -6.792  -4.457  12.092  1.00 17.87 ? 114  ALA A N     1 
ATOM   630  C CA    . ALA A 1 76  ? -7.493  -5.679  12.438  1.00 18.10 ? 114  ALA A CA    1 
ATOM   631  C C     . ALA A 1 76  ? -8.770  -5.898  11.623  1.00 19.92 ? 114  ALA A C     1 
ATOM   632  O O     . ALA A 1 76  ? -9.023  -7.008  11.133  1.00 20.05 ? 114  ALA A O     1 
ATOM   633  C CB    . ALA A 1 76  ? -7.818  -5.667  13.912  1.00 17.71 ? 114  ALA A CB    1 
ATOM   634  N N     . ASN A 1 77  ? -9.571  -4.848  11.463  1.00 18.42 ? 115  ASN A N     1 
ATOM   635  C CA    . ASN A 1 77  ? -10.818 -4.990  10.725  1.00 18.42 ? 115  ASN A CA    1 
ATOM   636  C C     . ASN A 1 77  ? -10.744 -4.281  9.368   1.00 18.25 ? 115  ASN A C     1 
ATOM   637  O O     . ASN A 1 77  ? -11.762 -3.898  8.800   1.00 19.77 ? 115  ASN A O     1 
ATOM   638  C CB    . ASN A 1 77  ? -11.973 -4.415  11.560  1.00 18.27 ? 115  ASN A CB    1 
ATOM   639  C CG    . ASN A 1 77  ? -12.009 -4.966  12.993  1.00 18.78 ? 115  ASN A CG    1 
ATOM   640  O OD1   . ASN A 1 77  ? -12.070 -6.177  13.211  1.00 19.05 ? 115  ASN A OD1   1 
ATOM   641  N ND2   . ASN A 1 77  ? -11.978 -4.065  13.972  1.00 17.55 ? 115  ASN A ND2   1 
ATOM   642  N N     . GLY A 1 78  ? -9.540  -4.132  8.831   1.00 14.97 ? 116  GLY A N     1 
ATOM   643  C CA    . GLY A 1 78  ? -9.427  -3.444  7.563   1.00 14.27 ? 116  GLY A CA    1 
ATOM   644  C C     . GLY A 1 78  ? -9.373  -4.312  6.328   1.00 14.84 ? 116  GLY A C     1 
ATOM   645  O O     . GLY A 1 78  ? -9.702  -5.497  6.359   1.00 13.35 ? 116  GLY A O     1 
ATOM   646  N N     . GLY A 1 79  ? -8.953  -3.693  5.231   1.00 13.94 ? 117  GLY A N     1 
ATOM   647  C CA    . GLY A 1 79  ? -8.836  -4.380  3.958   1.00 12.99 ? 117  GLY A CA    1 
ATOM   648  C C     . GLY A 1 79  ? -7.943  -3.566  3.041   1.00 12.40 ? 117  GLY A C     1 
ATOM   649  O O     . GLY A 1 79  ? -7.200  -2.709  3.514   1.00 12.65 ? 117  GLY A O     1 
ATOM   650  N N     . LYS A 1 80  ? -8.012  -3.798  1.735   1.00 11.76 ? 118  LYS A N     1 
ATOM   651  C CA    . LYS A 1 80  ? -7.162  -3.042  0.820   1.00 9.53  ? 118  LYS A CA    1 
ATOM   652  C C     . LYS A 1 80  ? -7.660  -3.015  -0.608  1.00 9.07  ? 118  LYS A C     1 
ATOM   653  O O     . LYS A 1 80  ? -8.327  -3.944  -1.061  1.00 7.01  ? 118  LYS A O     1 
ATOM   654  C CB    . LYS A 1 80  ? -5.764  -3.643  0.790   1.00 10.95 ? 118  LYS A CB    1 
ATOM   655  C CG    . LYS A 1 80  ? -5.724  -5.070  0.222   1.00 13.00 ? 118  LYS A CG    1 
ATOM   656  C CD    . LYS A 1 80  ? -4.280  -5.491  -0.067  1.00 13.13 ? 118  LYS A CD    1 
ATOM   657  C CE    . LYS A 1 80  ? -4.154  -6.842  -0.762  1.00 6.69  ? 118  LYS A CE    1 
ATOM   658  N NZ    . LYS A 1 80  ? -4.614  -7.935  0.125   1.00 9.70  ? 118  LYS A NZ    1 
ATOM   659  N N     . TRP A 1 81  ? -7.319  -1.950  -1.325  1.00 7.84  ? 119  TRP A N     1 
ATOM   660  C CA    . TRP A 1 81  ? -7.690  -1.834  -2.732  1.00 7.90  ? 119  TRP A CA    1 
ATOM   661  C C     . TRP A 1 81  ? -6.441  -2.176  -3.542  1.00 6.91  ? 119  TRP A C     1 
ATOM   662  O O     . TRP A 1 81  ? -5.338  -1.767  -3.199  1.00 9.74  ? 119  TRP A O     1 
ATOM   663  C CB    . TRP A 1 81  ? -8.149  -0.405  -3.063  1.00 6.65  ? 119  TRP A CB    1 
ATOM   664  C CG    . TRP A 1 81  ? -9.539  -0.068  -2.553  1.00 6.99  ? 119  TRP A CG    1 
ATOM   665  C CD1   . TRP A 1 81  ? -9.864  0.657   -1.432  1.00 7.14  ? 119  TRP A CD1   1 
ATOM   666  C CD2   . TRP A 1 81  ? -10.777 -0.477  -3.135  1.00 5.85  ? 119  TRP A CD2   1 
ATOM   667  N NE1   . TRP A 1 81  ? -11.231 0.722   -1.289  1.00 5.59  ? 119  TRP A NE1   1 
ATOM   668  C CE2   . TRP A 1 81  ? -11.817 0.035   -2.321  1.00 7.15  ? 119  TRP A CE2   1 
ATOM   669  C CE3   . TRP A 1 81  ? -11.118 -1.227  -4.269  1.00 4.50  ? 119  TRP A CE3   1 
ATOM   670  C CZ2   . TRP A 1 81  ? -13.172 -0.184  -2.613  1.00 5.97  ? 119  TRP A CZ2   1 
ATOM   671  C CZ3   . TRP A 1 81  ? -12.453 -1.444  -4.557  1.00 3.02  ? 119  TRP A CZ3   1 
ATOM   672  C CH2   . TRP A 1 81  ? -13.470 -0.924  -3.733  1.00 5.33  ? 119  TRP A CH2   1 
ATOM   673  N N     . THR A 1 82  ? -6.600  -2.926  -4.620  1.00 7.50  ? 120  THR A N     1 
ATOM   674  C CA    . THR A 1 82  ? -5.440  -3.297  -5.407  1.00 9.02  ? 120  THR A CA    1 
ATOM   675  C C     . THR A 1 82  ? -5.537  -2.930  -6.888  1.00 10.63 ? 120  THR A C     1 
ATOM   676  O O     . THR A 1 82  ? -6.616  -2.924  -7.481  1.00 11.38 ? 120  THR A O     1 
ATOM   677  C CB    . THR A 1 82  ? -5.156  -4.830  -5.266  1.00 7.54  ? 120  THR A CB    1 
ATOM   678  O OG1   . THR A 1 82  ? -4.789  -5.132  -3.914  1.00 9.45  ? 120  THR A OG1   1 
ATOM   679  C CG2   . THR A 1 82  ? -4.041  -5.261  -6.186  1.00 6.51  ? 120  THR A CG2   1 
ATOM   680  N N     . ILE A 1 83  ? -4.384  -2.596  -7.455  1.00 11.62 ? 121  ILE A N     1 
ATOM   681  C CA    . ILE A 1 83  ? -4.257  -2.302  -8.869  1.00 11.81 ? 121  ILE A CA    1 
ATOM   682  C C     . ILE A 1 83  ? -3.112  -3.181  -9.355  1.00 14.44 ? 121  ILE A C     1 
ATOM   683  O O     . ILE A 1 83  ? -2.046  -3.247  -8.717  1.00 12.81 ? 121  ILE A O     1 
ATOM   684  C CB    . ILE A 1 83  ? -3.926  -0.831  -9.119  1.00 10.28 ? 121  ILE A CB    1 
ATOM   685  C CG1   . ILE A 1 83  ? -5.207  0.006   -9.034  1.00 13.04 ? 121  ILE A CG1   1 
ATOM   686  C CG2   . ILE A 1 83  ? -3.289  -0.668  -10.477 1.00 12.37 ? 121  ILE A CG2   1 
ATOM   687  C CD1   . ILE A 1 83  ? -4.978  1.498   -9.105  1.00 12.56 ? 121  ILE A CD1   1 
ATOM   688  N N     . SER A 1 84  ? -3.348  -3.908  -10.443 1.00 16.05 ? 122  SER A N     1 
ATOM   689  C CA    . SER A 1 84  ? -2.306  -4.768  -10.994 1.00 18.26 ? 122  SER A CA    1 
ATOM   690  C C     . SER A 1 84  ? -1.845  -4.222  -12.352 1.00 20.01 ? 122  SER A C     1 
ATOM   691  O O     . SER A 1 84  ? -2.637  -3.663  -13.128 1.00 19.69 ? 122  SER A O     1 
ATOM   692  C CB    . SER A 1 84  ? -2.814  -6.213  -11.137 1.00 17.66 ? 122  SER A CB    1 
ATOM   693  O OG    . SER A 1 84  ? -1.727  -7.107  -11.344 1.00 19.38 ? 122  SER A OG    1 
ATOM   694  N N     . CYS A 1 85  ? -0.547  -4.334  -12.618 1.00 20.42 ? 123  CYS A N     1 
ATOM   695  C CA    . CYS A 1 85  ? -0.006  -3.873  -13.892 1.00 21.35 ? 123  CYS A CA    1 
ATOM   696  C C     . CYS A 1 85  ? 1.246   -4.663  -14.296 1.00 21.08 ? 123  CYS A C     1 
ATOM   697  O O     . CYS A 1 85  ? 1.762   -5.472  -13.525 1.00 19.37 ? 123  CYS A O     1 
ATOM   698  C CB    . CYS A 1 85  ? 0.296   -2.377  -13.836 1.00 21.17 ? 123  CYS A CB    1 
ATOM   699  S SG    . CYS A 1 85  ? 1.650   -1.986  -12.747 1.00 21.79 ? 123  CYS A SG    1 
ATOM   700  N N     . GLY A 1 86  ? 1.719   -4.432  -15.512 1.00 21.38 ? 124  GLY A N     1 
ATOM   701  C CA    . GLY A 1 86  ? 2.877   -5.148  -15.997 1.00 21.44 ? 124  GLY A CA    1 
ATOM   702  C C     . GLY A 1 86  ? 4.108   -4.869  -15.174 1.00 21.98 ? 124  GLY A C     1 
ATOM   703  O O     . GLY A 1 86  ? 4.105   -4.004  -14.303 1.00 22.48 ? 124  GLY A O     1 
ATOM   704  N N     . ARG A 1 87  ? 5.172   -5.603  -15.463 1.00 21.77 ? 125  ARG A N     1 
ATOM   705  C CA    . ARG A 1 87  ? 6.426   -5.436  -14.755 1.00 23.03 ? 125  ARG A CA    1 
ATOM   706  C C     . ARG A 1 87  ? 7.097   -4.106  -15.133 1.00 22.97 ? 125  ARG A C     1 
ATOM   707  O O     . ARG A 1 87  ? 7.338   -3.829  -16.307 1.00 21.81 ? 125  ARG A O     1 
ATOM   708  C CB    . ARG A 1 87  ? 7.335   -6.615  -15.082 1.00 24.41 ? 125  ARG A CB    1 
ATOM   709  C CG    . ARG A 1 87  ? 8.516   -6.747  -14.159 1.00 29.30 ? 125  ARG A CG    1 
ATOM   710  C CD    . ARG A 1 87  ? 8.123   -7.214  -12.761 1.00 29.93 ? 125  ARG A CD    1 
ATOM   711  N NE    . ARG A 1 87  ? 9.300   -7.548  -11.963 1.00 32.42 ? 125  ARG A NE    1 
ATOM   712  C CZ    . ARG A 1 87  ? 10.183  -6.678  -11.466 1.00 32.65 ? 125  ARG A CZ    1 
ATOM   713  N NH1   . ARG A 1 87  ? 10.055  -5.371  -11.655 1.00 30.78 ? 125  ARG A NH1   1 
ATOM   714  N NH2   . ARG A 1 87  ? 11.223  -7.132  -10.779 1.00 34.54 ? 125  ARG A NH2   1 
ATOM   715  N N     . GLY A 1 88  ? 7.381   -3.278  -14.133 1.00 23.34 ? 126  GLY A N     1 
ATOM   716  C CA    . GLY A 1 88  ? 8.009   -1.993  -14.400 1.00 23.29 ? 126  GLY A CA    1 
ATOM   717  C C     . GLY A 1 88  ? 7.066   -0.891  -14.859 1.00 23.37 ? 126  GLY A C     1 
ATOM   718  O O     . GLY A 1 88  ? 7.504   0.149   -15.353 1.00 23.21 ? 126  GLY A O     1 
ATOM   719  N N     . LYS A 1 89  ? 5.768   -1.106  -14.693 1.00 23.58 ? 127  LYS A N     1 
ATOM   720  C CA    . LYS A 1 89  ? 4.779   -0.117  -15.114 1.00 23.84 ? 127  LYS A CA    1 
ATOM   721  C C     . LYS A 1 89  ? 4.013   0.447   -13.914 1.00 24.17 ? 127  LYS A C     1 
ATOM   722  O O     . LYS A 1 89  ? 2.889   0.924   -14.071 1.00 24.85 ? 127  LYS A O     1 
ATOM   723  C CB    . LYS A 1 89  ? 3.775   -0.764  -16.077 1.00 25.21 ? 127  LYS A CB    1 
ATOM   724  C CG    . LYS A 1 89  ? 4.392   -1.484  -17.274 1.00 27.09 ? 127  LYS A CG    1 
ATOM   725  C CD    . LYS A 1 89  ? 5.028   -0.519  -18.268 1.00 28.41 ? 127  LYS A CD    1 
ATOM   726  C CE    . LYS A 1 89  ? 5.641   -1.274  -19.443 1.00 30.15 ? 127  LYS A CE    1 
ATOM   727  N NZ    . LYS A 1 89  ? 6.343   -0.387  -20.415 1.00 30.74 ? 127  LYS A NZ    1 
ATOM   728  N N     . SER A 1 90  ? 4.614   0.403   -12.724 1.00 21.91 ? 128  SER A N     1 
ATOM   729  C CA    . SER A 1 90  ? 3.942   0.888   -11.517 1.00 20.33 ? 128  SER A CA    1 
ATOM   730  C C     . SER A 1 90  ? 4.653   2.039   -10.813 1.00 19.57 ? 128  SER A C     1 
ATOM   731  O O     . SER A 1 90  ? 4.232   2.458   -9.730  1.00 20.08 ? 128  SER A O     1 
ATOM   732  C CB    . SER A 1 90  ? 3.755   -0.261  -10.520 1.00 18.80 ? 128  SER A CB    1 
ATOM   733  O OG    . SER A 1 90  ? 4.984   -0.655  -9.946  1.00 16.54 ? 128  SER A OG    1 
ATOM   734  N N     . ASP A 1 91  ? 5.726   2.547   -11.417 1.00 18.80 ? 129  ASP A N     1 
ATOM   735  C CA    . ASP A 1 91  ? 6.498   3.636   -10.823 1.00 17.82 ? 129  ASP A CA    1 
ATOM   736  C C     . ASP A 1 91  ? 5.644   4.853   -10.546 1.00 17.55 ? 129  ASP A C     1 
ATOM   737  O O     . ASP A 1 91  ? 5.678   5.408   -9.446  1.00 18.36 ? 129  ASP A O     1 
ATOM   738  C CB    . ASP A 1 91  ? 7.682   4.021   -11.727 1.00 17.47 ? 129  ASP A CB    1 
ATOM   739  C CG    . ASP A 1 91  ? 8.810   2.996   -11.674 1.00 17.94 ? 129  ASP A CG    1 
ATOM   740  O OD1   . ASP A 1 91  ? 9.686   2.993   -12.565 1.00 18.58 ? 129  ASP A OD1   1 
ATOM   741  O OD2   . ASP A 1 91  ? 8.818   2.192   -10.724 1.00 18.60 ? 129  ASP A OD2   1 
ATOM   742  N N     . THR A 1 92  ? 4.867   5.254   -11.546 1.00 16.81 ? 130  THR A N     1 
ATOM   743  C CA    . THR A 1 92  ? 3.987   6.419   -11.435 1.00 17.97 ? 130  THR A CA    1 
ATOM   744  C C     . THR A 1 92  ? 2.773   6.152   -10.557 1.00 16.37 ? 130  THR A C     1 
ATOM   745  O O     . THR A 1 92  ? 2.414   6.983   -9.738  1.00 17.73 ? 130  THR A O     1 
ATOM   746  C CB    . THR A 1 92  ? 3.521   6.883   -12.823 1.00 18.74 ? 130  THR A CB    1 
ATOM   747  O OG1   . THR A 1 92  ? 4.642   7.432   -13.533 1.00 20.16 ? 130  THR A OG1   1 
ATOM   748  C CG2   . THR A 1 92  ? 2.424   7.928   -12.693 1.00 17.53 ? 130  THR A CG2   1 
ATOM   749  N N     . PHE A 1 93  ? 2.125   5.010   -10.743 1.00 15.28 ? 131  PHE A N     1 
ATOM   750  C CA    . PHE A 1 93  ? 0.981   4.678   -9.900  1.00 14.70 ? 131  PHE A CA    1 
ATOM   751  C C     . PHE A 1 93  ? 1.397   4.766   -8.423  1.00 13.66 ? 131  PHE A C     1 
ATOM   752  O O     . PHE A 1 93  ? 0.688   5.328   -7.595  1.00 11.82 ? 131  PHE A O     1 
ATOM   753  C CB    . PHE A 1 93  ? 0.481   3.263   -10.209 1.00 12.45 ? 131  PHE A CB    1 
ATOM   754  C CG    . PHE A 1 93  ? -0.253  3.150   -11.510 1.00 12.45 ? 131  PHE A CG    1 
ATOM   755  C CD1   . PHE A 1 93  ? -0.079  2.035   -12.325 1.00 12.25 ? 131  PHE A CD1   1 
ATOM   756  C CD2   . PHE A 1 93  ? -1.115  4.157   -11.926 1.00 12.54 ? 131  PHE A CD2   1 
ATOM   757  C CE1   . PHE A 1 93  ? -0.751  1.929   -13.536 1.00 12.41 ? 131  PHE A CE1   1 
ATOM   758  C CE2   . PHE A 1 93  ? -1.792  4.057   -13.137 1.00 10.90 ? 131  PHE A CE2   1 
ATOM   759  C CZ    . PHE A 1 93  ? -1.611  2.948   -13.941 1.00 11.16 ? 131  PHE A CZ    1 
ATOM   760  N N     . TRP A 1 94  ? 2.552   4.205   -8.099  1.00 13.42 ? 132  TRP A N     1 
ATOM   761  C CA    . TRP A 1 94  ? 3.070   4.216   -6.736  1.00 13.63 ? 132  TRP A CA    1 
ATOM   762  C C     . TRP A 1 94  ? 3.351   5.646   -6.269  1.00 13.04 ? 132  TRP A C     1 
ATOM   763  O O     . TRP A 1 94  ? 3.010   6.028   -5.145  1.00 13.84 ? 132  TRP A O     1 
ATOM   764  C CB    . TRP A 1 94  ? 4.343   3.362   -6.673  1.00 12.27 ? 132  TRP A CB    1 
ATOM   765  C CG    . TRP A 1 94  ? 5.119   3.439   -5.408  1.00 13.52 ? 132  TRP A CG    1 
ATOM   766  C CD1   . TRP A 1 94  ? 6.399   3.909   -5.245  1.00 12.32 ? 132  TRP A CD1   1 
ATOM   767  C CD2   . TRP A 1 94  ? 4.690   2.999   -4.117  1.00 13.10 ? 132  TRP A CD2   1 
ATOM   768  N NE1   . TRP A 1 94  ? 6.786   3.781   -3.930  1.00 12.90 ? 132  TRP A NE1   1 
ATOM   769  C CE2   . TRP A 1 94  ? 5.752   3.227   -3.218  1.00 12.65 ? 132  TRP A CE2   1 
ATOM   770  C CE3   . TRP A 1 94  ? 3.509   2.427   -3.638  1.00 15.02 ? 132  TRP A CE3   1 
ATOM   771  C CZ2   . TRP A 1 94  ? 5.666   2.905   -1.864  1.00 12.41 ? 132  TRP A CZ2   1 
ATOM   772  C CZ3   . TRP A 1 94  ? 3.420   2.108   -2.302  1.00 14.20 ? 132  TRP A CZ3   1 
ATOM   773  C CH2   . TRP A 1 94  ? 4.493   2.346   -1.423  1.00 12.50 ? 132  TRP A CH2   1 
ATOM   774  N N     . LEU A 1 95  ? 3.964   6.446   -7.136  1.00 11.23 ? 133  LEU A N     1 
ATOM   775  C CA    . LEU A 1 95  ? 4.285   7.819   -6.760  1.00 10.65 ? 133  LEU A CA    1 
ATOM   776  C C     . LEU A 1 95  ? 3.047   8.626   -6.404  1.00 11.35 ? 133  LEU A C     1 
ATOM   777  O O     . LEU A 1 95  ? 2.982   9.229   -5.337  1.00 11.67 ? 133  LEU A O     1 
ATOM   778  C CB    . LEU A 1 95  ? 5.045   8.522   -7.887  1.00 9.78  ? 133  LEU A CB    1 
ATOM   779  C CG    . LEU A 1 95  ? 5.206   10.041  -7.805  1.00 7.07  ? 133  LEU A CG    1 
ATOM   780  C CD1   . LEU A 1 95  ? 5.878   10.417  -6.493  1.00 6.33  ? 133  LEU A CD1   1 
ATOM   781  C CD2   . LEU A 1 95  ? 6.017   10.553  -9.002  1.00 9.19  ? 133  LEU A CD2   1 
ATOM   782  N N     . HIS A 1 96  ? 2.075   8.642   -7.306  1.00 12.02 ? 134  HIS A N     1 
ATOM   783  C CA    . HIS A 1 96  ? 0.843   9.380   -7.091  1.00 13.35 ? 134  HIS A CA    1 
ATOM   784  C C     . HIS A 1 96  ? 0.114   8.848   -5.862  1.00 13.61 ? 134  HIS A C     1 
ATOM   785  O O     . HIS A 1 96  ? -0.542  9.611   -5.136  1.00 14.52 ? 134  HIS A O     1 
ATOM   786  C CB    . HIS A 1 96  ? -0.046  9.265   -8.335  1.00 14.40 ? 134  HIS A CB    1 
ATOM   787  C CG    . HIS A 1 96  ? 0.462   10.034  -9.514  1.00 17.71 ? 134  HIS A CG    1 
ATOM   788  N ND1   . HIS A 1 96  ? 0.207   9.669   -10.821 1.00 17.84 ? 134  HIS A ND1   1 
ATOM   789  C CD2   . HIS A 1 96  ? 1.208   11.163  -9.584  1.00 16.01 ? 134  HIS A CD2   1 
ATOM   790  C CE1   . HIS A 1 96  ? 0.776   10.538  -11.637 1.00 15.72 ? 134  HIS A CE1   1 
ATOM   791  N NE2   . HIS A 1 96  ? 1.386   11.454  -10.915 1.00 17.50 ? 134  HIS A NE2   1 
ATOM   792  N N     . THR A 1 97  ? 0.245   7.543   -5.618  1.00 11.86 ? 135  THR A N     1 
ATOM   793  C CA    . THR A 1 97  ? -0.407  6.917   -4.472  1.00 11.00 ? 135  THR A CA    1 
ATOM   794  C C     . THR A 1 97  ? 0.182   7.513   -3.213  1.00 10.83 ? 135  THR A C     1 
ATOM   795  O O     . THR A 1 97  ? -0.544  7.851   -2.285  1.00 13.57 ? 135  THR A O     1 
ATOM   796  C CB    . THR A 1 97  ? -0.215  5.367   -4.438  1.00 10.63 ? 135  THR A CB    1 
ATOM   797  O OG1   . THR A 1 97  ? -0.936  4.764   -5.521  1.00 9.85  ? 135  THR A OG1   1 
ATOM   798  C CG2   . THR A 1 97  ? -0.766  4.787   -3.129  1.00 10.97 ? 135  THR A CG2   1 
ATOM   799  N N     . LEU A 1 98  ? 1.500   7.668   -3.207  1.00 8.59  ? 136  LEU A N     1 
ATOM   800  C CA    . LEU A 1 98  ? 2.187   8.231   -2.058  1.00 9.34  ? 136  LEU A CA    1 
ATOM   801  C C     . LEU A 1 98  ? 1.829   9.684   -1.796  1.00 9.54  ? 136  LEU A C     1 
ATOM   802  O O     . LEU A 1 98  ? 1.644   10.079  -0.642  1.00 10.69 ? 136  LEU A O     1 
ATOM   803  C CB    . LEU A 1 98  ? 3.693   8.127   -2.246  1.00 9.03  ? 136  LEU A CB    1 
ATOM   804  C CG    . LEU A 1 98  ? 4.244   6.709   -2.237  1.00 12.30 ? 136  LEU A CG    1 
ATOM   805  C CD1   . LEU A 1 98  ? 5.708   6.709   -2.714  1.00 11.00 ? 136  LEU A CD1   1 
ATOM   806  C CD2   . LEU A 1 98  ? 4.072   6.132   -0.825  1.00 9.83  ? 136  LEU A CD2   1 
ATOM   807  N N     . LEU A 1 99  ? 1.759   10.473  -2.868  1.00 9.31  ? 137  LEU A N     1 
ATOM   808  C CA    . LEU A 1 99  ? 1.432   11.894  -2.778  1.00 10.27 ? 137  LEU A CA    1 
ATOM   809  C C     . LEU A 1 99  ? 0.002   12.111  -2.297  1.00 9.11  ? 137  LEU A C     1 
ATOM   810  O O     . LEU A 1 99  ? -0.241  12.968  -1.467  1.00 10.76 ? 137  LEU A O     1 
ATOM   811  C CB    . LEU A 1 99  ? 1.627   12.585  -4.139  1.00 7.76  ? 137  LEU A CB    1 
ATOM   812  C CG    . LEU A 1 99  ? 3.081   12.871  -4.521  1.00 11.42 ? 137  LEU A CG    1 
ATOM   813  C CD1   . LEU A 1 99  ? 3.187   13.274  -5.993  1.00 8.04  ? 137  LEU A CD1   1 
ATOM   814  C CD2   . LEU A 1 99  ? 3.635   13.967  -3.608  1.00 10.87 ? 137  LEU A CD2   1 
ATOM   815  N N     . ALA A 1 100 ? -0.937  11.333  -2.822  1.00 8.59  ? 138  ALA A N     1 
ATOM   816  C CA    . ALA A 1 100 ? -2.333  11.460  -2.432  1.00 9.13  ? 138  ALA A CA    1 
ATOM   817  C C     . ALA A 1 100 ? -2.496  11.119  -0.951  1.00 11.99 ? 138  ALA A C     1 
ATOM   818  O O     . ALA A 1 100 ? -3.280  11.746  -0.223  1.00 13.02 ? 138  ALA A O     1 
ATOM   819  C CB    . ALA A 1 100 ? -3.194  10.539  -3.273  1.00 7.06  ? 138  ALA A CB    1 
ATOM   820  N N     . MET A 1 101 ? -1.743  10.125  -0.503  1.00 12.12 ? 139  MET A N     1 
ATOM   821  C CA    . MET A 1 101 ? -1.800  9.690   0.882   1.00 13.56 ? 139  MET A CA    1 
ATOM   822  C C     . MET A 1 101 ? -1.223  10.746  1.821   1.00 13.54 ? 139  MET A C     1 
ATOM   823  O O     . MET A 1 101 ? -1.923  11.251  2.698   1.00 11.72 ? 139  MET A O     1 
ATOM   824  C CB    . MET A 1 101 ? -1.017  8.384   1.039   1.00 14.20 ? 139  MET A CB    1 
ATOM   825  C CG    . MET A 1 101 ? -1.717  7.312   1.859   1.00 15.34 ? 139  MET A CG    1 
ATOM   826  S SD    . MET A 1 101 ? -1.085  5.625   1.527   1.00 16.29 ? 139  MET A SD    1 
ATOM   827  C CE    . MET A 1 101 ? 0.681   5.832   1.672   1.00 16.62 ? 139  MET A CE    1 
ATOM   828  N N     . ILE A 1 102 ? 0.059   11.065  1.639   1.00 13.40 ? 140  ILE A N     1 
ATOM   829  C CA    . ILE A 1 102 ? 0.725   12.037  2.496   1.00 12.16 ? 140  ILE A CA    1 
ATOM   830  C C     . ILE A 1 102 ? 0.043   13.393  2.354   1.00 11.99 ? 140  ILE A C     1 
ATOM   831  O O     . ILE A 1 102 ? 0.160   14.255  3.223   1.00 11.78 ? 140  ILE A O     1 
ATOM   832  C CB    . ILE A 1 102 ? 2.227   12.169  2.155   1.00 11.55 ? 140  ILE A CB    1 
ATOM   833  C CG1   . ILE A 1 102 ? 2.391   12.838  0.787   1.00 9.70  ? 140  ILE A CG1   1 
ATOM   834  C CG2   . ILE A 1 102 ? 2.894   10.787  2.192   1.00 8.29  ? 140  ILE A CG2   1 
ATOM   835  C CD1   . ILE A 1 102 ? 3.771   13.350  0.539   1.00 11.28 ? 140  ILE A CD1   1 
ATOM   836  N N     . GLY A 1 103 ? -0.677  13.572  1.254   1.00 10.63 ? 141  GLY A N     1 
ATOM   837  C CA    . GLY A 1 103 ? -1.381  14.819  1.041   1.00 10.53 ? 141  GLY A CA    1 
ATOM   838  C C     . GLY A 1 103 ? -2.732  14.888  1.743   1.00 9.73  ? 141  GLY A C     1 
ATOM   839  O O     . GLY A 1 103 ? -3.374  15.943  1.747   1.00 9.68  ? 141  GLY A O     1 
ATOM   840  N N     . GLU A 1 104 ? -3.174  13.776  2.330   1.00 8.67  ? 142  GLU A N     1 
ATOM   841  C CA    . GLU A 1 104 ? -4.457  13.724  3.037   1.00 10.17 ? 142  GLU A CA    1 
ATOM   842  C C     . GLU A 1 104 ? -5.568  14.135  2.082   1.00 11.35 ? 142  GLU A C     1 
ATOM   843  O O     . GLU A 1 104 ? -6.436  14.934  2.432   1.00 11.93 ? 142  GLU A O     1 
ATOM   844  C CB    . GLU A 1 104 ? -4.440  14.680  4.231   1.00 7.61  ? 142  GLU A CB    1 
ATOM   845  C CG    . GLU A 1 104 ? -3.296  14.465  5.222   1.00 6.20  ? 142  GLU A CG    1 
ATOM   846  C CD    . GLU A 1 104 ? -3.347  13.098  5.905   1.00 7.72  ? 142  GLU A CD    1 
ATOM   847  O OE1   . GLU A 1 104 ? -4.459  12.554  6.053   1.00 6.82  ? 142  GLU A OE1   1 
ATOM   848  O OE2   . GLU A 1 104 ? -2.283  12.570  6.301   1.00 8.46  ? 142  GLU A OE2   1 
ATOM   849  N N     . GLN A 1 105 ? -5.531  13.576  0.876   1.00 12.94 ? 143  GLN A N     1 
ATOM   850  C CA    . GLN A 1 105 ? -6.495  13.896  -0.177  1.00 13.60 ? 143  GLN A CA    1 
ATOM   851  C C     . GLN A 1 105 ? -7.782  13.103  -0.171  1.00 13.49 ? 143  GLN A C     1 
ATOM   852  O O     . GLN A 1 105 ? -8.663  13.366  -0.984  1.00 13.44 ? 143  GLN A O     1 
ATOM   853  C CB    . GLN A 1 105 ? -5.836  13.707  -1.542  1.00 13.51 ? 143  GLN A CB    1 
ATOM   854  C CG    . GLN A 1 105 ? -4.771  14.721  -1.841  1.00 15.60 ? 143  GLN A CG    1 
ATOM   855  C CD    . GLN A 1 105 ? -4.103  14.485  -3.176  1.00 17.46 ? 143  GLN A CD    1 
ATOM   856  O OE1   . GLN A 1 105 ? -4.745  14.084  -4.146  1.00 16.05 ? 143  GLN A OE1   1 
ATOM   857  N NE2   . GLN A 1 105 ? -2.805  14.752  -3.236  1.00 19.05 ? 143  GLN A NE2   1 
ATOM   858  N N     . PHE A 1 106 ? -7.890  12.139  0.737   1.00 13.78 ? 144  PHE A N     1 
ATOM   859  C CA    . PHE A 1 106 ? -9.074  11.293  0.791   1.00 13.60 ? 144  PHE A CA    1 
ATOM   860  C C     . PHE A 1 106 ? -10.191 11.772  1.721   1.00 15.22 ? 144  PHE A C     1 
ATOM   861  O O     . PHE A 1 106 ? -9.936  12.207  2.844   1.00 13.80 ? 144  PHE A O     1 
ATOM   862  C CB    . PHE A 1 106 ? -8.676  9.849   1.154   1.00 12.85 ? 144  PHE A CB    1 
ATOM   863  C CG    . PHE A 1 106 ? -7.788  9.176   0.128   1.00 10.92 ? 144  PHE A CG    1 
ATOM   864  C CD1   . PHE A 1 106 ? -6.409  9.302   0.199   1.00 12.15 ? 144  PHE A CD1   1 
ATOM   865  C CD2   . PHE A 1 106 ? -8.337  8.441   -0.925  1.00 11.77 ? 144  PHE A CD2   1 
ATOM   866  C CE1   . PHE A 1 106 ? -5.582  8.707   -0.770  1.00 11.99 ? 144  PHE A CE1   1 
ATOM   867  C CE2   . PHE A 1 106 ? -7.521  7.843   -1.896  1.00 9.61  ? 144  PHE A CE2   1 
ATOM   868  C CZ    . PHE A 1 106 ? -6.142  7.983   -1.811  1.00 11.05 ? 144  PHE A CZ    1 
ATOM   869  N N     . ASP A 1 107 ? -11.429 11.669  1.233   1.00 16.40 ? 145  ASP A N     1 
ATOM   870  C CA    . ASP A 1 107 ? -12.613 12.074  1.981   1.00 20.65 ? 145  ASP A CA    1 
ATOM   871  C C     . ASP A 1 107 ? -12.719 11.383  3.338   1.00 22.75 ? 145  ASP A C     1 
ATOM   872  O O     . ASP A 1 107 ? -13.174 11.985  4.313   1.00 26.72 ? 145  ASP A O     1 
ATOM   873  C CB    . ASP A 1 107 ? -13.879 11.809  1.155   1.00 20.94 ? 145  ASP A CB    1 
ATOM   874  C CG    . ASP A 1 107 ? -14.060 12.817  0.023   1.00 21.16 ? 145  ASP A CG    1 
ATOM   875  O OD1   . ASP A 1 107 ? -13.095 13.546  -0.277  1.00 21.42 ? 145  ASP A OD1   1 
ATOM   876  O OD2   . ASP A 1 107 ? -15.164 12.881  -0.562  1.00 21.70 ? 145  ASP A OD2   1 
ATOM   877  N N     . PHE A 1 108 ? -12.314 10.123  3.417   1.00 22.34 ? 146  PHE A N     1 
ATOM   878  C CA    . PHE A 1 108 ? -12.360 9.419   4.698   1.00 20.49 ? 146  PHE A CA    1 
ATOM   879  C C     . PHE A 1 108 ? -10.931 9.129   5.104   1.00 20.01 ? 146  PHE A C     1 
ATOM   880  O O     . PHE A 1 108 ? -10.603 7.989   5.459   1.00 20.82 ? 146  PHE A O     1 
ATOM   881  C CB    . PHE A 1 108 ? -13.113 8.103   4.561   1.00 20.28 ? 146  PHE A CB    1 
ATOM   882  C CG    . PHE A 1 108 ? -14.528 8.267   4.122   1.00 17.75 ? 146  PHE A CG    1 
ATOM   883  C CD1   . PHE A 1 108 ? -14.844 8.618   2.810   1.00 17.64 ? 146  PHE A CD1   1 
ATOM   884  C CD2   . PHE A 1 108 ? -15.553 8.089   5.035   1.00 16.30 ? 146  PHE A CD2   1 
ATOM   885  C CE1   . PHE A 1 108 ? -16.173 8.788   2.422   1.00 16.42 ? 146  PHE A CE1   1 
ATOM   886  C CE2   . PHE A 1 108 ? -16.873 8.253   4.664   1.00 15.40 ? 146  PHE A CE2   1 
ATOM   887  C CZ    . PHE A 1 108 ? -17.190 8.603   3.356   1.00 16.27 ? 146  PHE A CZ    1 
ATOM   888  N N     . GLY A 1 109 ? -10.098 10.167  5.049   1.00 16.63 ? 147  GLY A N     1 
ATOM   889  C CA    . GLY A 1 109 ? -8.686  10.055  5.371   1.00 15.21 ? 147  GLY A CA    1 
ATOM   890  C C     . GLY A 1 109 ? -8.286  9.186   6.538   1.00 14.06 ? 147  GLY A C     1 
ATOM   891  O O     . GLY A 1 109 ? -7.291  8.475   6.469   1.00 14.28 ? 147  GLY A O     1 
ATOM   892  N N     . ASP A 1 110 ? -9.060  9.241   7.614   1.00 14.31 ? 148  ASP A N     1 
ATOM   893  C CA    . ASP A 1 110 ? -8.742  8.464   8.800   1.00 16.00 ? 148  ASP A CA    1 
ATOM   894  C C     . ASP A 1 110 ? -8.553  6.993   8.451   1.00 16.55 ? 148  ASP A C     1 
ATOM   895  O O     . ASP A 1 110 ? -7.682  6.330   8.997   1.00 16.29 ? 148  ASP A O     1 
ATOM   896  C CB    . ASP A 1 110 ? -9.842  8.599   9.850   1.00 16.30 ? 148  ASP A CB    1 
ATOM   897  C CG    . ASP A 1 110 ? -9.416  8.050   11.194  1.00 18.19 ? 148  ASP A CG    1 
ATOM   898  O OD1   . ASP A 1 110 ? -8.545  8.670   11.850  1.00 19.43 ? 148  ASP A OD1   1 
ATOM   899  O OD2   . ASP A 1 110 ? -9.946  6.996   11.598  1.00 17.00 ? 148  ASP A OD2   1 
ATOM   900  N N     . GLU A 1 111 ? -9.371  6.496   7.531   1.00 17.43 ? 149  GLU A N     1 
ATOM   901  C CA    . GLU A 1 111 ? -9.304  5.112   7.094   1.00 17.30 ? 149  GLU A CA    1 
ATOM   902  C C     . GLU A 1 111 ? -7.936  4.693   6.538   1.00 17.53 ? 149  GLU A C     1 
ATOM   903  O O     . GLU A 1 111 ? -7.499  3.550   6.718   1.00 17.75 ? 149  GLU A O     1 
ATOM   904  C CB    . GLU A 1 111 ? -10.370 4.870   6.024   1.00 16.12 ? 149  GLU A CB    1 
ATOM   905  C CG    . GLU A 1 111 ? -11.795 4.849   6.549   1.00 19.87 ? 149  GLU A CG    1 
ATOM   906  C CD    . GLU A 1 111 ? -12.018 3.732   7.556   1.00 21.44 ? 149  GLU A CD    1 
ATOM   907  O OE1   . GLU A 1 111 ? -12.291 4.028   8.739   1.00 22.78 ? 149  GLU A OE1   1 
ATOM   908  O OE2   . GLU A 1 111 ? -11.914 2.555   7.159   1.00 23.81 ? 149  GLU A OE2   1 
ATOM   909  N N     . ILE A 1 112 ? -7.266  5.610   5.851   1.00 16.33 ? 150  ILE A N     1 
ATOM   910  C CA    . ILE A 1 112 ? -5.974  5.291   5.257   1.00 16.04 ? 150  ILE A CA    1 
ATOM   911  C C     . ILE A 1 112 ? -4.921  4.898   6.285   1.00 16.29 ? 150  ILE A C     1 
ATOM   912  O O     . ILE A 1 112 ? -4.631  5.667   7.206   1.00 17.89 ? 150  ILE A O     1 
ATOM   913  C CB    . ILE A 1 112 ? -5.432  6.477   4.421   1.00 17.79 ? 150  ILE A CB    1 
ATOM   914  C CG1   . ILE A 1 112 ? -6.178  6.564   3.082   1.00 17.15 ? 150  ILE A CG1   1 
ATOM   915  C CG2   . ILE A 1 112 ? -3.933  6.279   4.136   1.00 16.72 ? 150  ILE A CG2   1 
ATOM   916  C CD1   . ILE A 1 112 ? -7.620  6.931   3.186   1.00 18.90 ? 150  ILE A CD1   1 
ATOM   917  N N     . CYS A 1 113 ? -4.360  3.700   6.120   1.00 13.84 ? 151  CYS A N     1 
ATOM   918  C CA    . CYS A 1 113 ? -3.305  3.202   7.001   1.00 12.42 ? 151  CYS A CA    1 
ATOM   919  C C     . CYS A 1 113 ? -1.955  3.333   6.297   1.00 13.80 ? 151  CYS A C     1 
ATOM   920  O O     . CYS A 1 113 ? -0.949  3.647   6.920   1.00 15.65 ? 151  CYS A O     1 
ATOM   921  C CB    . CYS A 1 113 ? -3.512  1.722   7.340   1.00 11.02 ? 151  CYS A CB    1 
ATOM   922  S SG    . CYS A 1 113 ? -5.015  1.324   8.227   1.00 15.88 ? 151  CYS A SG    1 
ATOM   923  N N     . GLY A 1 114 ? -1.944  3.061   4.998   1.00 12.86 ? 152  GLY A N     1 
ATOM   924  C CA    . GLY A 1 114 ? -0.707  3.150   4.251   1.00 15.84 ? 152  GLY A CA    1 
ATOM   925  C C     . GLY A 1 114 ? -0.806  2.516   2.881   1.00 16.56 ? 152  GLY A C     1 
ATOM   926  O O     . GLY A 1 114 ? -1.891  2.132   2.449   1.00 16.85 ? 152  GLY A O     1 
ATOM   927  N N     . ALA A 1 115 ? 0.315   2.403   2.179   1.00 16.23 ? 153  ALA A N     1 
ATOM   928  C CA    . ALA A 1 115 ? 0.286   1.792   0.854   1.00 16.59 ? 153  ALA A CA    1 
ATOM   929  C C     . ALA A 1 115 ? 1.422   0.785   0.737   1.00 15.36 ? 153  ALA A C     1 
ATOM   930  O O     . ALA A 1 115 ? 2.412   0.867   1.462   1.00 14.87 ? 153  ALA A O     1 
ATOM   931  C CB    . ALA A 1 115 ? 0.394   2.869   -0.229  1.00 17.14 ? 153  ALA A CB    1 
ATOM   932  N N     . VAL A 1 116 ? 1.267   -0.175  -0.163  1.00 14.57 ? 154  VAL A N     1 
ATOM   933  C CA    . VAL A 1 116 ? 2.284   -1.197  -0.373  1.00 14.16 ? 154  VAL A CA    1 
ATOM   934  C C     . VAL A 1 116 ? 2.351   -1.588  -1.840  1.00 13.99 ? 154  VAL A C     1 
ATOM   935  O O     . VAL A 1 116 ? 1.339   -1.922  -2.445  1.00 15.19 ? 154  VAL A O     1 
ATOM   936  C CB    . VAL A 1 116 ? 1.984   -2.472  0.451   1.00 14.48 ? 154  VAL A CB    1 
ATOM   937  C CG1   . VAL A 1 116 ? 2.959   -3.566  0.091   1.00 13.63 ? 154  VAL A CG1   1 
ATOM   938  C CG2   . VAL A 1 116 ? 2.094   -2.180  1.932   1.00 15.17 ? 154  VAL A CG2   1 
ATOM   939  N N     . VAL A 1 117 ? 3.544   -1.522  -2.422  1.00 14.83 ? 155  VAL A N     1 
ATOM   940  C CA    . VAL A 1 117 ? 3.722   -1.914  -3.813  1.00 16.16 ? 155  VAL A CA    1 
ATOM   941  C C     . VAL A 1 117 ? 4.455   -3.250  -3.791  1.00 16.68 ? 155  VAL A C     1 
ATOM   942  O O     . VAL A 1 117 ? 5.488   -3.382  -3.134  1.00 16.77 ? 155  VAL A O     1 
ATOM   943  C CB    . VAL A 1 117 ? 4.547   -0.866  -4.614  1.00 17.03 ? 155  VAL A CB    1 
ATOM   944  C CG1   . VAL A 1 117 ? 5.856   -0.565  -3.903  1.00 17.04 ? 155  VAL A CG1   1 
ATOM   945  C CG2   . VAL A 1 117 ? 4.818   -1.385  -6.026  1.00 14.88 ? 155  VAL A CG2   1 
ATOM   946  N N     . SER A 1 118 ? 3.906   -4.245  -4.483  1.00 17.86 ? 156  SER A N     1 
ATOM   947  C CA    . SER A 1 118 ? 4.509   -5.577  -4.526  1.00 20.27 ? 156  SER A CA    1 
ATOM   948  C C     . SER A 1 118 ? 5.024   -5.954  -5.908  1.00 20.57 ? 156  SER A C     1 
ATOM   949  O O     . SER A 1 118 ? 4.291   -5.913  -6.901  1.00 19.73 ? 156  SER A O     1 
ATOM   950  C CB    . SER A 1 118 ? 3.507   -6.649  -4.072  1.00 21.46 ? 156  SER A CB    1 
ATOM   951  O OG    . SER A 1 118 ? 3.077   -6.452  -2.737  1.00 25.67 ? 156  SER A OG    1 
ATOM   952  N N     . VAL A 1 119 ? 6.291   -6.334  -5.962  1.00 21.36 ? 157  VAL A N     1 
ATOM   953  C CA    . VAL A 1 119 ? 6.892   -6.738  -7.217  1.00 22.62 ? 157  VAL A CA    1 
ATOM   954  C C     . VAL A 1 119 ? 6.937   -8.257  -7.293  1.00 23.29 ? 157  VAL A C     1 
ATOM   955  O O     . VAL A 1 119 ? 7.446   -8.919  -6.388  1.00 23.96 ? 157  VAL A O     1 
ATOM   956  C CB    . VAL A 1 119 ? 8.307   -6.159  -7.354  1.00 22.40 ? 157  VAL A CB    1 
ATOM   957  C CG1   . VAL A 1 119 ? 9.067   -6.885  -8.442  1.00 24.29 ? 157  VAL A CG1   1 
ATOM   958  C CG2   . VAL A 1 119 ? 8.216   -4.685  -7.697  1.00 23.50 ? 157  VAL A CG2   1 
ATOM   959  N N     . ARG A 1 120 ? 6.392   -8.807  -8.371  1.00 23.08 ? 158  ARG A N     1 
ATOM   960  C CA    . ARG A 1 120 ? 6.380   -10.250 -8.543  1.00 22.06 ? 158  ARG A CA    1 
ATOM   961  C C     . ARG A 1 120 ? 6.851   -10.671 -9.935  1.00 23.36 ? 158  ARG A C     1 
ATOM   962  O O     . ARG A 1 120 ? 7.217   -9.824  -10.762 1.00 21.21 ? 158  ARG A O     1 
ATOM   963  C CB    . ARG A 1 120 ? 4.977   -10.796 -8.256  1.00 20.27 ? 158  ARG A CB    1 
ATOM   964  C CG    . ARG A 1 120 ? 4.523   -10.605 -6.800  1.00 18.62 ? 158  ARG A CG    1 
ATOM   965  C CD    . ARG A 1 120 ? 5.374   -11.402 -5.802  1.00 13.82 ? 158  ARG A CD    1 
ATOM   966  N NE    . ARG A 1 120 ? 4.949   -11.186 -4.416  1.00 10.66 ? 158  ARG A NE    1 
ATOM   967  C CZ    . ARG A 1 120 ? 5.152   -10.065 -3.730  1.00 11.74 ? 158  ARG A CZ    1 
ATOM   968  N NH1   . ARG A 1 120 ? 5.788   -9.042  -4.286  1.00 12.85 ? 158  ARG A NH1   1 
ATOM   969  N NH2   . ARG A 1 120 ? 4.693   -9.950  -2.488  1.00 11.85 ? 158  ARG A NH2   1 
ATOM   970  N N     . GLN A 1 121 ? 6.849   -11.987 -10.169 1.00 24.74 ? 159  GLN A N     1 
ATOM   971  C CA    . GLN A 1 121 ? 7.269   -12.591 -11.432 1.00 26.15 ? 159  GLN A CA    1 
ATOM   972  C C     . GLN A 1 121 ? 6.799   -11.840 -12.665 1.00 26.23 ? 159  GLN A C     1 
ATOM   973  O O     . GLN A 1 121 ? 7.574   -11.109 -13.280 1.00 27.89 ? 159  GLN A O     1 
ATOM   974  C CB    . GLN A 1 121 ? 6.777   -14.036 -11.517 1.00 28.20 ? 159  GLN A CB    1 
ATOM   975  C CG    . GLN A 1 121 ? 7.141   -14.756 -12.819 1.00 32.41 ? 159  GLN A CG    1 
ATOM   976  C CD    . GLN A 1 121 ? 8.624   -14.664 -13.165 1.00 34.72 ? 159  GLN A CD    1 
ATOM   977  O OE1   . GLN A 1 121 ? 9.494   -14.981 -12.349 1.00 37.08 ? 159  GLN A OE1   1 
ATOM   978  N NE2   . GLN A 1 121 ? 8.916   -14.238 -14.390 1.00 36.30 ? 159  GLN A NE2   1 
ATOM   979  N N     . LYS A 1 122 ? 5.535   -12.019 -13.029 1.00 25.26 ? 160  LYS A N     1 
ATOM   980  C CA    . LYS A 1 122 ? 5.004   -11.351 -14.215 1.00 26.28 ? 160  LYS A CA    1 
ATOM   981  C C     . LYS A 1 122 ? 3.976   -10.247 -13.915 1.00 26.55 ? 160  LYS A C     1 
ATOM   982  O O     . LYS A 1 122 ? 3.090   -9.976  -14.729 1.00 26.44 ? 160  LYS A O     1 
ATOM   983  C CB    . LYS A 1 122 ? 4.403   -12.394 -15.168 1.00 25.74 ? 160  LYS A CB    1 
ATOM   984  N N     . GLN A 1 123 ? 4.108   -9.594  -12.765 1.00 25.71 ? 161  GLN A N     1 
ATOM   985  C CA    . GLN A 1 123 ? 3.182   -8.534  -12.397 1.00 24.59 ? 161  GLN A CA    1 
ATOM   986  C C     . GLN A 1 123 ? 3.641   -7.721  -11.207 1.00 23.71 ? 161  GLN A C     1 
ATOM   987  O O     . GLN A 1 123 ? 4.454   -8.174  -10.400 1.00 23.58 ? 161  GLN A O     1 
ATOM   988  C CB    . GLN A 1 123 ? 1.799   -9.108  -12.061 1.00 27.77 ? 161  GLN A CB    1 
ATOM   989  C CG    . GLN A 1 123 ? 1.743   -9.964  -10.783 1.00 27.91 ? 161  GLN A CG    1 
ATOM   990  C CD    . GLN A 1 123 ? 0.320   -10.204 -10.291 1.00 27.95 ? 161  GLN A CD    1 
ATOM   991  O OE1   . GLN A 1 123 ? -0.376  -9.268  -9.891  1.00 27.89 ? 161  GLN A OE1   1 
ATOM   992  N NE2   . GLN A 1 123 ? -0.119  -11.459 -10.321 1.00 26.90 ? 161  GLN A NE2   1 
ATOM   993  N N     . GLU A 1 124 ? 3.095   -6.513  -11.104 1.00 22.72 ? 162  GLU A N     1 
ATOM   994  C CA    . GLU A 1 124 ? 3.382   -5.605  -9.996  1.00 20.41 ? 162  GLU A CA    1 
ATOM   995  C C     . GLU A 1 124 ? 2.045   -5.051  -9.509  1.00 18.91 ? 162  GLU A C     1 
ATOM   996  O O     . GLU A 1 124 ? 1.182   -4.682  -10.298 1.00 20.26 ? 162  GLU A O     1 
ATOM   997  C CB    . GLU A 1 124 ? 4.286   -4.463  -10.458 1.00 20.29 ? 162  GLU A CB    1 
ATOM   998  C CG    . GLU A 1 124 ? 5.659   -4.912  -10.910 1.00 21.95 ? 162  GLU A CG    1 
ATOM   999  C CD    . GLU A 1 124 ? 6.566   -3.750  -11.233 1.00 22.08 ? 162  GLU A CD    1 
ATOM   1000 O OE1   . GLU A 1 124 ? 7.729   -3.998  -11.611 1.00 22.02 ? 162  GLU A OE1   1 
ATOM   1001 O OE2   . GLU A 1 124 ? 6.116   -2.590  -11.104 1.00 22.05 ? 162  GLU A OE2   1 
ATOM   1002 N N     . ARG A 1 125 ? 1.871   -4.993  -8.203  1.00 18.01 ? 163  ARG A N     1 
ATOM   1003 C CA    . ARG A 1 125 ? 0.615   -4.512  -7.665  1.00 18.31 ? 163  ARG A CA    1 
ATOM   1004 C C     . ARG A 1 125 ? 0.832   -3.390  -6.680  1.00 17.35 ? 163  ARG A C     1 
ATOM   1005 O O     . ARG A 1 125 ? 1.781   -3.432  -5.906  1.00 18.90 ? 163  ARG A O     1 
ATOM   1006 C CB    . ARG A 1 125 ? -0.125  -5.657  -6.958  1.00 18.49 ? 163  ARG A CB    1 
ATOM   1007 C CG    . ARG A 1 125 ? -0.293  -6.912  -7.807  1.00 20.36 ? 163  ARG A CG    1 
ATOM   1008 C CD    . ARG A 1 125 ? -1.140  -7.956  -7.102  1.00 21.93 ? 163  ARG A CD    1 
ATOM   1009 N NE    . ARG A 1 125 ? -0.518  -8.432  -5.867  1.00 22.79 ? 163  ARG A NE    1 
ATOM   1010 C CZ    . ARG A 1 125 ? 0.323   -9.458  -5.818  1.00 24.26 ? 163  ARG A CZ    1 
ATOM   1011 N NH1   . ARG A 1 125 ? 0.633   -10.104 -6.934  1.00 25.41 ? 163  ARG A NH1   1 
ATOM   1012 N NH2   . ARG A 1 125 ? 0.837   -9.849  -4.662  1.00 24.02 ? 163  ARG A NH2   1 
ATOM   1013 N N     . VAL A 1 126 ? -0.039  -2.387  -6.729  1.00 15.71 ? 164  VAL A N     1 
ATOM   1014 C CA    . VAL A 1 126 ? 0.011   -1.281  -5.783  1.00 14.65 ? 164  VAL A CA    1 
ATOM   1015 C C     . VAL A 1 126 ? -1.291  -1.383  -4.982  1.00 14.69 ? 164  VAL A C     1 
ATOM   1016 O O     . VAL A 1 126 ? -2.376  -1.455  -5.558  1.00 13.81 ? 164  VAL A O     1 
ATOM   1017 C CB    . VAL A 1 126 ? 0.060   0.076   -6.472  1.00 12.52 ? 164  VAL A CB    1 
ATOM   1018 C CG1   . VAL A 1 126 ? 0.160   1.143   -5.417  1.00 13.45 ? 164  VAL A CG1   1 
ATOM   1019 C CG2   . VAL A 1 126 ? 1.252   0.153   -7.404  1.00 13.50 ? 164  VAL A CG2   1 
ATOM   1020 N N     . ALA A 1 127 ? -1.184  -1.385  -3.658  1.00 13.56 ? 165  ALA A N     1 
ATOM   1021 C CA    . ALA A 1 127 ? -2.350  -1.544  -2.808  1.00 13.11 ? 165  ALA A CA    1 
ATOM   1022 C C     . ALA A 1 127 ? -2.364  -0.521  -1.699  1.00 12.88 ? 165  ALA A C     1 
ATOM   1023 O O     . ALA A 1 127 ? -1.324  -0.234  -1.112  1.00 12.09 ? 165  ALA A O     1 
ATOM   1024 C CB    . ALA A 1 127 ? -2.354  -2.959  -2.205  1.00 12.84 ? 165  ALA A CB    1 
ATOM   1025 N N     . ILE A 1 128 ? -3.551  0.012   -1.409  1.00 12.93 ? 166  ILE A N     1 
ATOM   1026 C CA    . ILE A 1 128 ? -3.737  1.001   -0.348  1.00 12.11 ? 166  ILE A CA    1 
ATOM   1027 C C     . ILE A 1 128 ? -4.580  0.327   0.756   1.00 12.23 ? 166  ILE A C     1 
ATOM   1028 O O     . ILE A 1 128 ? -5.632  -0.262  0.482   1.00 13.24 ? 166  ILE A O     1 
ATOM   1029 C CB    . ILE A 1 128 ? -4.390  2.302   -0.927  1.00 10.75 ? 166  ILE A CB    1 
ATOM   1030 C CG1   . ILE A 1 128 ? -4.514  3.354   0.167   1.00 11.22 ? 166  ILE A CG1   1 
ATOM   1031 C CG2   . ILE A 1 128 ? -5.735  1.988   -1.589  1.00 7.19  ? 166  ILE A CG2   1 
ATOM   1032 C CD1   . ILE A 1 128 ? -4.800  4.755   -0.354  1.00 9.39  ? 166  ILE A CD1   1 
ATOM   1033 N N     . TRP A 1 129 ? -4.094  0.394   1.993   1.00 11.46 ? 167  TRP A N     1 
ATOM   1034 C CA    . TRP A 1 129 ? -4.745  -0.264  3.127   1.00 11.98 ? 167  TRP A CA    1 
ATOM   1035 C C     . TRP A 1 129 ? -5.656  0.651   3.943   1.00 13.89 ? 167  TRP A C     1 
ATOM   1036 O O     . TRP A 1 129 ? -5.290  1.779   4.251   1.00 14.48 ? 167  TRP A O     1 
ATOM   1037 C CB    . TRP A 1 129 ? -3.667  -0.848  4.040   1.00 11.19 ? 167  TRP A CB    1 
ATOM   1038 C CG    . TRP A 1 129 ? -2.905  -2.010  3.448   1.00 11.22 ? 167  TRP A CG    1 
ATOM   1039 C CD1   . TRP A 1 129 ? -2.756  -2.312  2.119   1.00 10.54 ? 167  TRP A CD1   1 
ATOM   1040 C CD2   . TRP A 1 129 ? -2.236  -3.058  4.166   1.00 9.16  ? 167  TRP A CD2   1 
ATOM   1041 N NE1   . TRP A 1 129 ? -2.047  -3.485  1.970   1.00 8.73  ? 167  TRP A NE1   1 
ATOM   1042 C CE2   . TRP A 1 129 ? -1.717  -3.961  3.210   1.00 9.74  ? 167  TRP A CE2   1 
ATOM   1043 C CE3   . TRP A 1 129 ? -2.029  -3.320  5.526   1.00 10.26 ? 167  TRP A CE3   1 
ATOM   1044 C CZ2   . TRP A 1 129 ? -1.006  -5.118  3.573   1.00 11.24 ? 167  TRP A CZ2   1 
ATOM   1045 C CZ3   . TRP A 1 129 ? -1.315  -4.473  5.895   1.00 10.94 ? 167  TRP A CZ3   1 
ATOM   1046 C CH2   . TRP A 1 129 ? -0.816  -5.356  4.921   1.00 10.71 ? 167  TRP A CH2   1 
ATOM   1047 N N     . THR A 1 130 ? -6.822  0.133   4.321   1.00 13.79 ? 168  THR A N     1 
ATOM   1048 C CA    . THR A 1 130 ? -7.815  0.891   5.079   1.00 16.33 ? 168  THR A CA    1 
ATOM   1049 C C     . THR A 1 130 ? -8.130  0.279   6.449   1.00 16.40 ? 168  THR A C     1 
ATOM   1050 O O     . THR A 1 130 ? -7.825  -0.884  6.705   1.00 17.80 ? 168  THR A O     1 
ATOM   1051 C CB    . THR A 1 130 ? -9.113  1.021   4.274   1.00 14.92 ? 168  THR A CB    1 
ATOM   1052 O OG1   . THR A 1 130 ? -9.624  -0.281  3.975   1.00 15.44 ? 168  THR A OG1   1 
ATOM   1053 C CG2   . THR A 1 130 ? -8.835  1.742   2.961   1.00 17.65 ? 168  THR A CG2   1 
ATOM   1054 N N     . LYS A 1 131 ? -8.754  1.059   7.325   1.00 15.92 ? 169  LYS A N     1 
ATOM   1055 C CA    . LYS A 1 131 ? -9.077  0.588   8.668   1.00 15.42 ? 169  LYS A CA    1 
ATOM   1056 C C     . LYS A 1 131 ? -10.318 -0.286  8.816   1.00 15.26 ? 169  LYS A C     1 
ATOM   1057 O O     . LYS A 1 131 ? -10.238 -1.392  9.346   1.00 16.07 ? 169  LYS A O     1 
ATOM   1058 C CB    . LYS A 1 131 ? -9.243  1.761   9.638   1.00 14.00 ? 169  LYS A CB    1 
ATOM   1059 C CG    . LYS A 1 131 ? -7.979  2.391   10.208  1.00 15.33 ? 169  LYS A CG    1 
ATOM   1060 C CD    . LYS A 1 131 ? -8.397  3.560   11.114  1.00 14.86 ? 169  LYS A CD    1 
ATOM   1061 C CE    . LYS A 1 131 ? -7.218  4.247   11.774  1.00 17.00 ? 169  LYS A CE    1 
ATOM   1062 N NZ    . LYS A 1 131 ? -6.403  5.016   10.800  1.00 17.55 ? 169  LYS A NZ    1 
ATOM   1063 N N     . ASN A 1 132 ? -11.468 0.207   8.365   1.00 14.23 ? 170  ASN A N     1 
ATOM   1064 C CA    . ASN A 1 132 ? -12.726 -0.522  8.535   1.00 12.91 ? 170  ASN A CA    1 
ATOM   1065 C C     . ASN A 1 132 ? -13.415 -0.990  7.260   1.00 11.85 ? 170  ASN A C     1 
ATOM   1066 O O     . ASN A 1 132 ? -14.058 -0.212  6.571   1.00 13.36 ? 170  ASN A O     1 
ATOM   1067 C CB    . ASN A 1 132 ? -13.662 0.360   9.358   1.00 11.12 ? 170  ASN A CB    1 
ATOM   1068 C CG    . ASN A 1 132 ? -13.070 0.695   10.710  1.00 10.96 ? 170  ASN A CG    1 
ATOM   1069 O OD1   . ASN A 1 132 ? -13.023 -0.155  11.599  1.00 8.22  ? 170  ASN A OD1   1 
ATOM   1070 N ND2   . ASN A 1 132 ? -12.590 1.923   10.866  1.00 7.64  ? 170  ASN A ND2   1 
ATOM   1071 N N     . ALA A 1 133 ? -13.294 -2.277  6.967   1.00 12.13 ? 171  ALA A N     1 
ATOM   1072 C CA    . ALA A 1 133 ? -13.905 -2.824  5.767   1.00 12.88 ? 171  ALA A CA    1 
ATOM   1073 C C     . ALA A 1 133 ? -15.427 -2.843  5.864   1.00 14.16 ? 171  ALA A C     1 
ATOM   1074 O O     . ALA A 1 133 ? -16.131 -2.788  4.842   1.00 13.38 ? 171  ALA A O     1 
ATOM   1075 C CB    . ALA A 1 133 ? -13.381 -4.227  5.505   1.00 11.16 ? 171  ALA A CB    1 
ATOM   1076 N N     . ALA A 1 134 ? -15.936 -2.909  7.091   1.00 14.53 ? 172  ALA A N     1 
ATOM   1077 C CA    . ALA A 1 134 ? -17.377 -2.936  7.315   1.00 14.20 ? 172  ALA A CA    1 
ATOM   1078 C C     . ALA A 1 134 ? -18.023 -1.626  6.874   1.00 14.25 ? 172  ALA A C     1 
ATOM   1079 O O     . ALA A 1 134 ? -19.234 -1.544  6.733   1.00 15.35 ? 172  ALA A O     1 
ATOM   1080 C CB    . ALA A 1 134 ? -17.679 -3.228  8.795   1.00 14.02 ? 172  ALA A CB    1 
ATOM   1081 N N     . ASN A 1 135 ? -17.215 -0.602  6.651   1.00 14.44 ? 173  ASN A N     1 
ATOM   1082 C CA    . ASN A 1 135 ? -17.766 0.665   6.206   1.00 16.02 ? 173  ASN A CA    1 
ATOM   1083 C C     . ASN A 1 135 ? -17.695 0.732   4.689   1.00 17.81 ? 173  ASN A C     1 
ATOM   1084 O O     . ASN A 1 135 ? -16.726 1.261   4.145   1.00 17.62 ? 173  ASN A O     1 
ATOM   1085 C CB    . ASN A 1 135 ? -16.990 1.840   6.788   1.00 13.95 ? 173  ASN A CB    1 
ATOM   1086 C CG    . ASN A 1 135 ? -17.624 3.153   6.430   1.00 13.98 ? 173  ASN A CG    1 
ATOM   1087 O OD1   . ASN A 1 135 ? -18.439 3.222   5.508   1.00 13.09 ? 173  ASN A OD1   1 
ATOM   1088 N ND2   . ASN A 1 135 ? -17.254 4.208   7.138   1.00 12.04 ? 173  ASN A ND2   1 
ATOM   1089 N N     . GLU A 1 136 ? -18.724 0.200   4.026   1.00 19.40 ? 174  GLU A N     1 
ATOM   1090 C CA    . GLU A 1 136 ? -18.812 0.152   2.562   1.00 20.34 ? 174  GLU A CA    1 
ATOM   1091 C C     . GLU A 1 136 ? -18.776 1.528   1.898   1.00 19.93 ? 174  GLU A C     1 
ATOM   1092 O O     . GLU A 1 136 ? -18.074 1.710   0.906   1.00 19.92 ? 174  GLU A O     1 
ATOM   1093 C CB    . GLU A 1 136 ? -20.082 -0.606  2.135   1.00 21.96 ? 174  GLU A CB    1 
ATOM   1094 C CG    . GLU A 1 136 ? -20.331 -0.676  0.625   1.00 23.95 ? 174  GLU A CG    1 
ATOM   1095 C CD    . GLU A 1 136 ? -21.265 -1.816  0.234   1.00 26.55 ? 174  GLU A CD    1 
ATOM   1096 O OE1   . GLU A 1 136 ? -22.297 -1.999  0.908   1.00 26.89 ? 174  GLU A OE1   1 
ATOM   1097 O OE2   . GLU A 1 136 ? -20.978 -2.526  -0.754  1.00 31.07 ? 174  GLU A OE2   1 
ATOM   1098 N N     . ALA A 1 137 ? -19.526 2.486   2.445   1.00 19.80 ? 175  ALA A N     1 
ATOM   1099 C CA    . ALA A 1 137 ? -19.587 3.858   1.927   1.00 18.70 ? 175  ALA A CA    1 
ATOM   1100 C C     . ALA A 1 137 ? -18.191 4.476   1.853   1.00 18.48 ? 175  ALA A C     1 
ATOM   1101 O O     . ALA A 1 137 ? -17.784 5.013   0.818   1.00 17.80 ? 175  ALA A O     1 
ATOM   1102 C CB    . ALA A 1 137 ? -20.490 4.731   2.832   1.00 18.88 ? 175  ALA A CB    1 
ATOM   1103 N N     . ALA A 1 138 ? -17.464 4.401   2.963   1.00 16.92 ? 176  ALA A N     1 
ATOM   1104 C CA    . ALA A 1 138 ? -16.124 4.957   3.032   1.00 15.45 ? 176  ALA A CA    1 
ATOM   1105 C C     . ALA A 1 138 ? -15.188 4.283   2.036   1.00 15.44 ? 176  ALA A C     1 
ATOM   1106 O O     . ALA A 1 138 ? -14.522 4.971   1.268   1.00 16.16 ? 176  ALA A O     1 
ATOM   1107 C CB    . ALA A 1 138 ? -15.573 4.827   4.445   1.00 11.84 ? 176  ALA A CB    1 
ATOM   1108 N N     . GLN A 1 139 ? -15.145 2.948   2.045   1.00 13.54 ? 177  GLN A N     1 
ATOM   1109 C CA    . GLN A 1 139 ? -14.283 2.187   1.138   1.00 12.42 ? 177  GLN A CA    1 
ATOM   1110 C C     . GLN A 1 139 ? -14.556 2.466   -0.339  1.00 11.61 ? 177  GLN A C     1 
ATOM   1111 O O     . GLN A 1 139 ? -13.625 2.620   -1.122  1.00 11.69 ? 177  GLN A O     1 
ATOM   1112 C CB    . GLN A 1 139 ? -14.416 0.682   1.393   1.00 9.64  ? 177  GLN A CB    1 
ATOM   1113 C CG    . GLN A 1 139 ? -14.086 0.258   2.806   1.00 9.29  ? 177  GLN A CG    1 
ATOM   1114 C CD    . GLN A 1 139 ? -12.772 0.826   3.298   1.00 11.96 ? 177  GLN A CD    1 
ATOM   1115 O OE1   . GLN A 1 139 ? -11.756 0.772   2.602   1.00 12.24 ? 177  GLN A OE1   1 
ATOM   1116 N NE2   . GLN A 1 139 ? -12.781 1.365   4.513   1.00 8.02  ? 177  GLN A NE2   1 
ATOM   1117 N N     . ILE A 1 140 ? -15.828 2.504   -0.722  1.00 12.22 ? 178  ILE A N     1 
ATOM   1118 C CA    . ILE A 1 140 ? -16.187 2.796   -2.104  1.00 13.40 ? 178  ILE A CA    1 
ATOM   1119 C C     . ILE A 1 140 ? -15.654 4.178   -2.488  1.00 13.54 ? 178  ILE A C     1 
ATOM   1120 O O     . ILE A 1 140 ? -15.237 4.391   -3.629  1.00 14.09 ? 178  ILE A O     1 
ATOM   1121 C CB    . ILE A 1 140 ? -17.706 2.800   -2.309  1.00 14.17 ? 178  ILE A CB    1 
ATOM   1122 C CG1   . ILE A 1 140 ? -18.272 1.397   -2.101  1.00 15.34 ? 178  ILE A CG1   1 
ATOM   1123 C CG2   . ILE A 1 140 ? -18.037 3.313   -3.708  1.00 13.21 ? 178  ILE A CG2   1 
ATOM   1124 C CD1   . ILE A 1 140 ? -17.697 0.330   -3.066  1.00 14.49 ? 178  ILE A CD1   1 
ATOM   1125 N N     . SER A 1 141 ? -15.670 5.112   -1.540  1.00 12.54 ? 179  SER A N     1 
ATOM   1126 C CA    . SER A 1 141 ? -15.172 6.463   -1.787  1.00 13.06 ? 179  SER A CA    1 
ATOM   1127 C C     . SER A 1 141 ? -13.652 6.467   -1.931  1.00 13.21 ? 179  SER A C     1 
ATOM   1128 O O     . SER A 1 141 ? -13.106 7.085   -2.844  1.00 13.64 ? 179  SER A O     1 
ATOM   1129 C CB    . SER A 1 141 ? -15.579 7.411   -0.654  1.00 11.59 ? 179  SER A CB    1 
ATOM   1130 O OG    . SER A 1 141 ? -14.743 8.553   -0.649  1.00 13.46 ? 179  SER A OG    1 
ATOM   1131 N N     . ILE A 1 142 ? -12.975 5.781   -1.014  1.00 13.26 ? 180  ILE A N     1 
ATOM   1132 C CA    . ILE A 1 142 ? -11.515 5.658   -1.026  1.00 13.46 ? 180  ILE A CA    1 
ATOM   1133 C C     . ILE A 1 142 ? -11.076 5.053   -2.374  1.00 13.39 ? 180  ILE A C     1 
ATOM   1134 O O     . ILE A 1 142 ? -10.126 5.520   -3.006  1.00 11.96 ? 180  ILE A O     1 
ATOM   1135 C CB    . ILE A 1 142 ? -11.038 4.696   0.109   1.00 13.60 ? 180  ILE A CB    1 
ATOM   1136 C CG1   . ILE A 1 142 ? -11.533 5.202   1.476   1.00 13.66 ? 180  ILE A CG1   1 
ATOM   1137 C CG2   . ILE A 1 142 ? -9.514  4.505   0.046   1.00 11.88 ? 180  ILE A CG2   1 
ATOM   1138 C CD1   . ILE A 1 142 ? -10.759 6.340   2.029   1.00 9.54  ? 180  ILE A CD1   1 
ATOM   1139 N N     . GLY A 1 143 ? -11.782 4.009   -2.799  1.00 11.85 ? 181  GLY A N     1 
ATOM   1140 C CA    . GLY A 1 143 ? -11.446 3.336   -4.037  1.00 13.71 ? 181  GLY A CA    1 
ATOM   1141 C C     . GLY A 1 143 ? -11.610 4.187   -5.275  1.00 14.61 ? 181  GLY A C     1 
ATOM   1142 O O     . GLY A 1 143 ? -10.714 4.222   -6.135  1.00 12.75 ? 181  GLY A O     1 
ATOM   1143 N N     . LYS A 1 144 ? -12.751 4.866   -5.375  1.00 14.55 ? 182  LYS A N     1 
ATOM   1144 C CA    . LYS A 1 144 ? -13.023 5.725   -6.521  1.00 16.57 ? 182  LYS A CA    1 
ATOM   1145 C C     . LYS A 1 144 ? -12.013 6.858   -6.591  1.00 15.98 ? 182  LYS A C     1 
ATOM   1146 O O     . LYS A 1 144 ? -11.427 7.094   -7.641  1.00 16.43 ? 182  LYS A O     1 
ATOM   1147 C CB    . LYS A 1 144 ? -14.438 6.316   -6.456  1.00 17.77 ? 182  LYS A CB    1 
ATOM   1148 C CG    . LYS A 1 144 ? -14.808 7.063   -7.739  1.00 21.36 ? 182  LYS A CG    1 
ATOM   1149 C CD    . LYS A 1 144 ? -16.275 7.482   -7.824  1.00 23.79 ? 182  LYS A CD    1 
ATOM   1150 C CE    . LYS A 1 144 ? -16.553 8.820   -7.162  1.00 21.92 ? 182  LYS A CE    1 
ATOM   1151 N NZ    . LYS A 1 144 ? -17.032 8.605   -5.778  1.00 25.08 ? 182  LYS A NZ    1 
ATOM   1152 N N     . GLN A 1 145 ? -11.799 7.553   -5.475  1.00 14.90 ? 183  GLN A N     1 
ATOM   1153 C CA    . GLN A 1 145 ? -10.852 8.666   -5.458  1.00 15.73 ? 183  GLN A CA    1 
ATOM   1154 C C     . GLN A 1 145 ? -9.439  8.203   -5.791  1.00 14.60 ? 183  GLN A C     1 
ATOM   1155 O O     . GLN A 1 145 ? -8.699  8.896   -6.481  1.00 13.87 ? 183  GLN A O     1 
ATOM   1156 C CB    . GLN A 1 145 ? -10.857 9.388   -4.099  1.00 14.15 ? 183  GLN A CB    1 
ATOM   1157 C CG    . GLN A 1 145 ? -12.078 10.281  -3.848  1.00 15.88 ? 183  GLN A CG    1 
ATOM   1158 C CD    . GLN A 1 145 ? -11.860 11.240  -2.683  1.00 16.09 ? 183  GLN A CD    1 
ATOM   1159 O OE1   . GLN A 1 145 ? -11.685 10.813  -1.542  1.00 16.99 ? 183  GLN A OE1   1 
ATOM   1160 N NE2   . GLN A 1 145 ? -11.860 12.540  -2.971  1.00 11.64 ? 183  GLN A NE2   1 
ATOM   1161 N N     . TRP A 1 146 ? -9.065  7.027   -5.308  1.00 13.98 ? 184  TRP A N     1 
ATOM   1162 C CA    . TRP A 1 146 ? -7.739  6.504   -5.581  1.00 13.84 ? 184  TRP A CA    1 
ATOM   1163 C C     . TRP A 1 146 ? -7.541  6.334   -7.085  1.00 13.38 ? 184  TRP A C     1 
ATOM   1164 O O     . TRP A 1 146 ? -6.492  6.697   -7.618  1.00 13.47 ? 184  TRP A O     1 
ATOM   1165 C CB    . TRP A 1 146 ? -7.542  5.173   -4.875  1.00 12.09 ? 184  TRP A CB    1 
ATOM   1166 C CG    . TRP A 1 146 ? -6.171  4.638   -5.002  1.00 11.34 ? 184  TRP A CG    1 
ATOM   1167 C CD1   . TRP A 1 146 ? -4.996  5.329   -4.870  1.00 10.80 ? 184  TRP A CD1   1 
ATOM   1168 C CD2   . TRP A 1 146 ? -5.814  3.281   -5.247  1.00 10.40 ? 184  TRP A CD2   1 
ATOM   1169 N NE1   . TRP A 1 146 ? -3.928  4.475   -5.018  1.00 11.25 ? 184  TRP A NE1   1 
ATOM   1170 C CE2   . TRP A 1 146 ? -4.403  3.213   -5.257  1.00 11.76 ? 184  TRP A CE2   1 
ATOM   1171 C CE3   . TRP A 1 146 ? -6.548  2.109   -5.458  1.00 11.14 ? 184  TRP A CE3   1 
ATOM   1172 C CZ2   . TRP A 1 146 ? -3.714  2.019   -5.478  1.00 13.69 ? 184  TRP A CZ2   1 
ATOM   1173 C CZ3   . TRP A 1 146 ? -5.871  0.924   -5.676  1.00 11.94 ? 184  TRP A CZ3   1 
ATOM   1174 C CH2   . TRP A 1 146 ? -4.464  0.884   -5.686  1.00 16.36 ? 184  TRP A CH2   1 
ATOM   1175 N N     . LYS A 1 147 ? -8.548  5.781   -7.761  1.00 13.64 ? 185  LYS A N     1 
ATOM   1176 C CA    . LYS A 1 147 ? -8.478  5.595   -9.203  1.00 14.79 ? 185  LYS A CA    1 
ATOM   1177 C C     . LYS A 1 147 ? -8.427  6.958   -9.866  1.00 14.83 ? 185  LYS A C     1 
ATOM   1178 O O     . LYS A 1 147 ? -7.699  7.165   -10.829 1.00 14.25 ? 185  LYS A O     1 
ATOM   1179 C CB    . LYS A 1 147 ? -9.693  4.827   -9.720  1.00 14.27 ? 185  LYS A CB    1 
ATOM   1180 C CG    . LYS A 1 147 ? -9.860  3.449   -9.122  1.00 14.66 ? 185  LYS A CG    1 
ATOM   1181 C CD    . LYS A 1 147 ? -10.473 2.476   -10.122 1.00 13.01 ? 185  LYS A CD    1 
ATOM   1182 C CE    . LYS A 1 147 ? -11.724 3.047   -10.784 1.00 13.59 ? 185  LYS A CE    1 
ATOM   1183 N NZ    . LYS A 1 147 ? -12.313 2.144   -11.819 1.00 13.93 ? 185  LYS A NZ    1 
ATOM   1184 N N     . GLU A 1 148 ? -9.210  7.886   -9.343  1.00 15.97 ? 186  GLU A N     1 
ATOM   1185 C CA    . GLU A 1 148 ? -9.242  9.237   -9.872  1.00 17.33 ? 186  GLU A CA    1 
ATOM   1186 C C     . GLU A 1 148 ? -7.868  9.884   -9.752  1.00 16.83 ? 186  GLU A C     1 
ATOM   1187 O O     . GLU A 1 148 ? -7.371  10.502  -10.689 1.00 18.08 ? 186  GLU A O     1 
ATOM   1188 C CB    . GLU A 1 148 ? -10.253 10.076  -9.106  1.00 17.07 ? 186  GLU A CB    1 
ATOM   1189 C CG    . GLU A 1 148 ? -10.275 11.518  -9.538  1.00 21.48 ? 186  GLU A CG    1 
ATOM   1190 C CD    . GLU A 1 148 ? -11.046 12.366  -8.563  1.00 22.21 ? 186  GLU A CD    1 
ATOM   1191 O OE1   . GLU A 1 148 ? -12.171 11.961  -8.207  1.00 23.66 ? 186  GLU A OE1   1 
ATOM   1192 O OE2   . GLU A 1 148 ? -10.535 13.427  -8.158  1.00 24.25 ? 186  GLU A OE2   1 
ATOM   1193 N N     . PHE A 1 149 ? -7.269  9.745   -8.580  1.00 16.89 ? 187  PHE A N     1 
ATOM   1194 C CA    . PHE A 1 149 ? -5.947  10.299  -8.320  1.00 17.65 ? 187  PHE A CA    1 
ATOM   1195 C C     . PHE A 1 149 ? -4.861  9.747   -9.238  1.00 17.60 ? 187  PHE A C     1 
ATOM   1196 O O     . PHE A 1 149 ? -3.977  10.495  -9.655  1.00 15.83 ? 187  PHE A O     1 
ATOM   1197 C CB    . PHE A 1 149 ? -5.549  10.050  -6.864  1.00 17.62 ? 187  PHE A CB    1 
ATOM   1198 C CG    . PHE A 1 149 ? -6.369  10.813  -5.884  1.00 16.38 ? 187  PHE A CG    1 
ATOM   1199 C CD1   . PHE A 1 149 ? -6.597  10.300  -4.621  1.00 14.45 ? 187  PHE A CD1   1 
ATOM   1200 C CD2   . PHE A 1 149 ? -6.956  12.028  -6.240  1.00 15.53 ? 187  PHE A CD2   1 
ATOM   1201 C CE1   . PHE A 1 149 ? -7.402  10.973  -3.721  1.00 15.93 ? 187  PHE A CE1   1 
ATOM   1202 C CE2   . PHE A 1 149 ? -7.763  12.713  -5.349  1.00 14.63 ? 187  PHE A CE2   1 
ATOM   1203 C CZ    . PHE A 1 149 ? -7.990  12.188  -4.086  1.00 16.56 ? 187  PHE A CZ    1 
ATOM   1204 N N     . LEU A 1 150 ? -4.925  8.446   -9.539  1.00 17.09 ? 188  LEU A N     1 
ATOM   1205 C CA    . LEU A 1 150 ? -3.938  7.783   -10.402 1.00 19.05 ? 188  LEU A CA    1 
ATOM   1206 C C     . LEU A 1 150 ? -4.416  7.749   -11.863 1.00 20.03 ? 188  LEU A C     1 
ATOM   1207 O O     . LEU A 1 150 ? -3.741  7.202   -12.745 1.00 18.60 ? 188  LEU A O     1 
ATOM   1208 C CB    . LEU A 1 150 ? -3.689  6.345   -9.933  1.00 18.97 ? 188  LEU A CB    1 
ATOM   1209 C CG    . LEU A 1 150 ? -3.446  6.093   -8.453  1.00 22.63 ? 188  LEU A CG    1 
ATOM   1210 C CD1   . LEU A 1 150 ? -2.792  4.719   -8.280  1.00 23.06 ? 188  LEU A CD1   1 
ATOM   1211 C CD2   . LEU A 1 150 ? -2.570  7.195   -7.861  1.00 23.89 ? 188  LEU A CD2   1 
ATOM   1212 N N     . ASP A 1 151 ? -5.587  8.337   -12.101 1.00 20.62 ? 189  ASP A N     1 
ATOM   1213 C CA    . ASP A 1 151 ? -6.178  8.376   -13.425 1.00 21.23 ? 189  ASP A CA    1 
ATOM   1214 C C     . ASP A 1 151 ? -6.297  6.951   -13.980 1.00 22.41 ? 189  ASP A C     1 
ATOM   1215 O O     . ASP A 1 151 ? -6.014  6.709   -15.152 1.00 22.34 ? 189  ASP A O     1 
ATOM   1216 C CB    . ASP A 1 151 ? -5.324  9.249   -14.349 1.00 20.99 ? 189  ASP A CB    1 
ATOM   1217 C CG    . ASP A 1 151 ? -6.005  9.547   -15.665 1.00 21.07 ? 189  ASP A CG    1 
ATOM   1218 O OD1   . ASP A 1 151 ? -7.249  9.686   -15.667 1.00 21.60 ? 189  ASP A OD1   1 
ATOM   1219 O OD2   . ASP A 1 151 ? -5.301  9.656   -16.691 1.00 21.47 ? 189  ASP A OD2   1 
ATOM   1220 N N     . TYR A 1 152 ? -6.714  6.018   -13.121 1.00 22.99 ? 190  TYR A N     1 
ATOM   1221 C CA    . TYR A 1 152 ? -6.888  4.602   -13.474 1.00 23.24 ? 190  TYR A CA    1 
ATOM   1222 C C     . TYR A 1 152 ? -8.331  4.399   -13.905 1.00 23.07 ? 190  TYR A C     1 
ATOM   1223 O O     . TYR A 1 152 ? -9.232  4.886   -13.237 1.00 26.44 ? 190  TYR A O     1 
ATOM   1224 C CB    . TYR A 1 152 ? -6.614  3.725   -12.254 1.00 22.70 ? 190  TYR A CB    1 
ATOM   1225 C CG    . TYR A 1 152 ? -6.393  2.272   -12.582 1.00 21.30 ? 190  TYR A CG    1 
ATOM   1226 C CD1   . TYR A 1 152 ? -5.300  1.881   -13.349 1.00 22.49 ? 190  TYR A CD1   1 
ATOM   1227 C CD2   . TYR A 1 152 ? -7.260  1.288   -12.116 1.00 20.94 ? 190  TYR A CD2   1 
ATOM   1228 C CE1   . TYR A 1 152 ? -5.068  0.551   -13.645 1.00 24.92 ? 190  TYR A CE1   1 
ATOM   1229 C CE2   . TYR A 1 152 ? -7.043  -0.053  -12.407 1.00 23.88 ? 190  TYR A CE2   1 
ATOM   1230 C CZ    . TYR A 1 152 ? -5.944  -0.414  -13.172 1.00 25.97 ? 190  TYR A CZ    1 
ATOM   1231 O OH    . TYR A 1 152 ? -5.722  -1.735  -13.475 1.00 26.62 ? 190  TYR A OH    1 
ATOM   1232 N N     . LYS A 1 153 ? -8.542  3.663   -14.993 1.00 23.18 ? 191  LYS A N     1 
ATOM   1233 C CA    . LYS A 1 153 ? -9.880  3.417   -15.520 1.00 23.89 ? 191  LYS A CA    1 
ATOM   1234 C C     . LYS A 1 153 ? -10.376 1.974   -15.378 1.00 26.18 ? 191  LYS A C     1 
ATOM   1235 O O     . LYS A 1 153 ? -11.563 1.696   -15.556 1.00 28.25 ? 191  LYS A O     1 
ATOM   1236 C CB    . LYS A 1 153 ? -9.932  3.828   -16.980 1.00 22.61 ? 191  LYS A CB    1 
ATOM   1237 N N     . ASP A 1 154 ? -9.485  1.044   -15.065 1.00 26.30 ? 192  ASP A N     1 
ATOM   1238 C CA    . ASP A 1 154 ? -9.910  -0.347  -14.921 1.00 27.35 ? 192  ASP A CA    1 
ATOM   1239 C C     . ASP A 1 154 ? -10.545 -0.615  -13.551 1.00 25.32 ? 192  ASP A C     1 
ATOM   1240 O O     . ASP A 1 154 ? -10.186 0.014   -12.555 1.00 24.71 ? 192  ASP A O     1 
ATOM   1241 C CB    . ASP A 1 154 ? -8.719  -1.293  -15.119 1.00 31.90 ? 192  ASP A CB    1 
ATOM   1242 C CG    . ASP A 1 154 ? -8.085  -1.153  -16.486 1.00 37.59 ? 192  ASP A CG    1 
ATOM   1243 O OD1   . ASP A 1 154 ? -7.078  -1.848  -16.758 1.00 40.29 ? 192  ASP A OD1   1 
ATOM   1244 O OD2   . ASP A 1 154 ? -8.590  -0.346  -17.300 1.00 42.12 ? 192  ASP A OD2   1 
ATOM   1245 N N     . SER A 1 155 ? -11.491 -1.549  -13.499 1.00 21.62 ? 193  SER A N     1 
ATOM   1246 C CA    . SER A 1 155 ? -12.152 -1.906  -12.239 1.00 19.47 ? 193  SER A CA    1 
ATOM   1247 C C     . SER A 1 155 ? -11.145 -2.469  -11.238 1.00 17.23 ? 193  SER A C     1 
ATOM   1248 O O     . SER A 1 155 ? -10.194 -3.152  -11.609 1.00 17.74 ? 193  SER A O     1 
ATOM   1249 C CB    . SER A 1 155 ? -13.246 -2.945  -12.491 1.00 18.33 ? 193  SER A CB    1 
ATOM   1250 O OG    . SER A 1 155 ? -14.285 -2.389  -13.267 1.00 20.73 ? 193  SER A OG    1 
ATOM   1251 N N     . ILE A 1 156 ? -11.348 -2.180  -9.964  1.00 14.42 ? 194  ILE A N     1 
ATOM   1252 C CA    . ILE A 1 156 ? -10.429 -2.683  -8.959  1.00 10.89 ? 194  ILE A CA    1 
ATOM   1253 C C     . ILE A 1 156 ? -11.237 -3.367  -7.885  1.00 11.16 ? 194  ILE A C     1 
ATOM   1254 O O     . ILE A 1 156 ? -12.453 -3.188  -7.835  1.00 9.25  ? 194  ILE A O     1 
ATOM   1255 C CB    . ILE A 1 156 ? -9.600  -1.545  -8.333  1.00 8.37  ? 194  ILE A CB    1 
ATOM   1256 C CG1   . ILE A 1 156 ? -10.504 -0.506  -7.660  1.00 8.18  ? 194  ILE A CG1   1 
ATOM   1257 C CG2   . ILE A 1 156 ? -8.808  -0.854  -9.403  1.00 7.25  ? 194  ILE A CG2   1 
ATOM   1258 C CD1   . ILE A 1 156 ? -9.721  0.595   -6.920  1.00 4.30  ? 194  ILE A CD1   1 
ATOM   1259 N N     . GLY A 1 157 ? -10.578 -4.153  -7.035  1.00 10.24 ? 195  GLY A N     1 
ATOM   1260 C CA    . GLY A 1 157 ? -11.300 -4.834  -5.976  1.00 10.12 ? 195  GLY A CA    1 
ATOM   1261 C C     . GLY A 1 157 ? -10.783 -4.547  -4.573  1.00 12.81 ? 195  GLY A C     1 
ATOM   1262 O O     . GLY A 1 157 ? -9.624  -4.175  -4.388  1.00 12.09 ? 195  GLY A O     1 
ATOM   1263 N N     . PHE A 1 158 ? -11.642 -4.711  -3.574  1.00 13.71 ? 196  PHE A N     1 
ATOM   1264 C CA    . PHE A 1 158 ? -11.250 -4.490  -2.190  1.00 14.14 ? 196  PHE A CA    1 
ATOM   1265 C C     . PHE A 1 158 ? -11.297 -5.849  -1.505  1.00 16.41 ? 196  PHE A C     1 
ATOM   1266 O O     . PHE A 1 158 ? -12.341 -6.502  -1.506  1.00 19.82 ? 196  PHE A O     1 
ATOM   1267 C CB    . PHE A 1 158 ? -12.219 -3.536  -1.496  1.00 13.56 ? 196  PHE A CB    1 
ATOM   1268 C CG    . PHE A 1 158 ? -11.801 -3.157  -0.098  1.00 11.11 ? 196  PHE A CG    1 
ATOM   1269 C CD1   . PHE A 1 158 ? -10.792 -2.225  0.112   1.00 9.78  ? 196  PHE A CD1   1 
ATOM   1270 C CD2   . PHE A 1 158 ? -12.411 -3.737  1.004   1.00 11.23 ? 196  PHE A CD2   1 
ATOM   1271 C CE1   . PHE A 1 158 ? -10.398 -1.871  1.392   1.00 8.95  ? 196  PHE A CE1   1 
ATOM   1272 C CE2   . PHE A 1 158 ? -12.026 -3.393  2.295   1.00 13.15 ? 196  PHE A CE2   1 
ATOM   1273 C CZ    . PHE A 1 158 ? -11.014 -2.455  2.490   1.00 11.23 ? 196  PHE A CZ    1 
ATOM   1274 N N     . ILE A 1 159 ? -10.177 -6.275  -0.929  1.00 16.52 ? 197  ILE A N     1 
ATOM   1275 C CA    . ILE A 1 159 ? -10.097 -7.571  -0.258  1.00 14.64 ? 197  ILE A CA    1 
ATOM   1276 C C     . ILE A 1 159 ? -9.899  -7.403  1.242   1.00 15.72 ? 197  ILE A C     1 
ATOM   1277 O O     . ILE A 1 159 ? -8.900  -6.841  1.685   1.00 16.96 ? 197  ILE A O     1 
ATOM   1278 C CB    . ILE A 1 159 ? -8.925  -8.393  -0.811  1.00 12.57 ? 197  ILE A CB    1 
ATOM   1279 C CG1   . ILE A 1 159 ? -9.142  -8.664  -2.296  1.00 10.40 ? 197  ILE A CG1   1 
ATOM   1280 C CG2   . ILE A 1 159 ? -8.828  -9.705  -0.078  1.00 14.10 ? 197  ILE A CG2   1 
ATOM   1281 C CD1   . ILE A 1 159 ? -7.911  -9.164  -3.038  1.00 10.28 ? 197  ILE A CD1   1 
ATOM   1282 N N     . VAL A 1 160 ? -10.846 -7.900  2.027   1.00 15.71 ? 198  VAL A N     1 
ATOM   1283 C CA    . VAL A 1 160 ? -10.770 -7.797  3.483   1.00 15.04 ? 198  VAL A CA    1 
ATOM   1284 C C     . VAL A 1 160 ? -9.551  -8.588  3.985   1.00 16.05 ? 198  VAL A C     1 
ATOM   1285 O O     . VAL A 1 160 ? -9.243  -9.663  3.458   1.00 15.92 ? 198  VAL A O     1 
ATOM   1286 C CB    . VAL A 1 160 ? -12.078 -8.344  4.123   1.00 14.85 ? 198  VAL A CB    1 
ATOM   1287 C CG1   . VAL A 1 160 ? -12.105 -8.031  5.609   1.00 16.07 ? 198  VAL A CG1   1 
ATOM   1288 C CG2   . VAL A 1 160 ? -13.304 -7.735  3.404   1.00 10.71 ? 198  VAL A CG2   1 
ATOM   1289 N N     . HIS A 1 161 ? -8.841  -8.074  4.985   1.00 15.52 ? 199  HIS A N     1 
ATOM   1290 C CA    . HIS A 1 161 ? -7.673  -8.805  5.466   1.00 18.61 ? 199  HIS A CA    1 
ATOM   1291 C C     . HIS A 1 161 ? -7.997  -10.186 6.005   1.00 20.49 ? 199  HIS A C     1 
ATOM   1292 O O     . HIS A 1 161 ? -7.206  -11.107 5.847   1.00 19.56 ? 199  HIS A O     1 
ATOM   1293 C CB    . HIS A 1 161 ? -6.923  -8.006  6.523   1.00 17.35 ? 199  HIS A CB    1 
ATOM   1294 C CG    . HIS A 1 161 ? -6.295  -6.761  5.987   1.00 17.17 ? 199  HIS A CG    1 
ATOM   1295 N ND1   . HIS A 1 161 ? -5.760  -6.684  4.720   1.00 15.46 ? 199  HIS A ND1   1 
ATOM   1296 C CD2   . HIS A 1 161 ? -6.099  -5.544  6.553   1.00 17.46 ? 199  HIS A CD2   1 
ATOM   1297 C CE1   . HIS A 1 161 ? -5.264  -5.481  4.527   1.00 13.77 ? 199  HIS A CE1   1 
ATOM   1298 N NE2   . HIS A 1 161 ? -5.454  -4.767  5.617   1.00 16.15 ? 199  HIS A NE2   1 
ATOM   1299 N N     . GLU A 1 162 ? -9.159  -10.343 6.631   1.00 23.95 ? 200  GLU A N     1 
ATOM   1300 C CA    . GLU A 1 162 ? -9.564  -11.645 7.153   1.00 25.82 ? 200  GLU A CA    1 
ATOM   1301 C C     . GLU A 1 162 ? -9.717  -12.683 6.028   1.00 25.12 ? 200  GLU A C     1 
ATOM   1302 O O     . GLU A 1 162 ? -9.543  -13.885 6.255   1.00 24.46 ? 200  GLU A O     1 
ATOM   1303 C CB    . GLU A 1 162 ? -10.874 -11.511 7.930   1.00 29.96 ? 200  GLU A CB    1 
ATOM   1304 C CG    . GLU A 1 162 ? -10.690 -10.930 9.327   1.00 35.14 ? 200  GLU A CG    1 
ATOM   1305 C CD    . GLU A 1 162 ? -10.064 -11.931 10.299  1.00 35.56 ? 200  GLU A CD    1 
ATOM   1306 O OE1   . GLU A 1 162 ? -9.691  -11.525 11.416  1.00 37.23 ? 200  GLU A OE1   1 
ATOM   1307 O OE2   . GLU A 1 162 ? -9.960  -13.121 9.946   1.00 35.78 ? 200  GLU A OE2   1 
ATOM   1308 N N     . ASP A 1 163 ? -10.043 -12.230 4.820   1.00 22.86 ? 201  ASP A N     1 
ATOM   1309 C CA    . ASP A 1 163 ? -10.177 -13.166 3.707   1.00 23.18 ? 201  ASP A CA    1 
ATOM   1310 C C     . ASP A 1 163 ? -8.817  -13.431 3.074   1.00 22.46 ? 201  ASP A C     1 
ATOM   1311 O O     . ASP A 1 163 ? -8.580  -14.492 2.519   1.00 22.21 ? 201  ASP A O     1 
ATOM   1312 C CB    . ASP A 1 163 ? -11.151 -12.639 2.649   1.00 23.59 ? 201  ASP A CB    1 
ATOM   1313 C CG    . ASP A 1 163 ? -12.579 -12.566 3.156   1.00 24.49 ? 201  ASP A CG    1 
ATOM   1314 O OD1   . ASP A 1 163 ? -12.845 -13.110 4.246   1.00 27.25 ? 201  ASP A OD1   1 
ATOM   1315 O OD2   . ASP A 1 163 ? -13.433 -11.968 2.467   1.00 23.99 ? 201  ASP A OD2   1 
ATOM   1316 N N     . ALA A 1 164 ? -7.924  -12.453 3.169   1.00 23.38 ? 202  ALA A N     1 
ATOM   1317 C CA    . ALA A 1 164 ? -6.582  -12.594 2.618   1.00 24.07 ? 202  ALA A CA    1 
ATOM   1318 C C     . ALA A 1 164 ? -5.780  -13.622 3.431   1.00 24.15 ? 202  ALA A C     1 
ATOM   1319 O O     . ALA A 1 164 ? -4.884  -14.294 2.908   1.00 19.98 ? 202  ALA A O     1 
ATOM   1320 C CB    . ALA A 1 164 ? -5.880  -11.252 2.629   1.00 22.97 ? 202  ALA A CB    1 
ATOM   1321 N N     . LYS A 1 165 ? -6.115  -13.732 4.714   1.00 27.86 ? 203  LYS A N     1 
ATOM   1322 C CA    . LYS A 1 165 ? -5.465  -14.662 5.627   1.00 29.94 ? 203  LYS A CA    1 
ATOM   1323 C C     . LYS A 1 165 ? -5.708  -16.099 5.172   1.00 32.11 ? 203  LYS A C     1 
ATOM   1324 O O     . LYS A 1 165 ? -4.903  -16.991 5.443   1.00 32.33 ? 203  LYS A O     1 
ATOM   1325 C CB    . LYS A 1 165 ? -5.998  -14.466 7.050   1.00 26.66 ? 203  LYS A CB    1 
ATOM   1326 C CG    . LYS A 1 165 ? -5.423  -13.242 7.769   1.00 28.74 ? 203  LYS A CG    1 
ATOM   1327 C CD    . LYS A 1 165 ? -6.015  -13.096 9.171   1.00 26.14 ? 203  LYS A CD    1 
ATOM   1328 C CE    . LYS A 1 165 ? -5.235  -12.113 10.040  1.00 26.21 ? 203  LYS A CE    1 
ATOM   1329 N NZ    . LYS A 1 165 ? -5.281  -10.732 9.509   1.00 28.94 ? 203  LYS A NZ    1 
ATOM   1330 N N     . ARG A 1 166 ? -6.821  -16.308 4.474   1.00 34.96 ? 204  ARG A N     1 
ATOM   1331 C CA    . ARG A 1 166 ? -7.183  -17.620 3.953   1.00 38.22 ? 204  ARG A CA    1 
ATOM   1332 C C     . ARG A 1 166 ? -6.054  -18.225 3.136   1.00 40.13 ? 204  ARG A C     1 
ATOM   1333 O O     . ARG A 1 166 ? -5.837  -17.848 1.985   1.00 39.56 ? 204  ARG A O     1 
ATOM   1334 C CB    . ARG A 1 166 ? -8.419  -17.512 3.066   1.00 38.89 ? 204  ARG A CB    1 
ATOM   1335 C CG    . ARG A 1 166 ? -9.713  -17.880 3.743   1.00 41.14 ? 204  ARG A CG    1 
ATOM   1336 C CD    . ARG A 1 166 ? -10.050 -19.328 3.474   1.00 42.75 ? 204  ARG A CD    1 
ATOM   1337 N NE    . ARG A 1 166 ? -11.482 -19.574 3.618   1.00 44.05 ? 204  ARG A NE    1 
ATOM   1338 C CZ    . ARG A 1 166 ? -12.079 -20.703 3.252   1.00 44.03 ? 204  ARG A CZ    1 
ATOM   1339 N NH1   . ARG A 1 166 ? -11.365 -21.685 2.720   1.00 43.82 ? 204  ARG A NH1   1 
ATOM   1340 N NH2   . ARG A 1 166 ? -13.385 -20.847 3.417   1.00 43.51 ? 204  ARG A NH2   1 
ATOM   1341 N N     . SER A 1 167 ? -5.340  -19.169 3.740   1.00 42.14 ? 205  SER A N     1 
ATOM   1342 C CA    . SER A 1 167 ? -4.234  -19.845 3.080   1.00 43.99 ? 205  SER A CA    1 
ATOM   1343 C C     . SER A 1 167 ? -4.786  -21.013 2.262   1.00 45.50 ? 205  SER A C     1 
ATOM   1344 O O     . SER A 1 167 ? -4.065  -21.654 1.491   1.00 46.04 ? 205  SER A O     1 
ATOM   1345 C CB    . SER A 1 167 ? -3.243  -20.345 4.125   1.00 44.11 ? 205  SER A CB    1 
ATOM   1346 N N     . ASP A 1 168 ? -6.079  -21.275 2.434   1.00 46.44 ? 206  ASP A N     1 
ATOM   1347 C CA    . ASP A 1 168 ? -6.751  -22.360 1.731   1.00 47.49 ? 206  ASP A CA    1 
ATOM   1348 C C     . ASP A 1 168 ? -7.127  -22.020 0.291   1.00 47.13 ? 206  ASP A C     1 
ATOM   1349 O O     . ASP A 1 168 ? -6.924  -22.833 -0.609  1.00 47.66 ? 206  ASP A O     1 
ATOM   1350 C CB    . ASP A 1 168 ? -8.016  -22.768 2.490   1.00 49.22 ? 206  ASP A CB    1 
ATOM   1351 C CG    . ASP A 1 168 ? -8.853  -23.766 1.720   1.00 51.38 ? 206  ASP A CG    1 
ATOM   1352 O OD1   . ASP A 1 168 ? -8.361  -24.882 1.450   1.00 52.44 ? 206  ASP A OD1   1 
ATOM   1353 O OD2   . ASP A 1 168 ? -10.007 -23.428 1.375   1.00 53.74 ? 206  ASP A OD2   1 
ATOM   1354 N N     . LYS A 1 169 ? -7.668  -20.822 0.079   1.00 46.60 ? 207  LYS A N     1 
ATOM   1355 C CA    . LYS A 1 169 ? -8.099  -20.409 -1.255  1.00 45.50 ? 207  LYS A CA    1 
ATOM   1356 C C     . LYS A 1 169 ? -7.984  -18.893 -1.464  1.00 44.38 ? 207  LYS A C     1 
ATOM   1357 O O     . LYS A 1 169 ? -7.966  -18.119 -0.503  1.00 43.91 ? 207  LYS A O     1 
ATOM   1358 C CB    . LYS A 1 169 ? -9.550  -20.863 -1.467  1.00 45.56 ? 207  LYS A CB    1 
ATOM   1359 C CG    . LYS A 1 169 ? -10.020 -20.886 -2.909  1.00 48.16 ? 207  LYS A CG    1 
ATOM   1360 C CD    . LYS A 1 169 ? -9.012  -21.587 -3.828  1.00 51.63 ? 207  LYS A CD    1 
ATOM   1361 C CE    . LYS A 1 169 ? -8.701  -23.030 -3.420  1.00 51.45 ? 207  LYS A CE    1 
ATOM   1362 N NZ    . LYS A 1 169 ? -7.575  -23.605 -4.222  1.00 51.95 ? 207  LYS A NZ    1 
ATOM   1363 N N     . GLY A 1 170 ? -7.905  -18.483 -2.733  1.00 42.60 ? 208  GLY A N     1 
ATOM   1364 C CA    . GLY A 1 170 ? -7.806  -17.069 -3.074  1.00 40.63 ? 208  GLY A CA    1 
ATOM   1365 C C     . GLY A 1 170 ? -8.963  -16.255 -2.526  1.00 39.48 ? 208  GLY A C     1 
ATOM   1366 O O     . GLY A 1 170 ? -10.115 -16.689 -2.575  1.00 39.39 ? 208  GLY A O     1 
ATOM   1367 N N     . PRO A 1 171 ? -8.690  -15.055 -1.995  1.00 38.10 ? 209  PRO A N     1 
ATOM   1368 C CA    . PRO A 1 171 ? -9.730  -14.184 -1.438  1.00 36.24 ? 209  PRO A CA    1 
ATOM   1369 C C     . PRO A 1 171 ? -10.630 -13.551 -2.497  1.00 34.03 ? 209  PRO A C     1 
ATOM   1370 O O     . PRO A 1 171 ? -10.159 -13.121 -3.549  1.00 32.84 ? 209  PRO A O     1 
ATOM   1371 C CB    . PRO A 1 171 ? -8.923  -13.148 -0.669  1.00 37.39 ? 209  PRO A CB    1 
ATOM   1372 C CG    . PRO A 1 171 ? -7.710  -12.984 -1.544  1.00 38.03 ? 209  PRO A CG    1 
ATOM   1373 C CD    . PRO A 1 171 ? -7.360  -14.422 -1.876  1.00 38.38 ? 209  PRO A CD    1 
ATOM   1374 N N     . LYS A 1 172 ? -11.923 -13.493 -2.205  1.00 31.56 ? 210  LYS A N     1 
ATOM   1375 C CA    . LYS A 1 172 ? -12.901 -12.907 -3.107  1.00 30.72 ? 210  LYS A CA    1 
ATOM   1376 C C     . LYS A 1 172 ? -13.117 -11.441 -2.746  1.00 29.83 ? 210  LYS A C     1 
ATOM   1377 O O     . LYS A 1 172 ? -13.325 -11.115 -1.582  1.00 29.81 ? 210  LYS A O     1 
ATOM   1378 C CB    . LYS A 1 172 ? -14.225 -13.672 -3.002  1.00 29.68 ? 210  LYS A CB    1 
ATOM   1379 C CG    . LYS A 1 172 ? -14.143 -15.104 -3.524  1.00 29.34 ? 210  LYS A CG    1 
ATOM   1380 C CD    . LYS A 1 172 ? -13.995 -15.118 -5.051  1.00 29.12 ? 210  LYS A CD    1 
ATOM   1381 C CE    . LYS A 1 172 ? -13.640 -16.494 -5.601  1.00 28.40 ? 210  LYS A CE    1 
ATOM   1382 N NZ    . LYS A 1 172 ? -12.274 -16.890 -5.167  1.00 27.49 ? 210  LYS A NZ    1 
ATOM   1383 N N     . ASN A 1 173 ? -13.059 -10.564 -3.746  1.00 28.02 ? 211  ASN A N     1 
ATOM   1384 C CA    . ASN A 1 173 ? -13.250 -9.135  -3.536  1.00 27.33 ? 211  ASN A CA    1 
ATOM   1385 C C     . ASN A 1 173 ? -14.574 -8.844  -2.851  1.00 27.27 ? 211  ASN A C     1 
ATOM   1386 O O     . ASN A 1 173 ? -15.624 -9.353  -3.256  1.00 28.18 ? 211  ASN A O     1 
ATOM   1387 C CB    . ASN A 1 173 ? -13.209 -8.379  -4.868  1.00 27.07 ? 211  ASN A CB    1 
ATOM   1388 C CG    . ASN A 1 173 ? -11.846 -8.431  -5.533  1.00 28.26 ? 211  ASN A CG    1 
ATOM   1389 O OD1   . ASN A 1 173 ? -11.672 -7.911  -6.631  1.00 32.50 ? 211  ASN A OD1   1 
ATOM   1390 N ND2   . ASN A 1 173 ? -10.877 -9.060  -4.876  1.00 28.91 ? 211  ASN A ND2   1 
ATOM   1391 N N     . ARG A 1 174 ? -14.524 -8.018  -1.812  1.00 26.37 ? 212  ARG A N     1 
ATOM   1392 C CA    . ARG A 1 174 ? -15.721 -7.644  -1.072  1.00 24.53 ? 212  ARG A CA    1 
ATOM   1393 C C     . ARG A 1 174 ? -16.497 -6.559  -1.827  1.00 22.87 ? 212  ARG A C     1 
ATOM   1394 O O     . ARG A 1 174 ? -17.722 -6.597  -1.894  1.00 21.02 ? 212  ARG A O     1 
ATOM   1395 C CB    . ARG A 1 174 ? -15.322 -7.143  0.322   1.00 24.38 ? 212  ARG A CB    1 
ATOM   1396 C CG    . ARG A 1 174 ? -16.499 -6.773  1.191   1.00 25.09 ? 212  ARG A CG    1 
ATOM   1397 C CD    . ARG A 1 174 ? -17.352 -7.989  1.503   1.00 27.19 ? 212  ARG A CD    1 
ATOM   1398 N NE    . ARG A 1 174 ? -18.605 -7.623  2.154   1.00 34.27 ? 212  ARG A NE    1 
ATOM   1399 C CZ    . ARG A 1 174 ? -19.658 -7.100  1.529   1.00 36.33 ? 212  ARG A CZ    1 
ATOM   1400 N NH1   . ARG A 1 174 ? -19.621 -6.881  0.222   1.00 38.60 ? 212  ARG A NH1   1 
ATOM   1401 N NH2   . ARG A 1 174 ? -20.756 -6.797  2.213   1.00 37.11 ? 212  ARG A NH2   1 
ATOM   1402 N N     . TYR A 1 175 ? -15.761 -5.602  -2.394  1.00 22.36 ? 213  TYR A N     1 
ATOM   1403 C CA    . TYR A 1 175 ? -16.335 -4.499  -3.157  1.00 21.07 ? 213  TYR A CA    1 
ATOM   1404 C C     . TYR A 1 175 ? -15.553 -4.346  -4.461  1.00 21.84 ? 213  TYR A C     1 
ATOM   1405 O O     . TYR A 1 175 ? -14.498 -4.966  -4.648  1.00 21.94 ? 213  TYR A O     1 
ATOM   1406 C CB    . TYR A 1 175 ? -16.232 -3.190  -2.367  1.00 18.36 ? 213  TYR A CB    1 
ATOM   1407 C CG    . TYR A 1 175 ? -16.717 -3.292  -0.939  1.00 18.83 ? 213  TYR A CG    1 
ATOM   1408 C CD1   . TYR A 1 175 ? -15.910 -2.894  0.134   1.00 16.97 ? 213  TYR A CD1   1 
ATOM   1409 C CD2   . TYR A 1 175 ? -17.993 -3.770  -0.656  1.00 19.83 ? 213  TYR A CD2   1 
ATOM   1410 C CE1   . TYR A 1 175 ? -16.373 -2.972  1.452   1.00 17.05 ? 213  TYR A CE1   1 
ATOM   1411 C CE2   . TYR A 1 175 ? -18.461 -3.847  0.656   1.00 19.85 ? 213  TYR A CE2   1 
ATOM   1412 C CZ    . TYR A 1 175 ? -17.652 -3.448  1.702   1.00 16.62 ? 213  TYR A CZ    1 
ATOM   1413 O OH    . TYR A 1 175 ? -18.136 -3.521  2.989   1.00 15.84 ? 213  TYR A OH    1 
ATOM   1414 N N     . THR A 1 176 ? -16.076 -3.521  -5.360  1.00 20.81 ? 214  THR A N     1 
ATOM   1415 C CA    . THR A 1 176 ? -15.415 -3.260  -6.621  1.00 19.74 ? 214  THR A CA    1 
ATOM   1416 C C     . THR A 1 176 ? -15.783 -1.852  -7.084  1.00 20.29 ? 214  THR A C     1 
ATOM   1417 O O     . THR A 1 176 ? -16.958 -1.500  -7.121  1.00 20.70 ? 214  THR A O     1 
ATOM   1418 C CB    . THR A 1 176 ? -15.845 -4.268  -7.675  1.00 21.36 ? 214  THR A CB    1 
ATOM   1419 O OG1   . THR A 1 176 ? -15.509 -5.597  -7.249  1.00 22.18 ? 214  THR A OG1   1 
ATOM   1420 C CG2   . THR A 1 176 ? -15.154 -3.962  -8.984  1.00 20.78 ? 214  THR A CG2   1 
ATOM   1421 N N     . VAL A 1 177 ? -14.780 -1.040  -7.402  1.00 19.28 ? 215  VAL A N     1 
ATOM   1422 C CA    . VAL A 1 177 ? -15.022 0.324   -7.867  1.00 19.88 ? 215  VAL A CA    1 
ATOM   1423 C C     . VAL A 1 177 ? -14.216 0.585   -9.119  1.00 19.79 ? 215  VAL A C     1 
ATOM   1424 O O     . VAL A 1 177 ? -13.533 -0.356  -9.586  1.00 18.57 ? 215  VAL A O     1 
ATOM   1425 C CB    . VAL A 1 177 ? -14.615 1.402   -6.833  1.00 20.31 ? 215  VAL A CB    1 
ATOM   1426 C CG1   . VAL A 1 177 ? -15.497 1.331   -5.603  1.00 23.03 ? 215  VAL A CG1   1 
ATOM   1427 C CG2   . VAL A 1 177 ? -13.163 1.230   -6.457  1.00 20.37 ? 215  VAL A CG2   1 
ATOM   1428 O OXT   . VAL A 1 177 ? -14.274 1.736   -9.600  1.00 19.83 ? 215  VAL A OXT   1 
HETATM 1429 P PA    . M7G B 2 .   ? 2.197   -11.920 -0.600  1.00 23.40 ? 1000 M7G A PA    1 
HETATM 1430 O O1A   . M7G B 2 .   ? 3.606   -12.182 -0.971  1.00 23.43 ? 1000 M7G A O1A   1 
HETATM 1431 O O2A   . M7G B 2 .   ? 1.820   -10.536 -0.226  1.00 26.23 ? 1000 M7G A O2A   1 
HETATM 1432 O O3A   . M7G B 2 .   ? 1.251   -12.376 -1.828  1.00 21.69 ? 1000 M7G A O3A   1 
HETATM 1433 O "O5'" . M7G B 2 .   ? 1.753   -12.914 0.589   1.00 23.80 ? 1000 M7G A "O5'" 1 
HETATM 1434 P PB    . M7G B 2 .   ? 1.837   -13.309 -3.011  1.00 23.38 ? 1000 M7G A PB    1 
HETATM 1435 O O1B   . M7G B 2 .   ? 2.616   -14.469 -2.514  1.00 20.04 ? 1000 M7G A O1B   1 
HETATM 1436 O O2B   . M7G B 2 .   ? 2.702   -12.325 -3.955  1.00 19.82 ? 1000 M7G A O2B   1 
HETATM 1437 O O3B   . M7G B 2 .   ? 0.555   -13.746 -3.890  1.00 21.16 ? 1000 M7G A O3B   1 
HETATM 1438 C "C5'" . M7G B 2 .   ? 2.134   -14.292 0.585   1.00 20.33 ? 1000 M7G A "C5'" 1 
HETATM 1439 C "C4'" . M7G B 2 .   ? 1.897   -14.900 1.970   1.00 22.67 ? 1000 M7G A "C4'" 1 
HETATM 1440 O "O4'" . M7G B 2 .   ? 2.672   -14.243 2.989   1.00 21.72 ? 1000 M7G A "O4'" 1 
HETATM 1441 C "C3'" . M7G B 2 .   ? 0.446   -14.779 2.438   1.00 23.08 ? 1000 M7G A "C3'" 1 
HETATM 1442 O "O3'" . M7G B 2 .   ? -0.331  -15.825 1.850   1.00 23.57 ? 1000 M7G A "O3'" 1 
HETATM 1443 C "C2'" . M7G B 2 .   ? 0.669   -15.110 3.912   1.00 23.73 ? 1000 M7G A "C2'" 1 
HETATM 1444 O "O2'" . M7G B 2 .   ? 0.984   -16.499 4.038   1.00 22.07 ? 1000 M7G A "O2'" 1 
HETATM 1445 C "C1'" . M7G B 2 .   ? 1.904   -14.254 4.209   1.00 23.24 ? 1000 M7G A "C1'" 1 
HETATM 1446 N N9    . M7G B 2 .   ? 1.506   -12.862 4.533   1.00 25.36 ? 1000 M7G A N9    1 
HETATM 1447 C C8    . M7G B 2 .   ? 1.397   -11.861 3.657   1.00 24.73 ? 1000 M7G A C8    1 
HETATM 1448 N N7    . M7G B 2 .   ? 1.048   -10.761 4.320   1.00 23.64 ? 1000 M7G A N7    1 
HETATM 1449 C CM7   . M7G B 2 .   ? 0.813   -9.431  3.710   1.00 22.86 ? 1000 M7G A CM7   1 
HETATM 1450 C C5    . M7G B 2 .   ? 0.931   -11.039 5.612   1.00 23.69 ? 1000 M7G A C5    1 
HETATM 1451 C C6    . M7G B 2 .   ? 0.622   -10.283 6.737   1.00 24.63 ? 1000 M7G A C6    1 
HETATM 1452 O O6    . M7G B 2 .   ? 0.374   -9.082  6.632   1.00 24.60 ? 1000 M7G A O6    1 
HETATM 1453 N N1    . M7G B 2 .   ? 0.614   -10.909 7.989   1.00 24.79 ? 1000 M7G A N1    1 
HETATM 1454 C C2    . M7G B 2 .   ? 0.907   -12.279 8.070   1.00 22.83 ? 1000 M7G A C2    1 
HETATM 1455 N N2    . M7G B 2 .   ? 0.907   -12.881 9.256   1.00 19.97 ? 1000 M7G A N2    1 
HETATM 1456 N N3    . M7G B 2 .   ? 1.207   -12.971 6.961   1.00 23.58 ? 1000 M7G A N3    1 
HETATM 1457 C C4    . M7G B 2 .   ? 1.228   -12.392 5.748   1.00 23.87 ? 1000 M7G A C4    1 
HETATM 1458 O O     . HOH C 3 .   ? -0.212  16.647  4.666   1.00 8.94  ? 1001 HOH A O     1 
HETATM 1459 O O     . HOH C 3 .   ? 0.137   13.515  6.020   1.00 13.31 ? 1002 HOH A O     1 
HETATM 1460 O O     . HOH C 3 .   ? -6.257  11.374  3.273   1.00 5.48  ? 1003 HOH A O     1 
HETATM 1461 O O     . HOH C 3 .   ? -5.214  -2.175  6.619   1.00 6.62  ? 1004 HOH A O     1 
HETATM 1462 O O     . HOH C 3 .   ? 15.820  8.427   7.546   1.00 17.39 ? 1005 HOH A O     1 
HETATM 1463 O O     . HOH C 3 .   ? -10.084 -7.836  8.016   1.00 8.26  ? 1006 HOH A O     1 
HETATM 1464 O O     . HOH C 3 .   ? 7.985   5.095   -8.353  1.00 8.88  ? 1007 HOH A O     1 
HETATM 1465 O O     . HOH C 3 .   ? 8.292   18.719  10.568  1.00 27.25 ? 1008 HOH A O     1 
HETATM 1466 O O     . HOH C 3 .   ? 11.952  5.179   10.743  1.00 16.28 ? 1009 HOH A O     1 
HETATM 1467 O O     . HOH C 3 .   ? 3.154   3.416   -12.968 1.00 6.83  ? 1010 HOH A O     1 
HETATM 1468 O O     . HOH C 3 .   ? 9.675   -14.492 -2.235  1.00 10.39 ? 1011 HOH A O     1 
HETATM 1469 O O     . HOH C 3 .   ? -1.590  -12.385 -3.719  1.00 21.13 ? 1012 HOH A O     1 
HETATM 1470 O O     . HOH C 3 .   ? 11.448  -15.339 6.669   1.00 23.62 ? 1013 HOH A O     1 
HETATM 1471 O O     . HOH C 3 .   ? -8.804  -2.019  11.971  1.00 22.94 ? 1014 HOH A O     1 
HETATM 1472 O O     . HOH C 3 .   ? -11.860 6.198   10.156  1.00 18.80 ? 1015 HOH A O     1 
HETATM 1473 O O     . HOH C 3 .   ? 4.970   3.342   10.300  1.00 16.50 ? 1016 HOH A O     1 
HETATM 1474 O O     . HOH C 3 .   ? -7.516  -5.862  -3.019  1.00 16.29 ? 1017 HOH A O     1 
HETATM 1475 O O     . HOH C 3 .   ? -3.929  18.602  13.276  1.00 23.34 ? 1018 HOH A O     1 
HETATM 1476 O O     . HOH C 3 .   ? 0.716   15.418  -1.667  1.00 8.68  ? 1019 HOH A O     1 
HETATM 1477 O O     . HOH C 3 .   ? -12.477 -10.054 0.962   1.00 13.65 ? 1020 HOH A O     1 
HETATM 1478 O O     . HOH C 3 .   ? 10.405  -12.011 -12.993 1.00 34.38 ? 1021 HOH A O     1 
HETATM 1479 O O     . HOH C 3 .   ? 15.103  -6.242  -4.662  1.00 11.95 ? 1022 HOH A O     1 
HETATM 1480 O O     . HOH C 3 .   ? -0.568  7.515   -12.417 1.00 24.75 ? 1023 HOH A O     1 
HETATM 1481 O O     . HOH C 3 .   ? 5.670   7.202   10.420  1.00 29.02 ? 1024 HOH A O     1 
HETATM 1482 O O     . HOH C 3 .   ? -3.018  11.323  13.680  1.00 17.93 ? 1025 HOH A O     1 
HETATM 1483 O O     . HOH C 3 .   ? 1.022   -4.441  -3.092  1.00 10.55 ? 1026 HOH A O     1 
HETATM 1484 O O     . HOH C 3 .   ? -19.179 6.345   -1.055  1.00 18.08 ? 1027 HOH A O     1 
HETATM 1485 O O     . HOH C 3 .   ? 9.361   -15.559 4.227   1.00 22.69 ? 1028 HOH A O     1 
HETATM 1486 O O     . HOH C 3 .   ? 6.857   -17.046 -2.134  1.00 21.00 ? 1029 HOH A O     1 
HETATM 1487 O O     . HOH C 3 .   ? 10.426  -11.855 5.154   1.00 39.24 ? 1030 HOH A O     1 
HETATM 1488 O O     . HOH C 3 .   ? 0.331   -8.310  -2.265  1.00 22.83 ? 1031 HOH A O     1 
HETATM 1489 O O     . HOH C 3 .   ? 3.215   -6.167  3.847   1.00 18.04 ? 1032 HOH A O     1 
HETATM 1490 O O     . HOH C 3 .   ? -10.836 2.670   13.407  1.00 19.95 ? 1033 HOH A O     1 
HETATM 1491 O O     . HOH C 3 .   ? 8.869   9.125   -10.233 1.00 22.40 ? 1034 HOH A O     1 
HETATM 1492 O O     . HOH C 3 .   ? -11.495 -7.680  15.022  1.00 23.13 ? 1035 HOH A O     1 
HETATM 1493 O O     . HOH C 3 .   ? 14.542  -7.109  3.594   1.00 28.21 ? 1036 HOH A O     1 
HETATM 1494 O O     . HOH C 3 .   ? 9.510   4.072   -4.968  1.00 46.18 ? 1037 HOH A O     1 
HETATM 1495 O O     . HOH C 3 .   ? 5.615   -7.224  3.485   1.00 17.61 ? 1038 HOH A O     1 
HETATM 1496 O O     . HOH C 3 .   ? 6.507   2.991   12.513  1.00 16.97 ? 1039 HOH A O     1 
HETATM 1497 O O     . HOH C 3 .   ? 13.141  8.331   -7.519  1.00 13.45 ? 1040 HOH A O     1 
HETATM 1498 O O     . HOH C 3 .   ? -7.584  7.608   14.150  1.00 19.39 ? 1041 HOH A O     1 
HETATM 1499 O O     . HOH C 3 .   ? -1.580  16.757  -2.154  1.00 23.99 ? 1042 HOH A O     1 
HETATM 1500 O O     . HOH C 3 .   ? 12.807  13.129  7.455   1.00 30.22 ? 1043 HOH A O     1 
HETATM 1501 O O     . HOH C 3 .   ? -1.347  -2.812  9.471   1.00 18.07 ? 1044 HOH A O     1 
HETATM 1502 O O     . HOH C 3 .   ? -5.043  9.718   6.297   1.00 8.41  ? 1045 HOH A O     1 
HETATM 1503 O O     . HOH C 3 .   ? -2.244  17.887  -0.010  1.00 22.53 ? 1046 HOH A O     1 
HETATM 1504 O O     . HOH C 3 .   ? -8.231  11.304  -13.200 1.00 21.10 ? 1047 HOH A O     1 
HETATM 1505 O O     . HOH C 3 .   ? -15.593 -13.819 1.573   1.00 34.77 ? 1048 HOH A O     1 
HETATM 1506 O O     . HOH C 3 .   ? 6.168   -14.087 -7.872  1.00 21.20 ? 1049 HOH A O     1 
HETATM 1507 O O     . HOH C 3 .   ? -14.906 -1.396  11.742  1.00 12.77 ? 1050 HOH A O     1 
HETATM 1508 O O     . HOH C 3 .   ? 11.336  -18.748 3.204   1.00 11.52 ? 1051 HOH A O     1 
HETATM 1509 O O     . HOH C 3 .   ? -6.317  -7.956  1.972   1.00 23.13 ? 1052 HOH A O     1 
HETATM 1510 O O     . HOH C 3 .   ? -15.116 4.284   8.859   1.00 10.77 ? 1053 HOH A O     1 
HETATM 1511 O O     . HOH C 3 .   ? -5.579  8.978   11.299  1.00 21.62 ? 1054 HOH A O     1 
HETATM 1512 O O     . HOH C 3 .   ? -7.668  13.294  5.246   1.00 12.67 ? 1055 HOH A O     1 
HETATM 1513 O O     . HOH C 3 .   ? -12.772 -7.903  8.578   1.00 10.21 ? 1056 HOH A O     1 
HETATM 1514 O O     . HOH C 3 .   ? -5.517  -10.794 -0.885  1.00 22.71 ? 1057 HOH A O     1 
HETATM 1515 O O     . HOH C 3 .   ? 15.309  6.533   -6.478  1.00 24.68 ? 1058 HOH A O     1 
HETATM 1516 O O     . HOH C 3 .   ? -12.044 7.679   -10.146 1.00 15.26 ? 1059 HOH A O     1 
HETATM 1517 O O     . HOH C 3 .   ? 10.836  -3.946  -13.799 1.00 21.97 ? 1060 HOH A O     1 
HETATM 1518 O O     . HOH C 3 .   ? -1.527  11.829  -6.165  1.00 25.40 ? 1061 HOH A O     1 
HETATM 1519 O O     . HOH C 3 .   ? -7.958  -5.528  -7.631  1.00 19.60 ? 1062 HOH A O     1 
HETATM 1520 O O     . HOH C 3 .   ? -3.711  9.859   3.211   1.00 14.45 ? 1063 HOH A O     1 
HETATM 1521 O O     . HOH C 3 .   ? 8.384   -8.798  0.684   1.00 14.82 ? 1064 HOH A O     1 
HETATM 1522 O O     . HOH C 3 .   ? -5.802  -3.691  -11.728 1.00 14.52 ? 1065 HOH A O     1 
HETATM 1523 O O     . HOH C 3 .   ? 2.137   -15.308 9.171   1.00 18.27 ? 1066 HOH A O     1 
HETATM 1524 O O     . HOH C 3 .   ? 11.561  5.837   -4.697  1.00 28.16 ? 1067 HOH A O     1 
HETATM 1525 O O     . HOH C 3 .   ? -4.601  -7.703  15.836  1.00 12.64 ? 1068 HOH A O     1 
HETATM 1526 O O     . HOH C 3 .   ? 11.731  -9.610  -12.588 1.00 27.49 ? 1069 HOH A O     1 
HETATM 1527 O O     . HOH C 3 .   ? -4.825  11.548  10.593  1.00 40.71 ? 1070 HOH A O     1 
HETATM 1528 O O     . HOH C 3 .   ? 18.632  13.683  -0.307  1.00 29.51 ? 1071 HOH A O     1 
HETATM 1529 O O     . HOH C 3 .   ? 7.161   2.248   -14.023 1.00 17.70 ? 1072 HOH A O     1 
HETATM 1530 O O     . HOH C 3 .   ? 6.155   0.742   14.498  1.00 36.99 ? 1073 HOH A O     1 
HETATM 1531 O O     . HOH C 3 .   ? 1.410   -6.522  1.587   1.00 7.72  ? 1074 HOH A O     1 
HETATM 1532 O O     . HOH C 3 .   ? -2.429  -8.160  1.682   1.00 13.25 ? 1075 HOH A O     1 
HETATM 1533 O O     . HOH C 3 .   ? -1.539  -11.343 10.157  1.00 19.55 ? 1076 HOH A O     1 
HETATM 1534 O O     . HOH C 3 .   ? -11.766 9.019   1.130   1.00 31.48 ? 1077 HOH A O     1 
HETATM 1535 O O     . HOH C 3 .   ? -8.635  1.047   13.771  1.00 26.32 ? 1078 HOH A O     1 
HETATM 1536 O O     . HOH C 3 .   ? -14.202 -10.244 7.869   1.00 22.90 ? 1079 HOH A O     1 
HETATM 1537 O O     . HOH C 3 .   ? -13.801 7.991   9.431   1.00 21.84 ? 1080 HOH A O     1 
HETATM 1538 O O     . HOH C 3 .   ? -21.553 -1.264  5.153   1.00 17.35 ? 1081 HOH A O     1 
HETATM 1539 O O     . HOH C 3 .   ? -17.949 -10.422 -2.136  1.00 21.65 ? 1082 HOH A O     1 
HETATM 1540 O O     . HOH C 3 .   ? 4.216   -9.377  13.855  1.00 24.45 ? 1083 HOH A O     1 
HETATM 1541 O O     . HOH C 3 .   ? 3.957   -12.124 11.737  1.00 20.25 ? 1084 HOH A O     1 
HETATM 1542 O O     . HOH C 3 .   ? 7.391   -10.978 1.475   1.00 36.10 ? 1085 HOH A O     1 
HETATM 1543 O O     . HOH C 3 .   ? -19.169 -3.562  -4.990  1.00 35.77 ? 1086 HOH A O     1 
HETATM 1544 O O     . HOH C 3 .   ? -12.424 12.966  -5.851  1.00 19.63 ? 1087 HOH A O     1 
HETATM 1545 O O     . HOH C 3 .   ? -15.476 11.826  -5.178  1.00 31.31 ? 1088 HOH A O     1 
HETATM 1546 O O     . HOH C 3 .   ? -11.144 6.716   -12.565 1.00 22.38 ? 1089 HOH A O     1 
HETATM 1547 O O     . HOH C 3 .   ? 20.150  -2.150  -3.935  1.00 31.34 ? 1090 HOH A O     1 
HETATM 1548 O O     . HOH C 3 .   ? -17.901 12.119  0.461   1.00 27.39 ? 1091 HOH A O     1 
HETATM 1549 O O     . HOH C 3 .   ? 3.324   -8.147  0.321   1.00 13.34 ? 1092 HOH A O     1 
HETATM 1550 O O     . HOH C 3 .   ? -2.929  -16.300 2.290   1.00 29.18 ? 1093 HOH A O     1 
HETATM 1551 O O     . HOH C 3 .   ? 14.791  4.318   -8.460  1.00 39.88 ? 1094 HOH A O     1 
HETATM 1552 O O     . HOH C 3 .   ? -3.652  6.592   12.478  1.00 23.92 ? 1095 HOH A O     1 
HETATM 1553 O O     . HOH C 3 .   ? 16.271  0.735   8.157   1.00 13.70 ? 1096 HOH A O     1 
HETATM 1554 O O     . HOH C 3 .   ? 17.388  3.077   6.695   1.00 15.29 ? 1097 HOH A O     1 
HETATM 1555 O O     . HOH C 3 .   ? -12.496 -5.714  16.292  1.00 36.03 ? 1098 HOH A O     1 
HETATM 1556 O O     . HOH C 3 .   ? -15.673 10.518  -1.992  1.00 31.69 ? 1099 HOH A O     1 
HETATM 1557 O O     . HOH C 3 .   ? -18.596 7.238   -3.357  1.00 25.26 ? 1100 HOH A O     1 
HETATM 1558 O O     . HOH C 3 .   ? -7.196  -12.883 11.967  1.00 43.46 ? 1101 HOH A O     1 
# 
